data_6ZJ2
#
_entry.id   6ZJ2
#
_cell.length_a   69.356
_cell.length_b   111.514
_cell.length_c   146.262
_cell.angle_alpha   90.000
_cell.angle_beta   90.360
_cell.angle_gamma   90.000
#
_symmetry.space_group_name_H-M   'P 1 21 1'
#
loop_
_entity.id
_entity.type
_entity.pdbx_description
1 polymer 'Transcriptional regulatory protein RcsB'
2 polymer 'rprA promoter sequence'
3 polymer "DNA (5'-D(P*CP*CP*GP*AP*TP*CP*AP*GP*AP*TP*TP*CP*GP*TP*CP*TP*CP*AP*AP*TP*AP*GP*G)-3')"
4 non-polymer 'BERYLLIUM TRIFLUORIDE ION'
5 non-polymer 'MAGNESIUM ION'
#
loop_
_entity_poly.entity_id
_entity_poly.type
_entity_poly.pdbx_seq_one_letter_code
_entity_poly.pdbx_strand_id
1 'polypeptide(L)'
;MNNMNVIIADDHPIVLFGIRKSLEQIEWVNVVGEFEDSTALINNLPKLDAHVLITDLSMPGDKYGDGITLIKYIKRHFPS
LSIIVLTMNNNPAILSAVLDLDIEGIVLKQGAPTDLPKALAALQKGKKFTPESVSRLLEKISAGGYGDKRLSPKESEVLR
LFAEGFLVTEIAKKLNRSIKTISSQKKSAMMKLGVENDIALLNYLSSVTLSPTDKE
;
B,A,D,C,L,M,N,O
2 'polydeoxyribonucleotide'
;(DC)(DC)(DT)(DA)(DT)(DT)(DG)(DA)(DG)(DA)(DC)(DG)(DA)(DA)(DT)(DC)(DT)(DG)(DA)(DT)
(DC)(DG)(DG)
;
E,G
3 'polydeoxyribonucleotide'
;(DC)(DC)(DG)(DA)(DT)(DC)(DA)(DG)(DA)(DT)(DT)(DC)(DG)(DT)(DC)(DT)(DC)(DA)(DA)(DT)
(DA)(DG)(DG)
;
F,I
#
# COMPACT_ATOMS: atom_id res chain seq x y z
N ASN A 2 38.36 -54.00 -16.55
CA ASN A 2 39.17 -54.72 -15.52
C ASN A 2 38.53 -54.55 -14.14
N ASN A 3 39.06 -55.25 -13.12
CA ASN A 3 38.47 -55.39 -11.77
C ASN A 3 39.10 -54.41 -10.78
N MET A 4 38.41 -54.19 -9.64
CA MET A 4 38.81 -53.30 -8.54
C MET A 4 38.52 -53.99 -7.19
N ASN A 5 38.62 -53.25 -6.09
CA ASN A 5 38.22 -53.68 -4.72
C ASN A 5 37.51 -52.50 -4.03
N VAL A 6 36.29 -52.72 -3.54
CA VAL A 6 35.36 -51.66 -3.02
C VAL A 6 35.17 -51.84 -1.50
N ILE A 7 35.00 -50.72 -0.78
CA ILE A 7 34.56 -50.67 0.64
C ILE A 7 33.22 -49.90 0.70
N ILE A 8 32.34 -50.27 1.62
CA ILE A 8 31.06 -49.57 1.90
C ILE A 8 31.00 -49.28 3.40
N ALA A 9 30.67 -48.04 3.79
CA ALA A 9 30.59 -47.57 5.19
C ALA A 9 29.36 -46.69 5.37
N ASP A 10 28.28 -47.24 5.95
CA ASP A 10 27.00 -46.55 6.24
C ASP A 10 26.40 -47.13 7.51
N ASP A 11 25.87 -46.26 8.39
CA ASP A 11 25.35 -46.62 9.75
C ASP A 11 24.07 -47.46 9.62
N HIS A 12 23.32 -47.29 8.54
CA HIS A 12 22.06 -48.03 8.24
C HIS A 12 22.39 -49.28 7.43
N PRO A 13 22.28 -50.50 8.00
CA PRO A 13 22.63 -51.73 7.28
C PRO A 13 21.70 -52.07 6.10
N ILE A 14 20.51 -51.49 6.06
CA ILE A 14 19.54 -51.63 4.92
C ILE A 14 20.13 -50.94 3.68
N VAL A 15 20.75 -49.77 3.88
CA VAL A 15 21.52 -49.05 2.80
C VAL A 15 22.69 -49.96 2.38
N LEU A 16 23.43 -50.45 3.37
CA LEU A 16 24.62 -51.33 3.21
C LEU A 16 24.22 -52.60 2.47
N PHE A 17 23.06 -53.20 2.82
CA PHE A 17 22.45 -54.37 2.15
C PHE A 17 22.19 -54.01 0.68
N GLY A 18 21.65 -52.82 0.41
CA GLY A 18 21.34 -52.31 -0.93
C GLY A 18 22.60 -52.08 -1.75
N ILE A 19 23.52 -51.25 -1.25
CA ILE A 19 24.78 -50.86 -1.91
C ILE A 19 25.55 -52.11 -2.36
N ARG A 20 25.66 -53.11 -1.49
CA ARG A 20 26.32 -54.41 -1.75
C ARG A 20 25.63 -55.12 -2.92
N LYS A 21 24.28 -55.17 -2.89
CA LYS A 21 23.44 -55.86 -3.90
C LYS A 21 23.45 -55.08 -5.22
N SER A 22 23.70 -53.76 -5.15
CA SER A 22 23.78 -52.84 -6.31
C SER A 22 25.07 -53.11 -7.11
N LEU A 23 26.12 -53.60 -6.43
CA LEU A 23 27.46 -53.84 -7.03
C LEU A 23 27.63 -55.33 -7.41
N GLU A 24 26.68 -56.19 -7.04
CA GLU A 24 26.60 -57.59 -7.54
C GLU A 24 26.24 -57.57 -9.03
N GLN A 25 25.62 -56.47 -9.48
CA GLN A 25 25.21 -56.24 -10.90
C GLN A 25 26.47 -55.99 -11.75
N ILE A 26 27.51 -55.41 -11.16
CA ILE A 26 28.83 -55.12 -11.81
C ILE A 26 29.79 -56.29 -11.51
N GLU A 27 30.13 -57.08 -12.54
CA GLU A 27 30.90 -58.34 -12.44
C GLU A 27 32.34 -58.06 -12.01
N TRP A 28 32.94 -56.96 -12.51
CA TRP A 28 34.37 -56.62 -12.30
C TRP A 28 34.59 -55.94 -10.94
N VAL A 29 33.51 -55.56 -10.25
CA VAL A 29 33.57 -54.98 -8.87
C VAL A 29 33.54 -56.13 -7.85
N ASN A 30 34.29 -55.98 -6.74
CA ASN A 30 34.34 -56.96 -5.64
C ASN A 30 34.26 -56.22 -4.29
N VAL A 31 33.14 -56.40 -3.58
CA VAL A 31 32.86 -55.77 -2.25
C VAL A 31 33.73 -56.46 -1.20
N VAL A 32 34.69 -55.73 -0.61
CA VAL A 32 35.66 -56.23 0.40
C VAL A 32 35.60 -55.55 1.77
N GLY A 33 34.46 -54.93 2.12
CA GLY A 33 34.24 -54.31 3.44
C GLY A 33 32.83 -53.76 3.61
N GLU A 34 32.25 -53.93 4.80
CA GLU A 34 30.93 -53.37 5.20
C GLU A 34 31.02 -52.89 6.66
N PHE A 35 31.21 -51.58 6.87
CA PHE A 35 31.36 -50.95 8.20
C PHE A 35 30.20 -49.98 8.44
N GLU A 36 29.89 -49.71 9.70
CA GLU A 36 28.77 -48.84 10.16
C GLU A 36 29.31 -47.52 10.73
N ASP A 37 30.51 -47.54 11.33
CA ASP A 37 31.10 -46.40 12.08
C ASP A 37 32.48 -46.06 11.51
N SER A 38 33.00 -44.88 11.87
CA SER A 38 34.28 -44.31 11.38
C SER A 38 35.46 -44.79 12.24
N THR A 39 35.19 -45.53 13.33
CA THR A 39 36.21 -46.13 14.23
C THR A 39 36.66 -47.47 13.64
N ALA A 40 35.70 -48.30 13.22
CA ALA A 40 35.93 -49.64 12.59
C ALA A 40 36.60 -49.47 11.23
N LEU A 41 36.09 -48.54 10.41
CA LEU A 41 36.52 -48.26 9.01
C LEU A 41 38.03 -47.98 8.97
N ILE A 42 38.54 -47.17 9.91
CA ILE A 42 39.96 -46.71 9.97
C ILE A 42 40.87 -47.90 10.33
N ASN A 43 40.48 -48.69 11.35
CA ASN A 43 41.27 -49.84 11.87
C ASN A 43 41.53 -50.86 10.75
N ASN A 44 40.52 -51.14 9.92
CA ASN A 44 40.55 -52.20 8.88
C ASN A 44 40.95 -51.61 7.52
N LEU A 45 41.29 -50.32 7.46
CA LEU A 45 41.69 -49.62 6.21
C LEU A 45 43.03 -50.17 5.70
N PRO A 46 44.07 -50.30 6.55
CA PRO A 46 45.34 -50.90 6.11
C PRO A 46 45.27 -52.42 5.93
N LYS A 47 44.37 -53.08 6.69
CA LYS A 47 44.22 -54.56 6.75
C LYS A 47 43.57 -55.09 5.46
N LEU A 48 43.05 -54.21 4.60
CA LEU A 48 42.40 -54.56 3.31
C LEU A 48 43.09 -53.82 2.16
N ASP A 49 43.16 -54.46 0.98
CA ASP A 49 43.75 -53.88 -0.27
C ASP A 49 42.61 -53.42 -1.17
N ALA A 50 42.13 -52.18 -0.97
CA ALA A 50 40.98 -51.57 -1.66
C ALA A 50 41.45 -50.39 -2.53
N HIS A 51 40.79 -50.18 -3.67
CA HIS A 51 41.11 -49.12 -4.67
C HIS A 51 40.02 -48.03 -4.68
N VAL A 52 38.92 -48.22 -3.94
CA VAL A 52 37.76 -47.27 -3.93
C VAL A 52 36.92 -47.47 -2.66
N LEU A 53 36.30 -46.39 -2.17
CA LEU A 53 35.41 -46.37 -0.98
C LEU A 53 34.11 -45.62 -1.32
N ILE A 54 32.96 -46.17 -0.89
CA ILE A 54 31.61 -45.57 -1.03
C ILE A 54 31.03 -45.36 0.37
N THR A 55 31.28 -44.18 0.98
CA THR A 55 31.01 -43.89 2.42
C THR A 55 29.95 -42.79 2.56
N ASP A 56 29.21 -42.82 3.67
CA ASP A 56 28.16 -41.85 4.05
C ASP A 56 28.76 -40.83 5.03
N LEU A 57 28.46 -39.54 4.80
CA LEU A 57 28.89 -38.41 5.65
C LEU A 57 28.34 -38.59 7.07
N SER A 58 27.01 -38.62 7.21
CA SER A 58 26.28 -38.64 8.51
C SER A 58 26.28 -40.07 9.07
N MET A 59 27.25 -40.38 9.93
CA MET A 59 27.42 -41.67 10.63
C MET A 59 27.99 -41.42 12.02
N PRO A 60 27.92 -42.39 12.97
CA PRO A 60 28.47 -42.20 14.31
C PRO A 60 29.98 -42.43 14.38
N GLY A 61 30.70 -41.54 15.06
CA GLY A 61 32.17 -41.57 15.23
C GLY A 61 32.59 -40.94 16.54
N ASP A 62 33.27 -41.71 17.40
CA ASP A 62 33.74 -41.27 18.74
C ASP A 62 35.21 -40.87 18.66
N LYS A 63 36.07 -41.78 18.16
CA LYS A 63 37.53 -41.60 18.05
C LYS A 63 37.85 -40.60 16.93
N TYR A 64 37.24 -40.81 15.75
CA TYR A 64 37.39 -39.96 14.54
C TYR A 64 36.02 -39.35 14.21
N GLY A 65 36.02 -38.22 13.50
CA GLY A 65 34.85 -37.33 13.34
C GLY A 65 33.78 -37.88 12.41
N ASP A 66 32.81 -37.03 12.07
CA ASP A 66 31.67 -37.33 11.16
C ASP A 66 31.64 -36.28 10.04
N GLY A 67 31.70 -36.72 8.78
CA GLY A 67 31.50 -35.85 7.59
C GLY A 67 32.81 -35.35 7.03
N ILE A 68 32.96 -34.02 6.90
CA ILE A 68 34.09 -33.35 6.20
C ILE A 68 35.39 -33.64 6.96
N THR A 69 35.36 -33.55 8.30
CA THR A 69 36.51 -33.76 9.21
C THR A 69 37.10 -35.16 8.97
N LEU A 70 36.24 -36.16 8.72
CA LEU A 70 36.62 -37.58 8.51
C LEU A 70 37.23 -37.75 7.11
N ILE A 71 36.62 -37.16 6.08
CA ILE A 71 37.09 -37.23 4.66
C ILE A 71 38.47 -36.56 4.55
N LYS A 72 38.73 -35.54 5.38
CA LYS A 72 40.02 -34.81 5.48
C LYS A 72 41.08 -35.73 6.12
N TYR A 73 40.69 -36.53 7.12
CA TYR A 73 41.56 -37.52 7.81
C TYR A 73 41.92 -38.66 6.86
N ILE A 74 40.95 -39.16 6.09
CA ILE A 74 41.13 -40.31 5.15
C ILE A 74 42.01 -39.87 3.98
N LYS A 75 41.78 -38.67 3.44
CA LYS A 75 42.60 -38.04 2.38
C LYS A 75 44.04 -37.82 2.86
N ARG A 76 44.22 -37.66 4.18
CA ARG A 76 45.54 -37.46 4.85
C ARG A 76 46.24 -38.82 5.06
N HIS A 77 45.59 -39.75 5.77
CA HIS A 77 46.17 -41.02 6.27
C HIS A 77 46.09 -42.13 5.22
N PHE A 78 45.00 -42.18 4.45
CA PHE A 78 44.73 -43.19 3.40
C PHE A 78 44.62 -42.50 2.03
N PRO A 79 45.73 -42.01 1.47
CA PRO A 79 45.67 -41.12 0.30
C PRO A 79 45.48 -41.83 -1.06
N SER A 80 46.00 -43.05 -1.19
CA SER A 80 45.93 -43.89 -2.42
C SER A 80 44.46 -44.14 -2.81
N LEU A 81 43.62 -44.41 -1.80
CA LEU A 81 42.20 -44.83 -1.95
C LEU A 81 41.36 -43.66 -2.49
N SER A 82 40.74 -43.85 -3.66
CA SER A 82 39.71 -42.94 -4.24
C SER A 82 38.44 -43.01 -3.38
N ILE A 83 37.88 -41.85 -3.02
CA ILE A 83 36.65 -41.74 -2.18
C ILE A 83 35.50 -41.25 -3.07
N ILE A 84 34.36 -41.96 -3.02
CA ILE A 84 33.02 -41.46 -3.47
C ILE A 84 32.16 -41.30 -2.21
N VAL A 85 31.53 -40.14 -2.03
CA VAL A 85 30.62 -39.84 -0.89
C VAL A 85 29.17 -40.14 -1.33
N LEU A 86 28.47 -40.99 -0.57
CA LEU A 86 27.02 -41.31 -0.74
C LEU A 86 26.28 -40.93 0.54
N THR A 87 25.62 -39.77 0.55
CA THR A 87 25.01 -39.14 1.76
C THR A 87 23.57 -38.68 1.48
N MET A 88 22.74 -38.66 2.52
CA MET A 88 21.35 -38.14 2.53
C MET A 88 21.37 -36.60 2.67
N ASN A 89 22.56 -36.02 2.88
CA ASN A 89 22.76 -34.56 3.05
C ASN A 89 22.34 -33.83 1.78
N ASN A 90 21.56 -32.75 1.91
CA ASN A 90 21.06 -31.92 0.77
C ASN A 90 21.35 -30.45 1.09
N ASN A 91 22.56 -30.15 1.54
CA ASN A 91 23.03 -28.81 1.99
C ASN A 91 24.08 -28.30 1.01
N PRO A 92 23.77 -27.30 0.16
CA PRO A 92 24.74 -26.74 -0.76
C PRO A 92 26.10 -26.45 -0.10
N ALA A 93 26.09 -25.70 1.01
CA ALA A 93 27.30 -25.25 1.75
C ALA A 93 28.12 -26.47 2.16
N ILE A 94 27.50 -27.47 2.80
CA ILE A 94 28.16 -28.75 3.19
C ILE A 94 28.76 -29.38 1.92
N LEU A 95 27.89 -29.81 1.00
CA LEU A 95 28.26 -30.50 -0.27
C LEU A 95 29.43 -29.76 -0.94
N SER A 96 29.33 -28.42 -1.05
CA SER A 96 30.38 -27.53 -1.61
C SER A 96 31.72 -27.82 -0.93
N ALA A 97 31.80 -27.59 0.38
CA ALA A 97 33.01 -27.81 1.21
C ALA A 97 33.44 -29.29 1.12
N VAL A 98 32.48 -30.20 0.93
CA VAL A 98 32.74 -31.68 0.77
C VAL A 98 33.35 -31.92 -0.61
N LEU A 99 32.85 -31.24 -1.65
CA LEU A 99 33.29 -31.39 -3.07
C LEU A 99 34.77 -31.01 -3.20
N ASP A 100 35.17 -29.89 -2.57
CA ASP A 100 36.51 -29.26 -2.76
C ASP A 100 37.55 -29.94 -1.86
N LEU A 101 37.49 -31.27 -1.74
CA LEU A 101 38.47 -32.13 -1.02
C LEU A 101 39.00 -33.23 -1.95
N ASP A 102 38.82 -33.06 -3.27
CA ASP A 102 39.36 -33.96 -4.33
C ASP A 102 38.77 -35.37 -4.14
N ILE A 103 37.44 -35.49 -4.17
CA ILE A 103 36.70 -36.78 -3.95
C ILE A 103 36.16 -37.26 -5.30
N GLU A 104 36.47 -38.51 -5.67
CA GLU A 104 36.29 -39.12 -7.01
C GLU A 104 34.93 -38.77 -7.61
N GLY A 105 33.87 -38.72 -6.78
CA GLY A 105 32.52 -38.31 -7.18
C GLY A 105 31.55 -38.30 -6.01
N ILE A 106 30.55 -37.42 -6.05
CA ILE A 106 29.47 -37.32 -5.01
C ILE A 106 28.18 -37.91 -5.59
N VAL A 107 27.63 -38.92 -4.90
CA VAL A 107 26.25 -39.48 -5.12
C VAL A 107 25.40 -39.08 -3.91
N LEU A 108 24.08 -38.93 -4.10
CA LEU A 108 23.10 -38.63 -3.03
C LEU A 108 22.16 -39.82 -2.85
N LYS A 109 21.59 -39.97 -1.64
CA LYS A 109 20.57 -41.01 -1.33
C LYS A 109 19.24 -40.63 -1.99
N GLN A 110 18.96 -39.33 -2.12
CA GLN A 110 17.74 -38.80 -2.78
C GLN A 110 17.88 -38.91 -4.30
N GLY A 111 19.11 -39.03 -4.81
CA GLY A 111 19.42 -39.24 -6.24
C GLY A 111 18.92 -40.60 -6.71
N ALA A 112 18.55 -40.71 -7.99
CA ALA A 112 18.02 -41.92 -8.67
C ALA A 112 18.96 -43.11 -8.44
N PRO A 113 18.46 -44.37 -8.52
CA PRO A 113 19.25 -45.53 -8.10
C PRO A 113 20.46 -45.82 -9.01
N THR A 114 20.38 -45.41 -10.28
CA THR A 114 21.41 -45.63 -11.33
C THR A 114 22.60 -44.67 -11.14
N ASP A 115 22.52 -43.75 -10.17
CA ASP A 115 23.56 -42.71 -9.89
C ASP A 115 24.86 -43.36 -9.43
N LEU A 116 24.80 -44.37 -8.55
CA LEU A 116 26.00 -45.08 -8.02
C LEU A 116 26.67 -45.87 -9.15
N PRO A 117 25.92 -46.65 -9.97
CA PRO A 117 26.48 -47.27 -11.17
C PRO A 117 27.19 -46.27 -12.11
N LYS A 118 26.56 -45.13 -12.39
CA LYS A 118 27.08 -44.08 -13.32
C LYS A 118 28.25 -43.34 -12.66
N ALA A 119 28.28 -43.26 -11.33
CA ALA A 119 29.38 -42.69 -10.54
C ALA A 119 30.61 -43.61 -10.58
N LEU A 120 30.37 -44.94 -10.58
CA LEU A 120 31.43 -45.97 -10.73
C LEU A 120 31.84 -46.08 -12.21
N ALA A 121 30.89 -45.89 -13.14
CA ALA A 121 31.11 -45.90 -14.60
C ALA A 121 32.10 -44.79 -14.98
N ALA A 122 32.15 -43.71 -14.20
CA ALA A 122 33.11 -42.60 -14.34
C ALA A 122 34.48 -43.04 -13.81
N LEU A 123 34.51 -43.79 -12.70
CA LEU A 123 35.74 -44.37 -12.09
C LEU A 123 36.14 -45.65 -12.83
N GLN A 124 35.34 -46.08 -13.81
CA GLN A 124 35.66 -47.13 -14.81
C GLN A 124 36.37 -46.48 -16.00
N LYS A 125 35.88 -45.31 -16.42
CA LYS A 125 36.42 -44.50 -17.55
C LYS A 125 37.13 -43.25 -17.00
N GLY A 126 37.54 -43.27 -15.73
CA GLY A 126 38.43 -42.29 -15.09
C GLY A 126 37.92 -40.86 -15.17
N LYS A 127 36.83 -40.54 -14.46
CA LYS A 127 36.23 -39.18 -14.45
C LYS A 127 35.08 -39.22 -13.43
N LYS A 128 34.47 -38.06 -13.13
CA LYS A 128 33.36 -37.91 -12.17
C LYS A 128 31.93 -37.84 -12.72
N PHE A 129 30.94 -38.25 -11.91
CA PHE A 129 29.48 -38.09 -12.16
C PHE A 129 28.92 -37.14 -11.11
N THR A 130 28.58 -35.92 -11.51
CA THR A 130 27.83 -34.91 -10.71
C THR A 130 26.38 -34.95 -11.16
N PRO A 131 25.50 -35.70 -10.46
CA PRO A 131 24.13 -35.91 -10.91
C PRO A 131 23.29 -34.62 -11.01
N GLU A 132 22.15 -34.72 -11.70
CA GLU A 132 21.09 -33.68 -11.76
C GLU A 132 20.84 -33.15 -10.35
N SER A 133 20.55 -34.05 -9.40
CA SER A 133 20.15 -33.76 -8.00
C SER A 133 21.23 -32.91 -7.31
N VAL A 134 22.51 -33.24 -7.52
CA VAL A 134 23.68 -32.52 -6.93
C VAL A 134 23.78 -31.12 -7.57
N SER A 135 23.89 -31.07 -8.90
CA SER A 135 23.96 -29.83 -9.71
C SER A 135 22.90 -28.82 -9.24
N ARG A 136 21.68 -29.31 -8.98
CA ARG A 136 20.50 -28.51 -8.56
C ARG A 136 20.83 -27.69 -7.31
N LEU A 137 21.64 -28.23 -6.39
CA LEU A 137 22.03 -27.59 -5.11
C LEU A 137 23.27 -26.71 -5.31
N LEU A 138 24.10 -27.04 -6.30
CA LEU A 138 25.29 -26.26 -6.70
C LEU A 138 24.87 -24.86 -7.18
N GLU A 139 23.64 -24.73 -7.70
CA GLU A 139 23.04 -23.45 -8.16
C GLU A 139 22.99 -22.44 -7.02
N LYS A 140 22.57 -22.88 -5.83
CA LYS A 140 22.26 -22.03 -4.65
C LYS A 140 23.45 -21.12 -4.31
N ILE A 141 24.59 -21.72 -3.93
CA ILE A 141 25.82 -21.02 -3.48
C ILE A 141 26.38 -20.15 -4.61
N SER A 142 26.36 -20.66 -5.84
CA SER A 142 26.98 -20.03 -7.04
C SER A 142 26.21 -18.75 -7.41
N ALA A 143 26.90 -17.60 -7.38
CA ALA A 143 26.42 -16.28 -7.84
C ALA A 143 27.53 -15.61 -8.66
N GLY A 144 27.49 -14.28 -8.80
CA GLY A 144 28.50 -13.49 -9.53
C GLY A 144 29.40 -12.73 -8.59
N GLY A 145 30.64 -13.20 -8.40
CA GLY A 145 31.68 -12.57 -7.56
C GLY A 145 31.25 -12.46 -6.11
N TYR A 146 31.03 -11.23 -5.63
CA TYR A 146 30.59 -10.87 -4.25
C TYR A 146 31.66 -11.30 -3.24
N GLY A 147 32.92 -10.93 -3.49
CA GLY A 147 34.08 -11.24 -2.63
C GLY A 147 34.60 -12.65 -2.85
N ASP A 148 34.23 -13.28 -3.97
CA ASP A 148 34.55 -14.68 -4.33
C ASP A 148 34.05 -15.63 -3.23
N LYS A 149 32.88 -15.33 -2.66
CA LYS A 149 32.22 -16.11 -1.58
C LYS A 149 33.15 -16.25 -0.36
N ARG A 150 33.90 -15.18 -0.05
CA ARG A 150 34.84 -15.10 1.09
C ARG A 150 34.21 -14.25 2.20
N LEU A 151 33.99 -14.84 3.38
CA LEU A 151 33.36 -14.17 4.55
C LEU A 151 34.28 -13.05 5.06
N SER A 152 33.68 -11.96 5.53
CA SER A 152 34.39 -10.77 6.07
C SER A 152 34.78 -11.03 7.52
N PRO A 153 35.81 -10.32 8.05
CA PRO A 153 36.19 -10.44 9.47
C PRO A 153 35.02 -10.42 10.47
N LYS A 154 34.05 -9.52 10.27
CA LYS A 154 32.89 -9.36 11.18
C LYS A 154 31.88 -10.50 10.93
N GLU A 155 31.50 -10.72 9.67
CA GLU A 155 30.56 -11.81 9.26
C GLU A 155 30.96 -13.11 9.97
N SER A 156 32.23 -13.51 9.85
CA SER A 156 32.83 -14.71 10.49
C SER A 156 32.57 -14.69 12.00
N GLU A 157 32.71 -13.50 12.62
CA GLU A 157 32.54 -13.28 14.08
C GLU A 157 31.07 -13.52 14.47
N VAL A 158 30.14 -13.13 13.59
CA VAL A 158 28.66 -13.21 13.83
C VAL A 158 28.24 -14.68 13.80
N LEU A 159 28.61 -15.43 12.76
CA LEU A 159 28.25 -16.86 12.57
C LEU A 159 28.80 -17.68 13.74
N ARG A 160 30.03 -17.36 14.21
CA ARG A 160 30.69 -18.00 15.36
C ARG A 160 29.78 -17.92 16.59
N LEU A 161 29.48 -16.71 17.06
CA LEU A 161 28.65 -16.45 18.28
C LEU A 161 27.29 -17.14 18.11
N PHE A 162 26.63 -16.91 16.96
CA PHE A 162 25.32 -17.52 16.60
C PHE A 162 25.40 -19.03 16.77
N ALA A 163 26.56 -19.63 16.46
CA ALA A 163 26.84 -21.08 16.59
C ALA A 163 27.12 -21.44 18.05
N GLU A 164 27.75 -20.55 18.81
CA GLU A 164 28.02 -20.71 20.27
C GLU A 164 26.71 -20.99 21.02
N GLY A 165 25.61 -20.35 20.58
CA GLY A 165 24.27 -20.48 21.19
C GLY A 165 23.64 -19.13 21.49
N PHE A 166 24.41 -18.03 21.38
CA PHE A 166 23.97 -16.64 21.64
C PHE A 166 22.87 -16.25 20.65
N LEU A 167 21.97 -15.36 21.06
CA LEU A 167 20.91 -14.75 20.22
C LEU A 167 21.55 -13.64 19.38
N VAL A 168 20.80 -13.04 18.44
CA VAL A 168 21.24 -11.90 17.59
C VAL A 168 21.20 -10.55 18.29
N THR A 169 20.10 -10.24 19.00
CA THR A 169 19.93 -9.00 19.82
C THR A 169 21.02 -8.92 20.89
N GLU A 170 21.35 -10.04 21.53
CA GLU A 170 22.45 -10.15 22.53
C GLU A 170 23.77 -9.70 21.87
N ILE A 171 24.05 -10.26 20.68
CA ILE A 171 25.29 -9.99 19.90
C ILE A 171 25.33 -8.51 19.51
N ALA A 172 24.17 -7.89 19.23
CA ALA A 172 24.04 -6.45 18.90
C ALA A 172 24.58 -5.61 20.06
N LYS A 173 24.08 -5.86 21.28
CA LYS A 173 24.56 -5.22 22.53
C LYS A 173 26.04 -5.58 22.76
N LYS A 174 26.43 -6.81 22.43
CA LYS A 174 27.74 -7.44 22.78
C LYS A 174 28.88 -6.90 21.89
N LEU A 175 28.59 -6.53 20.64
CA LEU A 175 29.65 -6.19 19.62
C LEU A 175 29.55 -4.73 19.18
N ASN A 176 29.24 -3.81 20.08
CA ASN A 176 29.42 -2.34 19.87
C ASN A 176 28.59 -1.85 18.67
N ARG A 177 27.33 -2.26 18.52
CA ARG A 177 26.51 -1.92 17.33
C ARG A 177 25.03 -2.21 17.55
N SER A 178 24.23 -2.13 16.47
CA SER A 178 22.76 -2.33 16.46
C SER A 178 22.42 -3.77 16.05
N ILE A 179 21.13 -4.13 16.16
CA ILE A 179 20.59 -5.44 15.72
C ILE A 179 20.66 -5.50 14.20
N LYS A 180 20.35 -4.37 13.54
CA LYS A 180 20.37 -4.24 12.06
C LYS A 180 21.72 -4.76 11.54
N THR A 181 22.82 -4.33 12.16
CA THR A 181 24.21 -4.65 11.73
C THR A 181 24.46 -6.16 11.88
N ILE A 182 23.95 -6.78 12.95
CA ILE A 182 24.19 -8.23 13.26
C ILE A 182 23.33 -9.06 12.32
N SER A 183 22.02 -8.77 12.25
CA SER A 183 21.06 -9.37 11.30
C SER A 183 21.62 -9.28 9.88
N SER A 184 21.89 -8.04 9.43
CA SER A 184 22.54 -7.74 8.12
C SER A 184 23.67 -8.74 7.89
N GLN A 185 24.67 -8.75 8.78
CA GLN A 185 25.95 -9.49 8.63
C GLN A 185 25.72 -11.01 8.76
N LYS A 186 24.71 -11.44 9.52
CA LYS A 186 24.30 -12.87 9.63
C LYS A 186 23.62 -13.29 8.32
N LYS A 187 22.51 -12.61 7.96
CA LYS A 187 21.76 -12.81 6.71
C LYS A 187 22.73 -12.78 5.52
N SER A 188 23.54 -11.73 5.43
CA SER A 188 24.56 -11.51 4.37
C SER A 188 25.42 -12.77 4.19
N ALA A 189 25.92 -13.32 5.30
CA ALA A 189 26.92 -14.42 5.33
C ALA A 189 26.28 -15.74 4.92
N MET A 190 24.95 -15.87 5.06
CA MET A 190 24.17 -17.09 4.68
C MET A 190 24.05 -17.17 3.15
N MET A 191 24.00 -16.01 2.48
CA MET A 191 23.93 -15.89 0.99
C MET A 191 25.24 -16.41 0.37
N LYS A 192 26.37 -16.10 1.00
CA LYS A 192 27.74 -16.47 0.51
C LYS A 192 27.94 -17.99 0.58
N LEU A 193 27.57 -18.62 1.70
CA LEU A 193 27.83 -20.06 1.98
C LEU A 193 26.90 -20.95 1.17
N GLY A 194 25.65 -20.51 0.96
CA GLY A 194 24.63 -21.22 0.16
C GLY A 194 23.41 -21.64 0.98
N VAL A 195 23.46 -21.48 2.30
CA VAL A 195 22.32 -21.74 3.23
C VAL A 195 21.27 -20.64 3.02
N GLU A 196 20.06 -20.83 3.57
CA GLU A 196 18.94 -19.85 3.48
C GLU A 196 18.28 -19.71 4.87
N ASN A 197 17.99 -20.83 5.53
CA ASN A 197 17.50 -20.87 6.93
C ASN A 197 18.69 -20.90 7.90
N ASP A 198 18.42 -20.89 9.21
CA ASP A 198 19.44 -20.88 10.30
C ASP A 198 19.90 -22.32 10.59
N ILE A 199 19.00 -23.30 10.48
CA ILE A 199 19.28 -24.75 10.74
C ILE A 199 20.41 -25.20 9.80
N ALA A 200 20.33 -24.84 8.52
CA ALA A 200 21.28 -25.20 7.45
C ALA A 200 22.66 -24.58 7.74
N LEU A 201 22.67 -23.38 8.32
CA LEU A 201 23.89 -22.63 8.73
C LEU A 201 24.61 -23.42 9.82
N LEU A 202 23.91 -23.75 10.91
CA LEU A 202 24.47 -24.41 12.13
C LEU A 202 25.17 -25.72 11.76
N ASN A 203 24.56 -26.54 10.89
CA ASN A 203 25.07 -27.88 10.50
C ASN A 203 26.38 -27.72 9.73
N TYR A 204 26.49 -26.72 8.84
CA TYR A 204 27.72 -26.41 8.09
C TYR A 204 28.85 -26.11 9.07
N LEU A 205 28.51 -25.40 10.16
CA LEU A 205 29.44 -24.99 11.25
C LEU A 205 29.59 -26.11 12.29
N SER A 206 29.14 -27.32 11.95
CA SER A 206 29.40 -28.60 12.68
C SER A 206 30.44 -29.42 11.91
N SER A 207 30.34 -29.44 10.57
CA SER A 207 31.23 -30.19 9.64
C SER A 207 32.66 -29.64 9.72
N VAL A 208 32.80 -28.31 9.82
CA VAL A 208 34.09 -27.56 9.79
C VAL A 208 34.93 -27.84 11.05
N THR A 209 34.35 -28.48 12.07
CA THR A 209 35.01 -28.88 13.33
C THR A 209 36.28 -29.69 13.01
N ASN B 2 -0.15 -66.92 5.54
CA ASN B 2 -1.12 -66.27 4.60
C ASN B 2 -0.40 -65.23 3.74
N ASN B 3 -1.11 -64.69 2.74
CA ASN B 3 -0.58 -63.71 1.74
C ASN B 3 -0.93 -62.29 2.18
N MET B 4 0.07 -61.41 2.22
CA MET B 4 -0.07 -59.95 2.44
C MET B 4 0.37 -59.20 1.17
N ASN B 5 -0.10 -57.98 0.99
CA ASN B 5 0.29 -57.06 -0.13
C ASN B 5 0.87 -55.79 0.50
N VAL B 6 2.12 -55.46 0.15
CA VAL B 6 2.97 -54.45 0.86
C VAL B 6 3.26 -53.27 -0.09
N ILE B 7 3.18 -52.05 0.44
CA ILE B 7 3.59 -50.78 -0.22
C ILE B 7 4.83 -50.24 0.52
N ILE B 8 5.83 -49.76 -0.23
CA ILE B 8 7.11 -49.21 0.33
C ILE B 8 7.21 -47.73 -0.04
N ALA B 9 7.27 -46.86 0.97
CA ALA B 9 7.22 -45.38 0.81
C ALA B 9 8.49 -44.76 1.43
N ASP B 10 9.55 -44.62 0.63
CA ASP B 10 10.87 -44.07 1.04
C ASP B 10 11.31 -43.01 0.03
N ASP B 11 11.96 -41.95 0.50
CA ASP B 11 12.40 -40.78 -0.30
C ASP B 11 13.70 -41.11 -1.06
N HIS B 12 14.40 -42.19 -0.66
CA HIS B 12 15.70 -42.61 -1.25
C HIS B 12 15.51 -43.92 -2.01
N PRO B 13 15.68 -43.94 -3.36
CA PRO B 13 15.41 -45.14 -4.16
C PRO B 13 16.39 -46.30 -3.91
N ILE B 14 17.59 -46.02 -3.39
CA ILE B 14 18.60 -47.04 -3.02
C ILE B 14 18.06 -47.90 -1.86
N VAL B 15 17.63 -47.25 -0.78
CA VAL B 15 16.97 -47.89 0.40
C VAL B 15 15.72 -48.63 -0.08
N LEU B 16 14.99 -48.03 -1.04
CA LEU B 16 13.70 -48.53 -1.57
C LEU B 16 13.92 -49.82 -2.37
N PHE B 17 14.96 -49.86 -3.22
CA PHE B 17 15.44 -51.08 -3.90
C PHE B 17 15.95 -52.08 -2.85
N GLY B 18 16.71 -51.58 -1.87
CA GLY B 18 17.30 -52.35 -0.76
C GLY B 18 16.27 -53.24 -0.06
N ILE B 19 15.07 -52.71 0.16
CA ILE B 19 13.96 -53.41 0.89
C ILE B 19 13.37 -54.50 -0.02
N ARG B 20 12.83 -54.12 -1.19
CA ARG B 20 12.21 -55.00 -2.20
C ARG B 20 13.16 -56.17 -2.51
N LYS B 21 14.47 -55.91 -2.57
CA LYS B 21 15.53 -56.93 -2.76
C LYS B 21 15.47 -57.96 -1.62
N SER B 22 15.29 -57.50 -0.38
CA SER B 22 15.28 -58.32 0.85
C SER B 22 13.92 -59.00 1.05
N LEU B 23 12.85 -58.47 0.41
CA LEU B 23 11.47 -59.01 0.51
C LEU B 23 11.18 -59.94 -0.70
N GLU B 24 12.15 -60.15 -1.58
CA GLU B 24 12.12 -61.22 -2.62
C GLU B 24 12.31 -62.58 -1.93
N GLN B 25 13.08 -62.60 -0.83
CA GLN B 25 13.49 -63.82 -0.10
C GLN B 25 12.26 -64.52 0.49
N ILE B 26 11.29 -63.75 1.00
CA ILE B 26 10.04 -64.27 1.61
C ILE B 26 9.02 -64.49 0.47
N GLU B 27 8.65 -65.75 0.22
CA GLU B 27 7.77 -66.20 -0.89
C GLU B 27 6.39 -65.53 -0.79
N TRP B 28 5.75 -65.65 0.39
CA TRP B 28 4.34 -65.23 0.62
C TRP B 28 4.19 -63.70 0.59
N VAL B 29 5.31 -62.96 0.67
CA VAL B 29 5.32 -61.47 0.58
C VAL B 29 5.29 -61.05 -0.88
N ASN B 30 4.51 -60.01 -1.21
CA ASN B 30 4.37 -59.43 -2.57
C ASN B 30 4.40 -57.90 -2.46
N VAL B 31 5.42 -57.26 -3.04
CA VAL B 31 5.59 -55.78 -3.09
C VAL B 31 4.83 -55.24 -4.30
N VAL B 32 3.69 -54.58 -4.07
CA VAL B 32 2.72 -54.17 -5.14
C VAL B 32 2.93 -52.70 -5.54
N GLY B 33 4.01 -52.07 -5.06
CA GLY B 33 4.32 -50.65 -5.38
C GLY B 33 5.54 -50.13 -4.64
N GLU B 34 6.14 -49.06 -5.15
CA GLU B 34 7.28 -48.32 -4.55
C GLU B 34 7.11 -46.83 -4.84
N PHE B 35 6.92 -46.01 -3.80
CA PHE B 35 6.61 -44.56 -3.89
C PHE B 35 7.69 -43.76 -3.15
N GLU B 36 7.90 -42.50 -3.55
CA GLU B 36 9.03 -41.64 -3.10
C GLU B 36 8.52 -40.29 -2.58
N ASP B 37 7.26 -40.23 -2.14
CA ASP B 37 6.61 -39.02 -1.55
C ASP B 37 5.19 -39.37 -1.14
N SER B 38 4.61 -38.60 -0.22
CA SER B 38 3.26 -38.83 0.36
C SER B 38 2.18 -38.73 -0.74
N THR B 39 2.28 -37.73 -1.62
CA THR B 39 1.27 -37.45 -2.70
C THR B 39 1.16 -38.66 -3.62
N ALA B 40 2.29 -39.31 -3.94
CA ALA B 40 2.36 -40.55 -4.76
C ALA B 40 1.77 -41.72 -3.97
N LEU B 41 2.11 -41.83 -2.68
CA LEU B 41 1.61 -42.89 -1.76
C LEU B 41 0.08 -42.80 -1.67
N ILE B 42 -0.47 -41.60 -1.45
CA ILE B 42 -1.93 -41.38 -1.20
C ILE B 42 -2.71 -41.50 -2.51
N ASN B 43 -2.15 -41.06 -3.64
CA ASN B 43 -2.85 -41.02 -4.96
C ASN B 43 -3.13 -42.44 -5.46
N ASN B 44 -2.20 -43.38 -5.27
CA ASN B 44 -2.30 -44.77 -5.80
C ASN B 44 -2.53 -45.78 -4.67
N LEU B 45 -2.74 -45.31 -3.43
CA LEU B 45 -3.09 -46.19 -2.28
C LEU B 45 -4.39 -46.93 -2.59
N PRO B 46 -5.48 -46.23 -3.01
CA PRO B 46 -6.76 -46.89 -3.25
C PRO B 46 -6.68 -47.92 -4.38
N LYS B 47 -6.10 -47.52 -5.52
CA LYS B 47 -5.99 -48.30 -6.77
C LYS B 47 -5.28 -49.64 -6.50
N LEU B 48 -4.50 -49.74 -5.42
CA LEU B 48 -3.80 -50.98 -4.98
C LEU B 48 -4.50 -51.59 -3.76
N ASP B 49 -4.90 -52.86 -3.85
CA ASP B 49 -5.33 -53.70 -2.70
C ASP B 49 -4.07 -54.08 -1.91
N ALA B 50 -3.83 -53.40 -0.77
CA ALA B 50 -2.64 -53.58 0.09
C ALA B 50 -3.09 -53.72 1.56
N HIS B 51 -2.67 -54.81 2.21
CA HIS B 51 -2.97 -55.10 3.64
C HIS B 51 -2.07 -54.23 4.54
N VAL B 52 -0.81 -54.02 4.14
CA VAL B 52 0.24 -53.38 4.99
C VAL B 52 1.07 -52.41 4.15
N LEU B 53 1.61 -51.36 4.78
CA LEU B 53 2.47 -50.31 4.18
C LEU B 53 3.77 -50.19 5.00
N ILE B 54 4.91 -50.02 4.31
CA ILE B 54 6.23 -49.67 4.93
C ILE B 54 6.55 -48.22 4.55
N THR B 55 6.64 -47.32 5.55
CA THR B 55 6.84 -45.86 5.37
C THR B 55 8.04 -45.39 6.19
N ASP B 56 8.48 -44.16 5.93
CA ASP B 56 9.58 -43.45 6.65
C ASP B 56 9.01 -42.16 7.24
N LEU B 57 9.73 -41.53 8.17
CA LEU B 57 9.37 -40.23 8.79
C LEU B 57 9.72 -39.08 7.83
N SER B 58 11.01 -38.86 7.58
CA SER B 58 11.56 -37.71 6.81
C SER B 58 11.35 -37.95 5.30
N MET B 59 10.25 -37.43 4.76
CA MET B 59 9.78 -37.65 3.36
C MET B 59 9.13 -36.36 2.85
N PRO B 60 9.15 -36.06 1.54
CA PRO B 60 8.52 -34.85 1.02
C PRO B 60 7.01 -35.05 0.81
N GLY B 61 6.23 -33.99 1.02
CA GLY B 61 4.75 -34.02 0.91
C GLY B 61 4.16 -32.62 0.84
N ASP B 62 3.85 -32.15 -0.38
CA ASP B 62 3.24 -30.82 -0.64
C ASP B 62 1.83 -30.77 -0.02
N LYS B 63 1.13 -31.91 -0.02
CA LYS B 63 -0.30 -32.03 0.33
C LYS B 63 -0.45 -32.68 1.72
N TYR B 64 -0.10 -33.96 1.82
CA TYR B 64 -0.52 -34.88 2.92
C TYR B 64 0.46 -34.84 4.09
N GLY B 65 1.58 -34.11 3.96
CA GLY B 65 2.60 -33.96 5.01
C GLY B 65 3.33 -35.26 5.29
N ASP B 66 4.23 -35.25 6.29
CA ASP B 66 5.16 -36.37 6.61
C ASP B 66 5.19 -36.60 8.12
N GLY B 67 5.53 -37.83 8.54
CA GLY B 67 5.60 -38.25 9.95
C GLY B 67 4.22 -38.43 10.56
N ILE B 68 4.06 -38.06 11.84
CA ILE B 68 2.82 -38.25 12.63
C ILE B 68 1.61 -37.64 11.90
N THR B 69 1.80 -36.47 11.28
CA THR B 69 0.78 -35.74 10.46
C THR B 69 0.17 -36.69 9.43
N LEU B 70 1.01 -37.55 8.83
CA LEU B 70 0.63 -38.47 7.73
C LEU B 70 0.12 -39.79 8.31
N ILE B 71 0.81 -40.34 9.32
CA ILE B 71 0.47 -41.66 9.96
C ILE B 71 -0.98 -41.62 10.42
N LYS B 72 -1.41 -40.51 11.02
CA LYS B 72 -2.83 -40.27 11.43
C LYS B 72 -3.72 -40.18 10.19
N TYR B 73 -3.24 -39.54 9.12
CA TYR B 73 -4.01 -39.32 7.86
C TYR B 73 -4.19 -40.66 7.12
N ILE B 74 -3.14 -41.48 7.06
CA ILE B 74 -3.20 -42.86 6.47
C ILE B 74 -4.24 -43.65 7.27
N LYS B 75 -4.11 -43.66 8.60
CA LYS B 75 -5.00 -44.35 9.56
C LYS B 75 -6.46 -43.90 9.37
N ARG B 76 -6.68 -42.61 9.06
CA ARG B 76 -8.01 -41.95 9.00
C ARG B 76 -8.74 -42.32 7.71
N HIS B 77 -8.06 -42.18 6.55
CA HIS B 77 -8.62 -42.37 5.19
C HIS B 77 -8.24 -43.75 4.62
N PHE B 78 -7.54 -44.58 5.40
CA PHE B 78 -7.15 -45.97 5.05
C PHE B 78 -6.95 -46.78 6.34
N PRO B 79 -8.04 -47.02 7.12
CA PRO B 79 -7.93 -47.78 8.37
C PRO B 79 -7.68 -49.27 8.12
N SER B 80 -8.11 -49.76 6.95
CA SER B 80 -7.96 -51.17 6.49
C SER B 80 -6.48 -51.57 6.48
N LEU B 81 -5.60 -50.60 6.20
CA LEU B 81 -4.15 -50.80 5.91
C LEU B 81 -3.35 -50.76 7.22
N SER B 82 -2.63 -51.85 7.53
CA SER B 82 -1.60 -51.91 8.61
C SER B 82 -0.39 -51.07 8.17
N ILE B 83 0.27 -50.40 9.13
CA ILE B 83 1.35 -49.40 8.88
C ILE B 83 2.60 -49.79 9.68
N ILE B 84 3.72 -50.04 9.00
CA ILE B 84 5.06 -50.25 9.62
C ILE B 84 5.93 -49.01 9.34
N VAL B 85 6.23 -48.23 10.39
CA VAL B 85 7.13 -47.04 10.30
C VAL B 85 8.58 -47.56 10.27
N LEU B 86 9.45 -46.86 9.54
CA LEU B 86 10.89 -47.23 9.33
C LEU B 86 11.71 -45.94 9.17
N THR B 87 12.34 -45.49 10.27
CA THR B 87 12.93 -44.12 10.39
C THR B 87 14.44 -44.19 10.66
N MET B 88 15.18 -43.23 10.08
CA MET B 88 16.61 -42.96 10.34
C MET B 88 16.76 -42.20 11.66
N ASN B 89 15.66 -41.60 12.14
CA ASN B 89 15.62 -40.78 13.38
C ASN B 89 15.82 -41.70 14.60
N ASN B 90 16.56 -41.20 15.59
CA ASN B 90 16.99 -41.96 16.80
C ASN B 90 16.70 -41.12 18.06
N ASN B 91 15.92 -40.05 17.93
CA ASN B 91 15.59 -39.10 19.04
C ASN B 91 14.46 -39.69 19.87
N PRO B 92 14.64 -39.90 21.19
CA PRO B 92 13.61 -40.53 22.03
C PRO B 92 12.31 -39.73 22.09
N ALA B 93 12.42 -38.39 22.07
CA ALA B 93 11.29 -37.44 22.19
C ALA B 93 10.36 -37.58 20.99
N ILE B 94 10.92 -37.69 19.78
CA ILE B 94 10.15 -37.87 18.50
C ILE B 94 9.49 -39.25 18.55
N LEU B 95 10.29 -40.30 18.77
CA LEU B 95 9.89 -41.73 18.79
C LEU B 95 8.79 -41.96 19.86
N SER B 96 8.89 -41.27 21.00
CA SER B 96 7.95 -41.38 22.15
C SER B 96 6.51 -41.18 21.69
N ALA B 97 6.26 -40.19 20.81
CA ALA B 97 4.92 -39.78 20.34
C ALA B 97 4.45 -40.71 19.21
N VAL B 98 5.39 -41.25 18.41
CA VAL B 98 5.10 -42.15 17.25
C VAL B 98 4.55 -43.49 17.77
N LEU B 99 4.96 -43.91 18.97
CA LEU B 99 4.64 -45.23 19.56
C LEU B 99 3.18 -45.26 20.07
N ASP B 100 2.62 -44.10 20.42
CA ASP B 100 1.22 -43.96 20.92
C ASP B 100 0.22 -44.23 19.78
N LEU B 101 0.63 -44.02 18.53
CA LEU B 101 -0.27 -44.03 17.32
C LEU B 101 -0.94 -45.40 17.16
N ASP B 102 -0.45 -46.44 17.85
CA ASP B 102 -1.00 -47.82 17.84
C ASP B 102 -0.85 -48.38 16.42
N ILE B 103 0.33 -48.18 15.83
CA ILE B 103 0.74 -48.68 14.49
C ILE B 103 1.12 -50.17 14.61
N GLU B 104 1.33 -50.85 13.48
CA GLU B 104 1.64 -52.30 13.41
C GLU B 104 3.04 -52.59 13.98
N GLY B 105 3.96 -51.62 13.88
CA GLY B 105 5.32 -51.72 14.46
C GLY B 105 6.25 -50.63 13.95
N ILE B 106 7.42 -50.50 14.58
CA ILE B 106 8.55 -49.63 14.12
C ILE B 106 9.79 -50.52 13.95
N VAL B 107 10.36 -50.53 12.75
CA VAL B 107 11.74 -51.03 12.45
C VAL B 107 12.63 -49.79 12.32
N LEU B 108 13.69 -49.68 13.14
CA LEU B 108 14.66 -48.56 13.04
C LEU B 108 15.62 -48.82 11.87
N LYS B 109 15.96 -47.76 11.12
CA LYS B 109 16.92 -47.82 9.99
C LYS B 109 18.33 -48.15 10.51
N GLN B 110 18.64 -47.75 11.76
CA GLN B 110 19.96 -47.98 12.41
C GLN B 110 19.91 -49.25 13.28
N GLY B 111 18.89 -50.10 13.09
CA GLY B 111 18.84 -51.48 13.61
C GLY B 111 19.35 -52.46 12.58
N ALA B 112 19.81 -53.64 13.03
CA ALA B 112 20.33 -54.73 12.18
C ALA B 112 19.31 -55.06 11.09
N PRO B 113 19.74 -55.58 9.91
CA PRO B 113 18.85 -55.71 8.76
C PRO B 113 17.66 -56.66 8.94
N THR B 114 17.80 -57.69 9.80
CA THR B 114 16.81 -58.80 9.97
C THR B 114 15.72 -58.43 10.99
N ASP B 115 15.60 -57.15 11.39
CA ASP B 115 14.54 -56.66 12.30
C ASP B 115 13.25 -56.41 11.49
N LEU B 116 13.37 -56.13 10.19
CA LEU B 116 12.23 -55.95 9.27
C LEU B 116 11.52 -57.29 9.05
N PRO B 117 12.22 -58.36 8.63
CA PRO B 117 11.67 -59.73 8.70
C PRO B 117 11.08 -60.10 10.07
N LYS B 118 11.73 -59.69 11.17
CA LYS B 118 11.30 -59.95 12.56
C LYS B 118 9.95 -59.26 12.84
N ALA B 119 9.69 -58.14 12.16
CA ALA B 119 8.43 -57.35 12.28
C ALA B 119 7.29 -58.08 11.58
N LEU B 120 7.45 -58.38 10.29
CA LEU B 120 6.39 -58.99 9.42
C LEU B 120 6.01 -60.38 9.94
N ALA B 121 6.97 -61.12 10.52
CA ALA B 121 6.76 -62.44 11.14
C ALA B 121 5.69 -62.34 12.23
N ALA B 122 5.75 -61.29 13.05
CA ALA B 122 4.83 -61.03 14.19
C ALA B 122 3.45 -60.62 13.66
N LEU B 123 3.40 -59.67 12.72
CA LEU B 123 2.15 -59.03 12.23
C LEU B 123 1.28 -60.05 11.49
N GLN B 124 1.88 -61.11 10.94
CA GLN B 124 1.17 -62.18 10.17
C GLN B 124 0.19 -62.91 11.10
N LYS B 125 0.65 -63.40 12.25
CA LYS B 125 -0.14 -64.14 13.25
C LYS B 125 -0.63 -63.18 14.33
N PRO B 131 3.60 -57.76 18.03
CA PRO B 131 4.58 -56.74 17.60
C PRO B 131 6.01 -57.07 18.06
N GLU B 132 6.27 -57.01 19.36
CA GLU B 132 7.59 -57.24 19.99
C GLU B 132 8.54 -56.07 19.69
N SER B 133 8.57 -55.60 18.43
CA SER B 133 9.39 -54.46 17.96
C SER B 133 9.01 -53.18 18.70
N VAL B 134 7.71 -52.94 18.92
CA VAL B 134 7.15 -51.72 19.54
C VAL B 134 7.35 -51.74 21.06
N SER B 135 7.66 -52.91 21.63
CA SER B 135 7.92 -53.11 23.08
C SER B 135 9.36 -52.68 23.43
N ARG B 136 10.33 -53.15 22.64
CA ARG B 136 11.80 -52.97 22.88
C ARG B 136 12.13 -51.50 23.15
N LEU B 137 11.84 -50.62 22.18
CA LEU B 137 12.14 -49.16 22.23
C LEU B 137 11.50 -48.56 23.49
N LEU B 138 10.19 -48.77 23.68
CA LEU B 138 9.38 -48.28 24.82
C LEU B 138 10.07 -48.64 26.14
N GLU B 139 10.59 -49.86 26.25
CA GLU B 139 11.37 -50.36 27.41
C GLU B 139 12.73 -49.66 27.43
N LYS B 140 13.46 -49.70 26.31
CA LYS B 140 14.82 -49.11 26.14
C LYS B 140 14.76 -47.59 26.37
N ILE B 141 13.92 -46.88 25.61
CA ILE B 141 13.67 -45.42 25.73
C ILE B 141 13.52 -45.05 27.20
N SER B 142 12.60 -45.73 27.90
CA SER B 142 12.27 -45.51 29.34
C SER B 142 13.46 -45.94 30.21
N ALA B 143 14.09 -47.07 29.89
CA ALA B 143 15.20 -47.68 30.67
C ALA B 143 16.55 -47.04 30.28
N GLY B 144 16.54 -46.01 29.43
CA GLY B 144 17.74 -45.22 29.04
C GLY B 144 17.83 -43.94 29.87
N GLY B 145 16.80 -43.66 30.69
CA GLY B 145 16.65 -42.39 31.42
C GLY B 145 16.12 -41.29 30.52
N TYR B 146 15.14 -41.62 29.66
CA TYR B 146 14.45 -40.70 28.73
C TYR B 146 12.93 -40.89 28.85
N GLY B 147 12.46 -41.26 30.04
CA GLY B 147 11.02 -41.29 30.41
C GLY B 147 10.51 -39.92 30.80
N ASP B 148 11.43 -38.99 31.09
CA ASP B 148 11.17 -37.57 31.39
C ASP B 148 11.10 -36.76 30.08
N LYS B 149 11.08 -37.44 28.92
CA LYS B 149 10.99 -36.83 27.57
C LYS B 149 9.84 -37.50 26.80
N ARG B 150 8.61 -37.33 27.28
CA ARG B 150 7.37 -37.85 26.65
C ARG B 150 6.58 -36.67 26.05
N LEU B 151 6.94 -36.28 24.82
CA LEU B 151 6.23 -35.23 24.03
C LEU B 151 4.85 -35.78 23.60
N SER B 152 3.90 -34.87 23.37
CA SER B 152 2.60 -35.15 22.71
C SER B 152 2.82 -35.30 21.21
N PRO B 153 1.83 -35.77 20.42
CA PRO B 153 2.00 -35.94 18.98
C PRO B 153 2.40 -34.63 18.27
N LYS B 154 1.66 -33.55 18.53
CA LYS B 154 1.87 -32.21 17.93
C LYS B 154 3.31 -31.74 18.19
N GLU B 155 3.78 -31.87 19.44
CA GLU B 155 5.09 -31.34 19.93
C GLU B 155 6.23 -32.02 19.16
N SER B 156 6.23 -33.36 19.09
CA SER B 156 7.18 -34.17 18.29
C SER B 156 7.11 -33.73 16.82
N GLU B 157 5.89 -33.57 16.30
CA GLU B 157 5.59 -33.29 14.87
C GLU B 157 6.07 -31.89 14.49
N VAL B 158 6.49 -31.07 15.45
CA VAL B 158 7.23 -29.79 15.21
C VAL B 158 8.73 -30.04 15.45
N LEU B 159 9.09 -30.65 16.59
CA LEU B 159 10.50 -30.91 16.97
C LEU B 159 11.19 -31.77 15.90
N ARG B 160 10.42 -32.45 15.05
CA ARG B 160 10.93 -33.14 13.84
C ARG B 160 11.14 -32.10 12.73
N LEU B 161 10.09 -31.35 12.39
CA LEU B 161 10.04 -30.41 11.23
C LEU B 161 11.02 -29.25 11.46
N PHE B 162 11.25 -28.85 12.71
CA PHE B 162 12.12 -27.72 13.08
C PHE B 162 13.59 -28.10 12.89
N ALA B 163 13.92 -29.40 13.01
CA ALA B 163 15.25 -29.97 12.74
C ALA B 163 15.39 -30.29 11.24
N GLU B 164 14.29 -30.65 10.57
CA GLU B 164 14.21 -30.79 9.08
C GLU B 164 14.63 -29.46 8.44
N GLY B 165 14.41 -28.34 9.14
CA GLY B 165 14.85 -27.00 8.74
C GLY B 165 13.68 -26.07 8.47
N PHE B 166 12.45 -26.60 8.50
CA PHE B 166 11.20 -25.83 8.29
C PHE B 166 11.03 -24.80 9.42
N LEU B 167 10.73 -23.56 9.05
CA LEU B 167 10.47 -22.44 9.98
C LEU B 167 9.10 -22.63 10.65
N VAL B 168 8.80 -21.79 11.65
CA VAL B 168 7.55 -21.85 12.46
C VAL B 168 6.38 -21.40 11.56
N THR B 169 6.53 -20.24 10.91
CA THR B 169 5.58 -19.72 9.88
C THR B 169 5.28 -20.81 8.84
N GLU B 170 6.33 -21.52 8.38
CA GLU B 170 6.23 -22.59 7.35
C GLU B 170 5.49 -23.81 7.92
N ILE B 171 5.76 -24.15 9.19
CA ILE B 171 5.19 -25.35 9.89
C ILE B 171 3.69 -25.14 10.12
N ALA B 172 3.28 -23.90 10.46
CA ALA B 172 1.87 -23.50 10.68
C ALA B 172 1.09 -23.66 9.37
N LYS B 173 1.71 -23.30 8.24
CA LYS B 173 1.07 -23.29 6.89
C LYS B 173 0.89 -24.74 6.40
N LYS B 174 1.84 -25.62 6.74
CA LYS B 174 1.89 -27.04 6.30
C LYS B 174 0.90 -27.89 7.11
N LEU B 175 0.77 -27.62 8.41
CA LEU B 175 -0.04 -28.42 9.36
C LEU B 175 -1.38 -27.72 9.67
N ASN B 176 -1.68 -26.63 8.96
CA ASN B 176 -3.00 -25.93 9.00
C ASN B 176 -3.37 -25.63 10.46
N ARG B 177 -2.48 -24.89 11.14
CA ARG B 177 -2.73 -24.18 12.42
C ARG B 177 -2.28 -22.73 12.26
N SER B 178 -2.09 -22.00 13.36
CA SER B 178 -1.54 -20.62 13.39
C SER B 178 -0.08 -20.66 13.87
N ILE B 179 0.66 -19.56 13.63
CA ILE B 179 2.08 -19.39 14.01
C ILE B 179 2.24 -19.49 15.53
N LYS B 180 1.16 -19.22 16.28
CA LYS B 180 1.16 -19.07 17.76
C LYS B 180 0.83 -20.41 18.41
N THR B 181 -0.04 -21.23 17.81
CA THR B 181 -0.34 -22.62 18.24
C THR B 181 0.93 -23.46 18.11
N ILE B 182 1.71 -23.27 17.04
CA ILE B 182 3.00 -23.98 16.80
C ILE B 182 4.03 -23.45 17.81
N SER B 183 4.11 -22.12 17.98
CA SER B 183 4.97 -21.43 18.97
C SER B 183 4.70 -22.00 20.37
N SER B 184 3.42 -22.17 20.71
CA SER B 184 2.95 -22.85 21.95
C SER B 184 3.55 -24.25 22.04
N GLN B 185 3.20 -25.12 21.08
CA GLN B 185 3.62 -26.55 21.03
C GLN B 185 5.16 -26.64 21.06
N LYS B 186 5.85 -25.70 20.42
CA LYS B 186 7.34 -25.65 20.33
C LYS B 186 7.94 -25.25 21.68
N LYS B 187 7.63 -24.05 22.17
CA LYS B 187 8.13 -23.52 23.49
C LYS B 187 7.69 -24.47 24.61
N SER B 188 6.58 -25.20 24.41
CA SER B 188 6.10 -26.28 25.29
C SER B 188 7.09 -27.46 25.24
N ALA B 189 7.47 -27.89 24.04
CA ALA B 189 8.38 -29.03 23.80
C ALA B 189 9.67 -28.82 24.61
N MET B 190 10.36 -27.70 24.38
CA MET B 190 11.65 -27.35 25.05
C MET B 190 11.47 -27.34 26.57
N MET B 191 10.31 -26.89 27.06
CA MET B 191 9.93 -26.90 28.51
C MET B 191 9.94 -28.35 29.02
N LYS B 192 9.45 -29.30 28.21
CA LYS B 192 9.37 -30.75 28.57
C LYS B 192 10.78 -31.36 28.53
N LEU B 193 11.65 -30.86 27.64
CA LEU B 193 13.03 -31.39 27.42
C LEU B 193 13.99 -30.81 28.47
N GLY B 194 13.88 -29.52 28.76
CA GLY B 194 14.78 -28.77 29.66
C GLY B 194 15.88 -28.07 28.87
N VAL B 195 15.49 -27.28 27.86
CA VAL B 195 16.37 -26.40 27.04
C VAL B 195 15.68 -25.04 26.87
N GLU B 196 16.43 -24.03 26.43
CA GLU B 196 15.98 -22.60 26.46
C GLU B 196 16.04 -21.97 25.06
N ASN B 197 17.16 -22.11 24.34
CA ASN B 197 17.41 -21.43 23.04
C ASN B 197 17.50 -22.47 21.91
N ASP B 198 17.12 -22.06 20.70
CA ASP B 198 16.97 -22.92 19.49
C ASP B 198 18.16 -23.87 19.36
N ILE B 199 19.38 -23.35 19.49
CA ILE B 199 20.65 -24.11 19.38
C ILE B 199 20.65 -25.30 20.34
N ALA B 200 20.39 -25.03 21.63
CA ALA B 200 20.41 -26.02 22.74
C ALA B 200 19.40 -27.13 22.46
N LEU B 201 18.23 -26.78 21.92
CA LEU B 201 17.18 -27.73 21.49
C LEU B 201 17.74 -28.64 20.39
N LEU B 202 18.30 -28.03 19.33
CA LEU B 202 18.88 -28.74 18.17
C LEU B 202 20.05 -29.65 18.60
N ASN B 203 20.71 -29.33 19.73
CA ASN B 203 21.77 -30.18 20.33
C ASN B 203 21.13 -31.37 21.05
N TYR B 204 20.01 -31.16 21.74
CA TYR B 204 19.22 -32.22 22.42
C TYR B 204 18.39 -32.99 21.40
N LEU B 205 18.43 -32.58 20.12
CA LEU B 205 17.80 -33.27 18.96
C LEU B 205 18.88 -33.99 18.13
N SER B 206 20.08 -33.40 18.01
CA SER B 206 21.23 -34.00 17.27
C SER B 206 21.74 -35.23 18.03
N SER B 207 21.89 -35.14 19.35
CA SER B 207 22.35 -36.23 20.24
C SER B 207 21.16 -36.87 20.96
N VAL B 208 21.41 -37.91 21.76
CA VAL B 208 20.41 -38.64 22.58
C VAL B 208 21.10 -39.78 23.34
N ASN C 3 -29.34 9.49 -17.86
CA ASN C 3 -27.89 9.67 -17.59
C ASN C 3 -27.38 8.53 -16.71
N MET C 4 -26.28 7.89 -17.11
CA MET C 4 -25.66 6.72 -16.43
C MET C 4 -24.39 7.16 -15.71
N ASN C 5 -24.32 6.94 -14.39
CA ASN C 5 -23.16 7.26 -13.52
C ASN C 5 -22.08 6.19 -13.74
N VAL C 6 -20.90 6.61 -14.25
CA VAL C 6 -19.78 5.70 -14.67
C VAL C 6 -18.61 5.86 -13.69
N ILE C 7 -18.02 4.73 -13.28
CA ILE C 7 -16.69 4.66 -12.61
C ILE C 7 -15.70 4.04 -13.61
N ILE C 8 -14.45 4.51 -13.62
CA ILE C 8 -13.35 3.97 -14.47
C ILE C 8 -12.16 3.65 -13.55
N ALA C 9 -11.71 2.38 -13.57
CA ALA C 9 -10.55 1.85 -12.82
C ALA C 9 -9.55 1.25 -13.81
N ASP C 10 -8.28 1.64 -13.73
CA ASP C 10 -7.20 1.16 -14.61
C ASP C 10 -5.84 1.57 -14.02
N ASP C 11 -4.94 0.61 -13.82
CA ASP C 11 -3.59 0.80 -13.23
C ASP C 11 -2.74 1.73 -14.12
N HIS C 12 -3.09 1.82 -15.40
CA HIS C 12 -2.51 2.79 -16.37
C HIS C 12 -3.35 4.08 -16.34
N PRO C 13 -2.88 5.16 -15.68
CA PRO C 13 -3.64 6.41 -15.62
C PRO C 13 -3.78 7.13 -16.98
N ILE C 14 -2.88 6.84 -17.94
CA ILE C 14 -2.92 7.41 -19.31
C ILE C 14 -4.15 6.85 -20.04
N VAL C 15 -4.38 5.53 -19.94
CA VAL C 15 -5.58 4.82 -20.45
C VAL C 15 -6.81 5.43 -19.78
N LEU C 16 -6.70 5.76 -18.49
CA LEU C 16 -7.75 6.37 -17.64
C LEU C 16 -8.09 7.77 -18.18
N PHE C 17 -7.07 8.53 -18.61
CA PHE C 17 -7.20 9.86 -19.27
C PHE C 17 -7.27 9.69 -20.79
N GLY C 18 -7.68 8.51 -21.25
CA GLY C 18 -7.97 8.20 -22.67
C GLY C 18 -9.42 7.80 -22.85
N ILE C 19 -9.92 6.90 -21.99
CA ILE C 19 -11.35 6.49 -21.89
C ILE C 19 -12.19 7.69 -21.44
N ARG C 20 -11.74 8.40 -20.40
CA ARG C 20 -12.40 9.60 -19.83
C ARG C 20 -12.83 10.54 -20.96
N LYS C 21 -11.90 10.94 -21.81
CA LYS C 21 -12.13 11.91 -22.93
C LYS C 21 -13.13 11.31 -23.93
N SER C 22 -13.11 9.98 -24.11
CA SER C 22 -13.99 9.22 -25.05
C SER C 22 -15.45 9.27 -24.57
N LEU C 23 -15.69 9.44 -23.27
CA LEU C 23 -17.04 9.45 -22.64
C LEU C 23 -17.60 10.87 -22.60
N GLU C 24 -16.77 11.90 -22.86
CA GLU C 24 -17.21 13.31 -22.97
C GLU C 24 -17.99 13.49 -24.27
N GLN C 25 -17.71 12.64 -25.28
CA GLN C 25 -18.39 12.66 -26.61
C GLN C 25 -19.81 12.09 -26.48
N ILE C 26 -20.09 11.33 -25.40
CA ILE C 26 -21.46 10.90 -25.00
C ILE C 26 -21.97 11.88 -23.93
N GLU C 27 -22.88 12.78 -24.31
CA GLU C 27 -23.37 13.90 -23.48
C GLU C 27 -23.99 13.37 -22.17
N TRP C 28 -24.84 12.35 -22.27
CA TRP C 28 -25.66 11.81 -21.14
C TRP C 28 -24.78 11.02 -20.15
N VAL C 29 -23.67 10.46 -20.60
CA VAL C 29 -22.69 9.70 -19.75
C VAL C 29 -21.98 10.69 -18.82
N ASN C 30 -21.84 10.34 -17.53
CA ASN C 30 -21.20 11.17 -16.48
C ASN C 30 -20.14 10.33 -15.73
N VAL C 31 -18.98 10.94 -15.46
CA VAL C 31 -17.87 10.34 -14.64
C VAL C 31 -18.07 10.77 -13.19
N VAL C 32 -18.18 9.81 -12.26
CA VAL C 32 -18.45 10.06 -10.81
C VAL C 32 -17.29 9.50 -9.97
N GLY C 33 -16.12 9.31 -10.57
CA GLY C 33 -14.90 8.84 -9.88
C GLY C 33 -13.90 8.18 -10.81
N GLU C 34 -12.61 8.28 -10.49
CA GLU C 34 -11.48 7.59 -11.15
C GLU C 34 -10.58 6.98 -10.08
N PHE C 35 -10.11 5.75 -10.31
CA PHE C 35 -9.22 4.98 -9.39
C PHE C 35 -8.14 4.27 -10.21
N GLU C 36 -7.10 3.75 -9.53
CA GLU C 36 -5.96 3.03 -10.14
C GLU C 36 -5.48 1.89 -9.23
N ASP C 37 -6.41 1.21 -8.57
CA ASP C 37 -6.15 -0.01 -7.76
C ASP C 37 -7.50 -0.62 -7.31
N SER C 38 -7.45 -1.78 -6.66
CA SER C 38 -8.64 -2.52 -6.15
C SER C 38 -9.06 -1.97 -4.79
N THR C 39 -8.08 -1.78 -3.88
CA THR C 39 -8.29 -1.30 -2.48
C THR C 39 -9.08 0.01 -2.50
N ALA C 40 -8.63 0.99 -3.29
CA ALA C 40 -9.24 2.33 -3.43
C ALA C 40 -10.67 2.20 -3.98
N LEU C 41 -10.83 1.48 -5.09
CA LEU C 41 -12.12 1.27 -5.81
C LEU C 41 -13.19 0.75 -4.83
N ILE C 42 -12.87 -0.32 -4.11
CA ILE C 42 -13.80 -1.04 -3.18
C ILE C 42 -14.20 -0.11 -2.04
N ASN C 43 -13.24 0.57 -1.41
CA ASN C 43 -13.44 1.44 -0.22
C ASN C 43 -14.34 2.63 -0.59
N ASN C 44 -14.24 3.13 -1.82
CA ASN C 44 -14.91 4.38 -2.29
C ASN C 44 -16.08 4.06 -3.22
N LEU C 45 -16.38 2.78 -3.48
CA LEU C 45 -17.51 2.33 -4.32
C LEU C 45 -18.84 2.66 -3.65
N PRO C 46 -19.02 2.42 -2.33
CA PRO C 46 -20.28 2.72 -1.64
C PRO C 46 -20.66 4.22 -1.61
N LYS C 47 -19.67 5.09 -1.42
CA LYS C 47 -19.85 6.56 -1.24
C LYS C 47 -20.15 7.26 -2.57
N LEU C 48 -20.30 6.50 -3.67
CA LEU C 48 -20.59 7.03 -5.03
C LEU C 48 -21.79 6.28 -5.62
N ASP C 49 -22.83 7.02 -6.01
CA ASP C 49 -24.05 6.49 -6.69
C ASP C 49 -23.72 6.24 -8.15
N ALA C 50 -23.42 4.97 -8.51
CA ALA C 50 -22.97 4.54 -9.86
C ALA C 50 -23.82 3.37 -10.36
N HIS C 51 -24.07 3.32 -11.68
CA HIS C 51 -24.88 2.27 -12.37
C HIS C 51 -23.98 1.34 -13.20
N VAL C 52 -22.76 1.76 -13.55
CA VAL C 52 -21.81 1.00 -14.41
C VAL C 52 -20.37 1.23 -13.95
N LEU C 53 -19.53 0.20 -14.08
CA LEU C 53 -18.06 0.25 -13.81
C LEU C 53 -17.30 -0.36 -14.99
N ILE C 54 -16.40 0.43 -15.59
CA ILE C 54 -15.53 0.02 -16.74
C ILE C 54 -14.11 -0.20 -16.20
N THR C 55 -13.83 -1.41 -15.71
CA THR C 55 -12.60 -1.77 -14.96
C THR C 55 -11.65 -2.58 -15.85
N ASP C 56 -10.39 -2.73 -15.40
CA ASP C 56 -9.32 -3.52 -16.05
C ASP C 56 -8.98 -4.71 -15.12
N LEU C 57 -8.58 -5.84 -15.71
CA LEU C 57 -8.33 -7.12 -15.01
C LEU C 57 -6.92 -7.11 -14.40
N SER C 58 -5.92 -6.65 -15.16
CA SER C 58 -4.49 -6.59 -14.75
C SER C 58 -4.21 -5.28 -14.00
N MET C 59 -4.46 -5.27 -12.68
CA MET C 59 -4.32 -4.11 -11.77
C MET C 59 -3.58 -4.53 -10.50
N PRO C 60 -3.07 -3.58 -9.69
CA PRO C 60 -2.52 -3.89 -8.37
C PRO C 60 -3.60 -3.95 -7.28
N GLY C 61 -3.73 -5.09 -6.62
CA GLY C 61 -4.74 -5.34 -5.56
C GLY C 61 -4.17 -6.15 -4.42
N ASP C 62 -3.71 -5.46 -3.36
CA ASP C 62 -3.10 -6.08 -2.15
C ASP C 62 -4.20 -6.58 -1.21
N LYS C 63 -5.24 -5.76 -1.00
CA LYS C 63 -6.40 -6.08 -0.12
C LYS C 63 -7.36 -7.00 -0.87
N TYR C 64 -7.90 -6.53 -2.00
CA TYR C 64 -8.86 -7.25 -2.87
C TYR C 64 -8.11 -7.69 -4.15
N GLY C 65 -8.22 -8.97 -4.50
CA GLY C 65 -7.42 -9.62 -5.57
C GLY C 65 -7.72 -9.06 -6.94
N ASP C 66 -7.02 -9.55 -7.97
CA ASP C 66 -7.09 -9.08 -9.38
C ASP C 66 -7.76 -10.17 -10.23
N GLY C 67 -8.25 -9.79 -11.42
CA GLY C 67 -8.80 -10.71 -12.44
C GLY C 67 -10.23 -11.11 -12.13
N ILE C 68 -10.52 -12.42 -12.15
CA ILE C 68 -11.88 -13.01 -11.97
C ILE C 68 -12.29 -12.87 -10.49
N THR C 69 -11.32 -13.05 -9.59
CA THR C 69 -11.48 -12.91 -8.11
C THR C 69 -12.10 -11.54 -7.77
N LEU C 70 -11.61 -10.47 -8.41
CA LEU C 70 -12.09 -9.07 -8.18
C LEU C 70 -13.54 -8.93 -8.64
N ILE C 71 -13.83 -9.37 -9.86
CA ILE C 71 -15.20 -9.32 -10.48
C ILE C 71 -16.16 -10.10 -9.56
N LYS C 72 -15.70 -11.24 -9.01
CA LYS C 72 -16.48 -12.16 -8.16
C LYS C 72 -16.82 -11.51 -6.81
N TYR C 73 -16.07 -10.48 -6.40
CA TYR C 73 -16.32 -9.68 -5.17
C TYR C 73 -17.37 -8.61 -5.48
N ILE C 74 -17.11 -7.78 -6.50
CA ILE C 74 -17.89 -6.56 -6.85
C ILE C 74 -19.35 -6.95 -7.12
N LYS C 75 -19.57 -7.99 -7.95
CA LYS C 75 -20.90 -8.46 -8.42
C LYS C 75 -21.75 -8.95 -7.24
N ARG C 76 -21.14 -9.33 -6.12
CA ARG C 76 -21.83 -9.87 -4.92
C ARG C 76 -22.04 -8.76 -3.87
N HIS C 77 -21.07 -7.87 -3.71
CA HIS C 77 -21.08 -6.75 -2.71
C HIS C 77 -21.48 -5.44 -3.39
N PHE C 78 -21.91 -5.49 -4.65
CA PHE C 78 -22.45 -4.34 -5.43
C PHE C 78 -23.10 -4.87 -6.71
N PRO C 79 -24.16 -5.69 -6.61
CA PRO C 79 -24.77 -6.32 -7.79
C PRO C 79 -25.56 -5.35 -8.67
N SER C 80 -26.16 -4.32 -8.08
CA SER C 80 -26.90 -3.23 -8.79
C SER C 80 -26.02 -2.66 -9.91
N LEU C 81 -24.72 -2.51 -9.64
CA LEU C 81 -23.69 -1.99 -10.58
C LEU C 81 -23.44 -3.02 -11.69
N SER C 82 -23.72 -2.66 -12.95
CA SER C 82 -23.38 -3.43 -14.17
C SER C 82 -21.89 -3.26 -14.48
N ILE C 83 -21.15 -4.38 -14.58
CA ILE C 83 -19.68 -4.39 -14.81
C ILE C 83 -19.41 -4.59 -16.30
N ILE C 84 -18.56 -3.73 -16.88
CA ILE C 84 -17.91 -3.92 -18.21
C ILE C 84 -16.41 -4.12 -17.96
N VAL C 85 -15.81 -5.14 -18.56
CA VAL C 85 -14.35 -5.49 -18.42
C VAL C 85 -13.58 -4.87 -19.60
N LEU C 86 -12.46 -4.19 -19.32
CA LEU C 86 -11.63 -3.48 -20.32
C LEU C 86 -10.14 -3.76 -20.02
N THR C 87 -9.57 -4.79 -20.64
CA THR C 87 -8.25 -5.37 -20.26
C THR C 87 -7.38 -5.62 -21.49
N MET C 88 -6.06 -5.60 -21.30
CA MET C 88 -5.01 -5.91 -22.30
C MET C 88 -4.99 -7.42 -22.56
N ASN C 89 -5.48 -8.20 -21.60
CA ASN C 89 -5.51 -9.68 -21.63
C ASN C 89 -6.41 -10.16 -22.77
N ASN C 90 -5.80 -10.72 -23.83
CA ASN C 90 -6.50 -11.44 -24.92
C ASN C 90 -6.16 -12.94 -24.82
N ASN C 91 -6.05 -13.46 -23.59
CA ASN C 91 -5.94 -14.91 -23.29
C ASN C 91 -7.33 -15.52 -23.43
N PRO C 92 -7.56 -16.44 -24.39
CA PRO C 92 -8.89 -17.01 -24.59
C PRO C 92 -9.46 -17.63 -23.31
N ALA C 93 -8.66 -18.46 -22.63
CA ALA C 93 -9.03 -19.20 -21.40
C ALA C 93 -9.48 -18.24 -20.30
N ILE C 94 -8.69 -17.20 -20.04
CA ILE C 94 -8.97 -16.17 -18.99
C ILE C 94 -10.31 -15.50 -19.29
N LEU C 95 -10.51 -15.06 -20.55
CA LEU C 95 -11.72 -14.34 -21.02
C LEU C 95 -12.94 -15.27 -21.01
N SER C 96 -12.74 -16.53 -21.46
CA SER C 96 -13.77 -17.60 -21.47
C SER C 96 -14.37 -17.78 -20.07
N ALA C 97 -13.56 -17.60 -19.02
CA ALA C 97 -13.96 -17.73 -17.60
C ALA C 97 -14.56 -16.41 -17.08
N VAL C 98 -14.15 -15.28 -17.65
CA VAL C 98 -14.68 -13.91 -17.30
C VAL C 98 -16.09 -13.75 -17.90
N LEU C 99 -16.36 -14.40 -19.04
CA LEU C 99 -17.69 -14.43 -19.71
C LEU C 99 -18.73 -15.14 -18.82
N ASP C 100 -18.29 -16.08 -17.97
CA ASP C 100 -19.16 -16.98 -17.18
C ASP C 100 -19.90 -16.21 -16.07
N LEU C 101 -19.43 -15.01 -15.71
CA LEU C 101 -20.06 -14.14 -14.67
C LEU C 101 -21.08 -13.19 -15.32
N ASP C 102 -21.52 -13.49 -16.54
CA ASP C 102 -22.59 -12.79 -17.30
C ASP C 102 -22.52 -11.27 -17.05
N ILE C 103 -21.33 -10.69 -17.20
CA ILE C 103 -21.10 -9.21 -17.22
C ILE C 103 -21.77 -8.65 -18.47
N GLU C 104 -22.28 -7.41 -18.41
CA GLU C 104 -23.03 -6.73 -19.49
C GLU C 104 -22.29 -6.85 -20.82
N GLY C 105 -20.95 -6.81 -20.78
CA GLY C 105 -20.06 -7.06 -21.94
C GLY C 105 -18.60 -6.88 -21.57
N ILE C 106 -17.70 -7.28 -22.47
CA ILE C 106 -16.22 -7.10 -22.34
C ILE C 106 -15.74 -6.20 -23.49
N VAL C 107 -14.72 -5.37 -23.21
CA VAL C 107 -13.93 -4.63 -24.23
C VAL C 107 -12.46 -5.05 -24.06
N LEU C 108 -11.68 -4.99 -25.14
CA LEU C 108 -10.24 -5.34 -25.14
C LEU C 108 -9.40 -4.08 -25.37
N LYS C 109 -8.17 -4.07 -24.85
CA LYS C 109 -7.17 -2.98 -25.08
C LYS C 109 -6.78 -2.96 -26.55
N GLN C 110 -6.66 -4.13 -27.18
CA GLN C 110 -6.30 -4.29 -28.62
C GLN C 110 -7.58 -4.48 -29.46
N GLY C 111 -8.72 -4.01 -28.94
CA GLY C 111 -10.01 -3.94 -29.66
C GLY C 111 -10.19 -2.57 -30.29
N ALA C 112 -10.77 -2.52 -31.50
CA ALA C 112 -10.97 -1.30 -32.31
C ALA C 112 -11.43 -0.14 -31.43
N PRO C 113 -10.98 1.11 -31.70
CA PRO C 113 -11.20 2.24 -30.78
C PRO C 113 -12.66 2.39 -30.32
N THR C 114 -13.61 2.18 -31.22
CA THR C 114 -15.06 2.47 -31.01
C THR C 114 -15.77 1.25 -30.39
N ASP C 115 -15.04 0.34 -29.74
CA ASP C 115 -15.62 -0.84 -29.04
C ASP C 115 -16.34 -0.38 -27.77
N LEU C 116 -15.71 0.52 -27.00
CA LEU C 116 -16.21 1.00 -25.67
C LEU C 116 -17.41 1.93 -25.87
N PRO C 117 -17.38 2.90 -26.81
CA PRO C 117 -18.59 3.64 -27.19
C PRO C 117 -19.76 2.74 -27.61
N LYS C 118 -19.53 1.84 -28.58
CA LYS C 118 -20.55 0.89 -29.13
C LYS C 118 -21.06 -0.04 -28.01
N ALA C 119 -20.21 -0.33 -27.02
CA ALA C 119 -20.54 -1.18 -25.85
C ALA C 119 -21.54 -0.45 -24.94
N LEU C 120 -21.29 0.83 -24.63
CA LEU C 120 -22.18 1.66 -23.75
C LEU C 120 -23.48 1.96 -24.49
N ALA C 121 -23.40 2.31 -25.78
CA ALA C 121 -24.55 2.56 -26.68
C ALA C 121 -25.51 1.37 -26.67
N ALA C 122 -24.96 0.15 -26.62
CA ALA C 122 -25.71 -1.13 -26.61
C ALA C 122 -26.36 -1.34 -25.24
N LEU C 123 -25.63 -1.10 -24.15
CA LEU C 123 -26.08 -1.36 -22.75
C LEU C 123 -27.26 -0.46 -22.39
N GLN C 124 -27.32 0.75 -22.96
CA GLN C 124 -28.41 1.74 -22.77
C GLN C 124 -29.75 1.07 -23.07
N LYS C 125 -29.87 0.44 -24.24
CA LYS C 125 -31.05 -0.33 -24.70
C LYS C 125 -31.16 -1.63 -23.89
N GLY C 126 -30.02 -2.16 -23.45
CA GLY C 126 -29.90 -3.42 -22.68
C GLY C 126 -29.36 -4.55 -23.55
N LYS C 127 -28.44 -4.23 -24.46
CA LYS C 127 -27.92 -5.11 -25.54
C LYS C 127 -26.42 -5.36 -25.34
N LYS C 128 -25.81 -6.07 -26.28
CA LYS C 128 -24.40 -6.56 -26.24
C LYS C 128 -23.52 -5.76 -27.21
N PHE C 129 -22.20 -5.90 -27.07
CA PHE C 129 -21.17 -5.42 -28.03
C PHE C 129 -19.98 -6.37 -28.01
N THR C 130 -20.17 -7.60 -28.51
CA THR C 130 -19.13 -8.65 -28.69
C THR C 130 -18.34 -8.33 -29.95
N PRO C 131 -17.16 -7.67 -29.83
CA PRO C 131 -16.43 -7.17 -31.00
C PRO C 131 -15.70 -8.22 -31.85
N GLU C 132 -15.42 -7.87 -33.10
CA GLU C 132 -14.67 -8.67 -34.10
C GLU C 132 -13.33 -9.16 -33.52
N SER C 133 -12.82 -8.47 -32.49
CA SER C 133 -11.61 -8.87 -31.73
C SER C 133 -11.93 -10.06 -30.82
N VAL C 134 -12.98 -9.94 -29.98
CA VAL C 134 -13.39 -10.99 -28.99
C VAL C 134 -13.78 -12.26 -29.75
N SER C 135 -14.85 -12.19 -30.55
CA SER C 135 -15.45 -13.31 -31.33
C SER C 135 -14.38 -14.20 -31.96
N ARG C 136 -13.27 -13.60 -32.43
CA ARG C 136 -12.08 -14.29 -32.97
C ARG C 136 -11.56 -15.31 -31.95
N LEU C 137 -11.36 -14.88 -30.71
CA LEU C 137 -10.70 -15.67 -29.62
C LEU C 137 -11.69 -16.68 -29.01
N LEU C 138 -13.00 -16.42 -29.12
CA LEU C 138 -14.09 -17.28 -28.59
C LEU C 138 -14.20 -18.56 -29.42
N GLU C 139 -14.02 -18.46 -30.74
CA GLU C 139 -14.07 -19.59 -31.71
C GLU C 139 -13.03 -20.66 -31.34
N LYS C 140 -11.89 -20.23 -30.77
CA LYS C 140 -10.80 -21.11 -30.31
C LYS C 140 -11.31 -22.07 -29.22
N ILE C 141 -12.10 -21.55 -28.27
CA ILE C 141 -12.75 -22.37 -27.19
C ILE C 141 -13.97 -23.08 -27.77
N SER C 142 -14.74 -22.40 -28.62
CA SER C 142 -15.96 -22.92 -29.29
C SER C 142 -15.67 -24.28 -29.93
N ALA C 143 -14.46 -24.44 -30.48
CA ALA C 143 -13.93 -25.72 -31.02
C ALA C 143 -13.48 -26.62 -29.86
N ARG C 150 -15.52 -28.34 -20.33
CA ARG C 150 -15.77 -29.74 -20.78
C ARG C 150 -14.67 -30.68 -20.27
N LEU C 151 -13.91 -30.27 -19.24
CA LEU C 151 -12.69 -30.98 -18.76
C LEU C 151 -13.07 -32.33 -18.13
N SER C 152 -12.21 -33.33 -18.32
CA SER C 152 -12.34 -34.70 -17.76
C SER C 152 -12.15 -34.65 -16.24
N PRO C 153 -12.60 -35.69 -15.49
CA PRO C 153 -12.44 -35.72 -14.03
C PRO C 153 -10.99 -35.53 -13.55
N LYS C 154 -10.07 -36.45 -13.87
CA LYS C 154 -8.67 -36.44 -13.36
C LYS C 154 -8.01 -35.07 -13.56
N GLU C 155 -8.30 -34.39 -14.67
CA GLU C 155 -7.69 -33.08 -15.05
C GLU C 155 -7.63 -32.15 -13.82
N SER C 156 -8.70 -32.10 -13.02
CA SER C 156 -8.78 -31.34 -11.75
C SER C 156 -7.55 -31.63 -10.89
N GLU C 157 -7.24 -32.92 -10.68
CA GLU C 157 -6.12 -33.41 -9.84
C GLU C 157 -4.79 -33.18 -10.58
N VAL C 158 -4.76 -33.49 -11.88
CA VAL C 158 -3.57 -33.30 -12.76
C VAL C 158 -3.21 -31.82 -12.81
N LEU C 159 -4.18 -30.94 -13.07
CA LEU C 159 -3.99 -29.47 -13.22
C LEU C 159 -3.74 -28.83 -11.85
N ARG C 160 -4.20 -29.45 -10.76
CA ARG C 160 -3.87 -28.99 -9.37
C ARG C 160 -2.36 -29.09 -9.17
N LEU C 161 -1.77 -30.23 -9.56
CA LEU C 161 -0.31 -30.51 -9.45
C LEU C 161 0.45 -29.55 -10.37
N PHE C 162 0.02 -29.41 -11.63
CA PHE C 162 0.64 -28.56 -12.68
C PHE C 162 0.55 -27.08 -12.25
N ALA C 163 -0.52 -26.71 -11.53
CA ALA C 163 -0.78 -25.34 -11.03
C ALA C 163 0.06 -25.05 -9.77
N GLU C 164 0.62 -26.09 -9.14
CA GLU C 164 1.53 -25.97 -7.96
C GLU C 164 2.99 -26.08 -8.42
N GLY C 165 3.23 -26.15 -9.74
CA GLY C 165 4.54 -25.94 -10.38
C GLY C 165 5.28 -27.22 -10.72
N PHE C 166 4.60 -28.36 -10.71
CA PHE C 166 5.20 -29.70 -10.97
C PHE C 166 5.30 -29.95 -12.47
N LEU C 167 6.45 -30.46 -12.92
CA LEU C 167 6.75 -30.83 -14.32
C LEU C 167 6.03 -32.14 -14.66
N VAL C 168 6.00 -32.51 -15.94
CA VAL C 168 5.25 -33.69 -16.46
C VAL C 168 6.02 -34.96 -16.08
N THR C 169 7.33 -34.85 -15.85
CA THR C 169 8.21 -35.92 -15.30
C THR C 169 7.76 -36.29 -13.88
N GLU C 170 7.72 -35.30 -12.99
CA GLU C 170 7.39 -35.47 -11.54
C GLU C 170 5.91 -35.86 -11.39
N ILE C 171 5.05 -35.45 -12.33
CA ILE C 171 3.58 -35.73 -12.32
C ILE C 171 3.35 -37.21 -12.68
N ALA C 172 4.17 -37.79 -13.55
CA ALA C 172 4.16 -39.23 -13.92
C ALA C 172 4.55 -40.06 -12.70
N LYS C 173 5.65 -39.68 -12.04
CA LYS C 173 6.16 -40.31 -10.79
C LYS C 173 5.14 -40.11 -9.66
N LYS C 174 4.39 -39.01 -9.70
CA LYS C 174 3.39 -38.62 -8.67
C LYS C 174 2.22 -39.62 -8.68
N LEU C 175 1.60 -39.85 -9.85
CA LEU C 175 0.35 -40.66 -9.99
C LEU C 175 0.64 -42.02 -10.62
N ASN C 176 1.88 -42.52 -10.49
CA ASN C 176 2.36 -43.82 -11.02
C ASN C 176 1.69 -44.14 -12.37
N ARG C 177 1.76 -43.21 -13.32
CA ARG C 177 1.38 -43.39 -14.74
C ARG C 177 2.49 -42.81 -15.62
N SER C 178 2.48 -43.09 -16.93
CA SER C 178 3.55 -42.69 -17.89
C SER C 178 3.44 -41.20 -18.20
N ILE C 179 4.58 -40.54 -18.45
CA ILE C 179 4.64 -39.10 -18.87
C ILE C 179 3.82 -38.95 -20.16
N LYS C 180 3.82 -40.00 -21.00
CA LYS C 180 3.03 -40.11 -22.24
C LYS C 180 1.53 -39.99 -21.95
N THR C 181 1.05 -40.70 -20.92
CA THR C 181 -0.39 -40.76 -20.53
C THR C 181 -0.84 -39.42 -19.94
N ILE C 182 0.09 -38.68 -19.31
CA ILE C 182 -0.15 -37.38 -18.64
C ILE C 182 -0.26 -36.26 -19.69
N SER C 183 0.60 -36.31 -20.71
CA SER C 183 0.59 -35.37 -21.87
C SER C 183 -0.76 -35.44 -22.59
N SER C 184 -1.31 -36.66 -22.73
CA SER C 184 -2.61 -36.96 -23.39
C SER C 184 -3.72 -36.13 -22.73
N GLN C 185 -3.78 -36.13 -21.39
CA GLN C 185 -4.82 -35.44 -20.59
C GLN C 185 -4.53 -33.93 -20.55
N LYS C 186 -3.27 -33.53 -20.39
CA LYS C 186 -2.81 -32.12 -20.38
C LYS C 186 -3.28 -31.43 -21.67
N LYS C 187 -2.79 -31.91 -22.83
CA LYS C 187 -3.11 -31.39 -24.18
C LYS C 187 -4.62 -31.39 -24.41
N SER C 188 -5.31 -32.46 -23.98
CA SER C 188 -6.78 -32.59 -24.03
C SER C 188 -7.42 -31.44 -23.24
N ALA C 189 -6.97 -31.23 -22.00
CA ALA C 189 -7.46 -30.16 -21.10
C ALA C 189 -7.30 -28.80 -21.79
N MET C 190 -6.13 -28.56 -22.39
CA MET C 190 -5.76 -27.29 -23.06
C MET C 190 -6.72 -27.02 -24.22
N MET C 191 -7.23 -28.06 -24.90
CA MET C 191 -8.26 -27.94 -25.97
C MET C 191 -9.55 -27.34 -25.36
N LYS C 192 -10.03 -27.94 -24.27
CA LYS C 192 -11.29 -27.56 -23.56
C LYS C 192 -11.26 -26.08 -23.15
N LEU C 193 -10.09 -25.58 -22.73
CA LEU C 193 -9.89 -24.22 -22.16
C LEU C 193 -9.52 -23.23 -23.28
N GLY C 194 -8.63 -23.65 -24.19
CA GLY C 194 -8.24 -22.87 -25.38
C GLY C 194 -6.91 -22.16 -25.20
N VAL C 195 -5.89 -22.86 -24.67
CA VAL C 195 -4.51 -22.34 -24.45
C VAL C 195 -3.53 -23.12 -25.33
N GLU C 196 -2.51 -22.45 -25.87
CA GLU C 196 -1.59 -22.98 -26.92
C GLU C 196 -0.16 -23.15 -26.38
N ASN C 197 0.03 -23.08 -25.06
CA ASN C 197 1.37 -23.17 -24.40
C ASN C 197 1.17 -23.47 -22.91
N ASP C 198 2.28 -23.56 -22.16
CA ASP C 198 2.29 -23.84 -20.70
C ASP C 198 2.08 -22.54 -19.90
N ILE C 199 2.29 -21.37 -20.53
CA ILE C 199 2.22 -20.03 -19.86
C ILE C 199 0.74 -19.64 -19.70
N ALA C 200 0.03 -19.43 -20.81
CA ALA C 200 -1.39 -19.01 -20.85
C ALA C 200 -2.23 -19.96 -19.99
N LEU C 201 -1.91 -21.25 -20.03
CA LEU C 201 -2.49 -22.30 -19.14
C LEU C 201 -2.33 -21.85 -17.68
N LEU C 202 -1.08 -21.69 -17.23
CA LEU C 202 -0.71 -21.38 -15.82
C LEU C 202 -1.36 -20.07 -15.37
N ASN C 203 -1.47 -19.09 -16.27
CA ASN C 203 -2.25 -17.84 -16.05
C ASN C 203 -3.69 -18.20 -15.68
N TYR C 204 -4.33 -19.09 -16.45
CA TYR C 204 -5.71 -19.58 -16.20
C TYR C 204 -5.74 -20.39 -14.91
N LEU C 205 -4.64 -21.10 -14.60
CA LEU C 205 -4.51 -21.95 -13.38
C LEU C 205 -4.16 -21.07 -12.17
N SER C 206 -3.76 -19.81 -12.39
CA SER C 206 -3.46 -18.80 -11.33
C SER C 206 -4.66 -17.90 -11.10
N SER C 207 -5.15 -17.24 -12.16
CA SER C 207 -6.27 -16.28 -12.14
C SER C 207 -7.50 -16.90 -11.47
N VAL C 208 -7.90 -18.10 -11.92
CA VAL C 208 -9.11 -18.82 -11.46
C VAL C 208 -8.84 -19.48 -10.11
N THR C 209 -8.78 -18.67 -9.04
CA THR C 209 -8.55 -19.10 -7.64
C THR C 209 -9.84 -18.94 -6.82
N ASN D 3 9.01 23.27 -34.40
CA ASN D 3 7.91 22.31 -34.12
C ASN D 3 8.43 20.86 -34.22
N MET D 4 8.02 20.00 -33.29
CA MET D 4 8.45 18.58 -33.17
C MET D 4 7.35 17.64 -33.69
N ASN D 5 7.52 17.11 -34.90
CA ASN D 5 6.56 16.17 -35.56
C ASN D 5 6.73 14.77 -34.95
N VAL D 6 5.63 14.18 -34.45
CA VAL D 6 5.63 12.97 -33.57
C VAL D 6 5.03 11.78 -34.33
N ILE D 7 5.53 10.56 -34.06
CA ILE D 7 4.94 9.27 -34.50
C ILE D 7 4.69 8.41 -33.25
N ILE D 8 3.46 7.90 -33.09
CA ILE D 8 3.02 7.08 -31.93
C ILE D 8 2.98 5.61 -32.35
N ALA D 9 3.39 4.69 -31.47
CA ALA D 9 3.37 3.23 -31.69
C ALA D 9 2.90 2.51 -30.42
N ASP D 10 1.77 1.80 -30.51
CA ASP D 10 1.21 0.92 -29.45
C ASP D 10 0.10 0.08 -30.06
N ASP D 11 0.05 -1.22 -29.74
CA ASP D 11 -0.90 -2.20 -30.31
C ASP D 11 -2.31 -1.97 -29.77
N HIS D 12 -2.43 -1.33 -28.60
CA HIS D 12 -3.73 -0.98 -27.96
C HIS D 12 -4.22 0.36 -28.51
N PRO D 13 -5.25 0.40 -29.38
CA PRO D 13 -5.74 1.67 -29.91
C PRO D 13 -6.42 2.55 -28.85
N ILE D 14 -6.84 1.95 -27.73
CA ILE D 14 -7.39 2.69 -26.54
C ILE D 14 -6.27 3.53 -25.91
N VAL D 15 -5.06 2.98 -25.83
CA VAL D 15 -3.84 3.72 -25.38
C VAL D 15 -3.49 4.76 -26.47
N LEU D 16 -3.48 4.32 -27.73
CA LEU D 16 -3.07 5.11 -28.92
C LEU D 16 -3.93 6.37 -29.04
N PHE D 17 -5.16 6.34 -28.51
CA PHE D 17 -6.08 7.50 -28.42
C PHE D 17 -5.69 8.39 -27.24
N GLY D 18 -5.45 7.78 -26.08
CA GLY D 18 -5.06 8.48 -24.84
C GLY D 18 -3.92 9.46 -25.07
N ILE D 19 -2.83 8.99 -25.67
CA ILE D 19 -1.60 9.79 -26.00
C ILE D 19 -2.00 10.89 -27.01
N ARG D 20 -2.66 10.52 -28.10
CA ARG D 20 -3.09 11.43 -29.20
C ARG D 20 -3.81 12.65 -28.61
N LYS D 21 -4.75 12.41 -27.67
CA LYS D 21 -5.59 13.44 -27.04
C LYS D 21 -4.76 14.26 -26.04
N SER D 22 -3.84 13.61 -25.32
CA SER D 22 -3.02 14.22 -24.23
C SER D 22 -2.02 15.24 -24.80
N LEU D 23 -1.61 15.09 -26.06
CA LEU D 23 -0.59 15.93 -26.73
C LEU D 23 -1.21 17.24 -27.25
N GLU D 24 -2.50 17.21 -27.60
CA GLU D 24 -3.25 18.37 -28.18
C GLU D 24 -3.29 19.53 -27.19
N GLN D 25 -3.17 19.25 -25.88
CA GLN D 25 -3.01 20.26 -24.79
C GLN D 25 -1.79 21.14 -25.10
N ILE D 26 -0.76 20.56 -25.72
CA ILE D 26 0.49 21.25 -26.14
C ILE D 26 0.30 21.76 -27.57
N GLU D 27 0.38 23.08 -27.78
CA GLU D 27 0.08 23.78 -29.04
C GLU D 27 1.14 23.48 -30.10
N TRP D 28 2.42 23.43 -29.71
CA TRP D 28 3.59 23.32 -30.62
C TRP D 28 3.73 21.90 -31.17
N VAL D 29 3.16 20.89 -30.50
CA VAL D 29 3.24 19.45 -30.89
C VAL D 29 2.29 19.18 -32.07
N ASN D 30 2.65 18.21 -32.92
CA ASN D 30 1.83 17.74 -34.07
C ASN D 30 2.16 16.27 -34.36
N VAL D 31 1.20 15.37 -34.15
CA VAL D 31 1.33 13.90 -34.41
C VAL D 31 1.07 13.66 -35.89
N VAL D 32 1.97 12.94 -36.57
CA VAL D 32 1.95 12.73 -38.06
C VAL D 32 1.78 11.25 -38.39
N GLY D 33 1.64 10.37 -37.40
CA GLY D 33 1.54 8.91 -37.60
C GLY D 33 1.12 8.16 -36.35
N GLU D 34 0.24 7.15 -36.52
CA GLU D 34 -0.25 6.24 -35.45
C GLU D 34 -0.28 4.81 -36.00
N PHE D 35 0.46 3.88 -35.37
CA PHE D 35 0.64 2.48 -35.84
C PHE D 35 0.42 1.50 -34.67
N GLU D 36 -0.07 0.30 -35.00
CA GLU D 36 -0.50 -0.74 -34.01
C GLU D 36 0.55 -1.86 -33.91
N ASP D 37 1.49 -1.93 -34.85
CA ASP D 37 2.52 -3.02 -34.91
C ASP D 37 3.83 -2.44 -35.46
N SER D 38 4.95 -3.10 -35.12
CA SER D 38 6.33 -2.70 -35.50
C SER D 38 6.54 -2.86 -37.02
N THR D 39 5.69 -3.66 -37.69
CA THR D 39 5.74 -3.92 -39.15
C THR D 39 5.30 -2.66 -39.90
N ALA D 40 4.07 -2.20 -39.67
CA ALA D 40 3.46 -0.99 -40.28
C ALA D 40 4.26 0.27 -39.90
N LEU D 41 4.92 0.24 -38.73
CA LEU D 41 5.71 1.36 -38.16
C LEU D 41 6.95 1.63 -39.04
N ILE D 42 7.69 0.57 -39.42
CA ILE D 42 9.04 0.66 -40.06
C ILE D 42 8.90 1.06 -41.54
N ASN D 43 7.79 0.69 -42.20
CA ASN D 43 7.57 0.94 -43.64
C ASN D 43 7.24 2.42 -43.89
N ASN D 44 6.56 3.07 -42.94
CA ASN D 44 6.06 4.46 -43.08
C ASN D 44 7.06 5.47 -42.50
N LEU D 45 7.99 5.00 -41.65
CA LEU D 45 9.01 5.86 -40.99
C LEU D 45 9.80 6.66 -42.02
N PRO D 46 10.33 6.04 -43.10
CA PRO D 46 11.07 6.78 -44.13
C PRO D 46 10.20 7.83 -44.84
N LYS D 47 8.94 7.48 -45.13
CA LYS D 47 7.95 8.32 -45.85
C LYS D 47 7.58 9.54 -45.01
N LEU D 48 7.49 9.39 -43.69
CA LEU D 48 7.01 10.45 -42.74
C LEU D 48 8.19 11.21 -42.15
N ASP D 49 8.20 12.55 -42.31
CA ASP D 49 9.19 13.48 -41.72
C ASP D 49 8.83 13.71 -40.25
N ALA D 50 9.34 12.84 -39.35
CA ALA D 50 9.10 12.86 -37.89
C ALA D 50 10.43 12.92 -37.14
N HIS D 51 10.55 13.84 -36.17
CA HIS D 51 11.76 14.02 -35.32
C HIS D 51 11.79 12.98 -34.20
N VAL D 52 10.61 12.60 -33.68
CA VAL D 52 10.45 11.90 -32.37
C VAL D 52 9.44 10.75 -32.49
N LEU D 53 9.77 9.60 -31.89
CA LEU D 53 8.92 8.37 -31.84
C LEU D 53 8.61 8.04 -30.38
N ILE D 54 7.37 7.65 -30.08
CA ILE D 54 6.88 7.23 -28.74
C ILE D 54 6.50 5.75 -28.80
N THR D 55 7.49 4.86 -28.81
CA THR D 55 7.32 3.39 -29.03
C THR D 55 6.85 2.70 -27.75
N ASP D 56 6.25 1.51 -27.89
CA ASP D 56 5.91 0.55 -26.81
C ASP D 56 6.91 -0.60 -26.89
N LEU D 57 7.08 -1.36 -25.80
CA LEU D 57 8.02 -2.51 -25.68
C LEU D 57 7.35 -3.78 -26.22
N SER D 58 6.37 -4.31 -25.50
CA SER D 58 5.61 -5.56 -25.85
C SER D 58 4.60 -5.24 -26.96
N MET D 59 4.97 -5.55 -28.21
CA MET D 59 4.23 -5.18 -29.45
C MET D 59 4.37 -6.34 -30.44
N PRO D 60 3.35 -6.69 -31.23
CA PRO D 60 3.49 -7.73 -32.25
C PRO D 60 4.44 -7.29 -33.38
N GLY D 61 5.51 -8.05 -33.60
CA GLY D 61 6.55 -7.76 -34.60
C GLY D 61 7.00 -9.01 -35.33
N ASP D 62 6.43 -9.25 -36.52
CA ASP D 62 6.73 -10.44 -37.37
C ASP D 62 8.08 -10.22 -38.07
N LYS D 63 8.17 -9.19 -38.91
CA LYS D 63 9.33 -8.93 -39.80
C LYS D 63 10.47 -8.27 -39.02
N TYR D 64 10.21 -7.11 -38.41
CA TYR D 64 11.21 -6.24 -37.76
C TYR D 64 11.28 -6.49 -36.25
N GLY D 65 10.35 -7.28 -35.69
CA GLY D 65 10.36 -7.70 -34.27
C GLY D 65 9.94 -6.57 -33.34
N ASP D 66 9.96 -6.84 -32.03
CA ASP D 66 9.56 -5.92 -30.94
C ASP D 66 10.48 -6.09 -29.73
N GLY D 67 10.64 -5.05 -28.92
CA GLY D 67 11.53 -5.01 -27.75
C GLY D 67 12.85 -4.32 -28.08
N ILE D 68 13.93 -4.72 -27.39
CA ILE D 68 15.32 -4.21 -27.63
C ILE D 68 15.66 -4.34 -29.12
N THR D 69 15.29 -5.47 -29.73
CA THR D 69 15.59 -5.83 -31.14
C THR D 69 14.98 -4.78 -32.09
N LEU D 70 13.81 -4.23 -31.74
CA LEU D 70 13.14 -3.13 -32.47
C LEU D 70 13.90 -1.81 -32.20
N ILE D 71 14.31 -1.59 -30.95
CA ILE D 71 14.96 -0.33 -30.46
C ILE D 71 16.36 -0.21 -31.06
N LYS D 72 17.08 -1.32 -31.22
CA LYS D 72 18.42 -1.36 -31.86
C LYS D 72 18.28 -1.11 -33.36
N TYR D 73 17.22 -1.65 -33.98
CA TYR D 73 16.96 -1.53 -35.44
C TYR D 73 16.63 -0.08 -35.80
N ILE D 74 15.85 0.62 -34.97
CA ILE D 74 15.48 2.06 -35.17
C ILE D 74 16.74 2.90 -34.94
N LYS D 75 17.41 2.71 -33.80
CA LYS D 75 18.65 3.42 -33.40
C LYS D 75 19.69 3.33 -34.52
N ARG D 76 19.80 2.17 -35.16
CA ARG D 76 20.80 1.85 -36.22
C ARG D 76 20.39 2.50 -37.54
N HIS D 77 19.27 2.05 -38.12
CA HIS D 77 18.77 2.47 -39.47
C HIS D 77 18.39 3.96 -39.44
N PHE D 78 17.76 4.42 -38.35
CA PHE D 78 17.30 5.82 -38.17
C PHE D 78 17.98 6.43 -36.95
N PRO D 79 19.25 6.88 -37.07
CA PRO D 79 19.95 7.53 -35.95
C PRO D 79 19.44 8.96 -35.73
N SER D 80 18.75 9.53 -36.72
CA SER D 80 18.16 10.89 -36.72
C SER D 80 16.98 10.97 -35.75
N LEU D 81 16.35 9.83 -35.44
CA LEU D 81 15.04 9.75 -34.73
C LEU D 81 15.25 9.76 -33.21
N SER D 82 14.55 10.67 -32.52
CA SER D 82 14.59 10.86 -31.03
C SER D 82 13.51 9.98 -30.38
N ILE D 83 13.92 8.91 -29.69
CA ILE D 83 13.01 7.81 -29.24
C ILE D 83 12.68 7.95 -27.75
N ILE D 84 11.42 7.71 -27.39
CA ILE D 84 10.92 7.53 -25.98
C ILE D 84 10.24 6.16 -25.89
N VAL D 85 10.52 5.39 -24.84
CA VAL D 85 9.90 4.06 -24.57
C VAL D 85 8.77 4.26 -23.55
N LEU D 86 7.56 3.79 -23.87
CA LEU D 86 6.33 3.97 -23.06
C LEU D 86 5.59 2.64 -22.94
N THR D 87 5.88 1.87 -21.89
CA THR D 87 5.46 0.44 -21.72
C THR D 87 4.69 0.25 -20.41
N MET D 88 3.86 -0.79 -20.35
CA MET D 88 3.18 -1.30 -19.14
C MET D 88 4.16 -2.14 -18.32
N ASN D 89 5.36 -2.40 -18.87
CA ASN D 89 6.42 -3.21 -18.24
C ASN D 89 6.98 -2.47 -17.03
N ASN D 90 7.06 -3.14 -15.88
CA ASN D 90 7.60 -2.60 -14.60
C ASN D 90 8.61 -3.59 -13.99
N ASN D 91 9.14 -4.51 -14.80
CA ASN D 91 10.11 -5.54 -14.35
C ASN D 91 11.50 -4.93 -14.35
N PRO D 92 12.30 -5.06 -13.25
CA PRO D 92 13.64 -4.48 -13.18
C PRO D 92 14.60 -5.21 -14.15
N ALA D 93 14.55 -6.54 -14.14
CA ALA D 93 15.38 -7.45 -14.96
C ALA D 93 15.21 -7.10 -16.44
N ILE D 94 13.98 -6.82 -16.89
CA ILE D 94 13.67 -6.44 -18.29
C ILE D 94 14.17 -5.01 -18.53
N LEU D 95 13.80 -4.08 -17.63
CA LEU D 95 14.16 -2.63 -17.69
C LEU D 95 15.68 -2.46 -17.83
N SER D 96 16.46 -3.29 -17.13
CA SER D 96 17.95 -3.29 -17.14
C SER D 96 18.47 -3.16 -18.58
N ALA D 97 18.12 -4.12 -19.44
CA ALA D 97 18.52 -4.22 -20.86
C ALA D 97 18.18 -2.91 -21.60
N VAL D 98 16.96 -2.42 -21.41
CA VAL D 98 16.35 -1.29 -22.20
C VAL D 98 17.19 -0.03 -22.03
N LEU D 99 17.82 0.16 -20.87
CA LEU D 99 18.46 1.43 -20.42
C LEU D 99 19.81 1.66 -21.10
N ASP D 100 20.42 0.63 -21.71
CA ASP D 100 21.83 0.64 -22.17
C ASP D 100 21.97 1.15 -23.60
N LEU D 101 20.87 1.54 -24.26
CA LEU D 101 20.79 1.71 -25.74
C LEU D 101 20.77 3.20 -26.14
N ASP D 102 21.09 4.10 -25.20
CA ASP D 102 21.07 5.57 -25.45
C ASP D 102 19.72 5.95 -26.06
N ILE D 103 18.64 5.74 -25.30
CA ILE D 103 17.25 6.18 -25.65
C ILE D 103 17.04 7.58 -25.06
N GLU D 104 16.24 8.41 -25.72
CA GLU D 104 16.00 9.83 -25.37
C GLU D 104 14.95 9.96 -24.26
N GLY D 105 14.71 8.88 -23.49
CA GLY D 105 13.82 8.85 -22.32
C GLY D 105 13.11 7.52 -22.17
N ILE D 106 12.62 7.21 -20.95
CA ILE D 106 11.70 6.08 -20.65
C ILE D 106 10.56 6.60 -19.76
N VAL D 107 9.32 6.46 -20.23
CA VAL D 107 8.08 6.80 -19.47
C VAL D 107 7.32 5.50 -19.20
N LEU D 108 6.77 5.33 -18.00
CA LEU D 108 5.97 4.13 -17.60
C LEU D 108 4.49 4.41 -17.85
N LYS D 109 3.73 3.36 -18.16
CA LYS D 109 2.25 3.37 -18.26
C LYS D 109 1.68 3.69 -16.88
N GLN D 110 2.05 2.88 -15.88
CA GLN D 110 1.55 2.95 -14.47
C GLN D 110 1.99 4.27 -13.81
N GLY D 111 3.07 4.88 -14.30
CA GLY D 111 3.57 6.21 -13.84
C GLY D 111 2.54 7.30 -14.06
N ALA D 112 2.67 8.41 -13.31
CA ALA D 112 1.72 9.56 -13.28
C ALA D 112 1.53 10.13 -14.68
N PRO D 113 0.40 10.80 -14.97
CA PRO D 113 0.05 11.20 -16.33
C PRO D 113 0.71 12.49 -16.85
N THR D 114 1.51 13.16 -16.02
CA THR D 114 2.31 14.37 -16.38
C THR D 114 3.75 13.95 -16.75
N ASP D 115 4.04 12.65 -16.76
CA ASP D 115 5.40 12.09 -17.03
C ASP D 115 5.75 12.30 -18.52
N LEU D 116 4.88 11.87 -19.43
CA LEU D 116 5.13 11.85 -20.90
C LEU D 116 5.32 13.28 -21.42
N PRO D 117 4.43 14.25 -21.11
CA PRO D 117 4.66 15.65 -21.47
C PRO D 117 5.96 16.25 -20.93
N LYS D 118 6.29 15.95 -19.66
CA LYS D 118 7.53 16.41 -18.97
C LYS D 118 8.76 15.71 -19.56
N ALA D 119 8.60 14.46 -20.00
CA ALA D 119 9.68 13.63 -20.59
C ALA D 119 10.05 14.14 -21.99
N LEU D 120 9.12 14.84 -22.67
CA LEU D 120 9.38 15.56 -23.94
C LEU D 120 10.02 16.92 -23.64
N ALA D 121 9.72 17.50 -22.47
CA ALA D 121 10.32 18.75 -21.95
C ALA D 121 11.78 18.49 -21.53
N ALA D 122 12.09 17.28 -21.05
CA ALA D 122 13.42 16.86 -20.56
C ALA D 122 14.34 16.53 -21.76
N LEU D 123 13.79 15.90 -22.79
CA LEU D 123 14.48 15.65 -24.09
C LEU D 123 14.78 17.00 -24.77
N GLN D 124 13.87 17.97 -24.64
CA GLN D 124 14.02 19.35 -25.19
C GLN D 124 15.26 20.01 -24.58
N LYS D 125 15.41 19.93 -23.26
CA LYS D 125 16.57 20.42 -22.47
C LYS D 125 17.58 19.27 -22.29
N GLY D 126 18.11 18.75 -23.40
CA GLY D 126 19.07 17.62 -23.42
C GLY D 126 18.42 16.33 -22.96
N SER D 135 13.87 12.07 -18.05
CA SER D 135 13.14 12.84 -17.01
C SER D 135 12.90 11.98 -15.77
N ARG D 136 12.06 10.95 -15.89
CA ARG D 136 11.72 9.98 -14.82
C ARG D 136 12.77 8.86 -14.79
N LEU D 137 13.74 8.90 -15.70
CA LEU D 137 14.94 8.02 -15.73
C LEU D 137 15.81 8.28 -14.49
N LEU D 138 16.08 9.56 -14.20
CA LEU D 138 16.84 10.00 -13.01
C LEU D 138 16.19 9.48 -11.73
N GLU D 139 14.86 9.31 -11.74
CA GLU D 139 14.06 8.71 -10.64
C GLU D 139 14.12 7.18 -10.73
N LYS D 140 13.97 6.62 -11.93
CA LYS D 140 13.90 5.16 -12.22
C LYS D 140 15.29 4.53 -12.11
N ILE D 141 16.31 5.15 -12.72
CA ILE D 141 17.72 4.70 -12.72
C ILE D 141 18.28 4.79 -11.29
N SER D 142 17.81 5.75 -10.49
CA SER D 142 18.08 5.87 -9.04
C SER D 142 17.35 4.73 -8.31
N ALA D 143 16.07 4.52 -8.63
CA ALA D 143 15.20 3.47 -8.06
C ALA D 143 15.73 2.07 -8.43
N GLY D 144 16.29 1.93 -9.64
CA GLY D 144 16.82 0.67 -10.20
C GLY D 144 17.94 0.12 -9.31
N GLY D 145 18.97 0.94 -9.06
CA GLY D 145 20.13 0.61 -8.20
C GLY D 145 19.72 0.67 -6.73
N TYR D 146 18.71 -4.59 -5.72
CA TYR D 146 18.68 -5.61 -6.80
C TYR D 146 19.92 -5.45 -7.69
N GLY D 147 21.11 -5.60 -7.09
CA GLY D 147 22.42 -5.60 -7.78
C GLY D 147 22.78 -6.98 -8.29
N ASP D 148 22.28 -8.04 -7.64
CA ASP D 148 22.46 -9.46 -8.01
C ASP D 148 21.38 -9.89 -9.03
N LYS D 149 20.20 -9.26 -8.97
CA LYS D 149 19.03 -9.56 -9.83
C LYS D 149 19.09 -8.75 -11.13
N ARG D 150 20.23 -8.08 -11.40
CA ARG D 150 20.50 -7.34 -12.66
C ARG D 150 20.70 -8.35 -13.80
N LEU D 151 19.92 -8.21 -14.88
CA LEU D 151 20.01 -9.06 -16.10
C LEU D 151 20.80 -8.32 -17.19
N SER D 152 21.11 -9.02 -18.28
CA SER D 152 21.87 -8.52 -19.44
C SER D 152 20.90 -8.06 -20.54
N PRO D 153 21.38 -7.35 -21.58
CA PRO D 153 20.58 -7.05 -22.77
C PRO D 153 19.96 -8.27 -23.46
N LYS D 154 20.61 -9.43 -23.35
CA LYS D 154 20.18 -10.71 -23.97
C LYS D 154 19.15 -11.40 -23.08
N GLU D 155 19.53 -11.72 -21.83
CA GLU D 155 18.72 -12.52 -20.86
C GLU D 155 17.34 -11.90 -20.63
N SER D 156 17.22 -10.57 -20.78
CA SER D 156 15.97 -9.78 -20.61
C SER D 156 15.08 -9.94 -21.85
N GLU D 157 15.67 -9.87 -23.04
CA GLU D 157 14.96 -10.03 -24.34
C GLU D 157 14.60 -11.50 -24.58
N VAL D 158 14.98 -12.40 -23.66
CA VAL D 158 14.53 -13.82 -23.64
C VAL D 158 13.28 -13.93 -22.76
N LEU D 159 13.44 -13.74 -21.45
CA LEU D 159 12.37 -13.91 -20.42
C LEU D 159 11.12 -13.12 -20.82
N ARG D 160 11.28 -11.86 -21.27
CA ARG D 160 10.15 -11.04 -21.77
C ARG D 160 9.35 -11.87 -22.77
N LEU D 161 10.02 -12.38 -23.81
CA LEU D 161 9.41 -13.17 -24.92
C LEU D 161 8.84 -14.48 -24.35
N PHE D 162 9.46 -15.07 -23.34
CA PHE D 162 8.94 -16.26 -22.62
C PHE D 162 7.71 -15.85 -21.80
N ALA D 163 7.87 -14.85 -20.92
CA ALA D 163 6.81 -14.27 -20.07
C ALA D 163 5.59 -13.93 -20.93
N GLU D 164 5.82 -13.21 -22.03
CA GLU D 164 4.84 -12.94 -23.12
C GLU D 164 4.02 -14.20 -23.42
N GLY D 165 4.71 -15.34 -23.56
CA GLY D 165 4.10 -16.67 -23.77
C GLY D 165 4.69 -17.40 -24.97
N PHE D 166 5.70 -16.82 -25.65
CA PHE D 166 6.32 -17.40 -26.87
C PHE D 166 7.26 -18.56 -26.50
N LEU D 167 7.17 -19.67 -27.23
CA LEU D 167 7.96 -20.91 -27.04
C LEU D 167 9.45 -20.63 -27.32
N VAL D 168 10.34 -21.48 -26.78
CA VAL D 168 11.82 -21.31 -26.79
C VAL D 168 12.31 -21.23 -28.25
N THR D 169 11.80 -22.10 -29.13
CA THR D 169 12.15 -22.15 -30.57
C THR D 169 11.61 -20.90 -31.27
N GLU D 170 10.38 -20.49 -30.95
CA GLU D 170 9.69 -19.30 -31.54
C GLU D 170 10.42 -18.01 -31.13
N ILE D 171 11.34 -18.08 -30.16
CA ILE D 171 12.23 -16.95 -29.75
C ILE D 171 13.51 -17.01 -30.58
N ALA D 172 14.18 -18.18 -30.60
CA ALA D 172 15.42 -18.45 -31.36
C ALA D 172 15.22 -18.01 -32.81
N LYS D 173 14.15 -18.49 -33.45
CA LYS D 173 13.76 -18.15 -34.85
C LYS D 173 13.49 -16.64 -34.94
N LYS D 174 12.82 -16.06 -33.93
CA LYS D 174 12.42 -14.64 -33.88
C LYS D 174 13.65 -13.74 -33.71
N LEU D 175 14.63 -14.16 -32.90
CA LEU D 175 15.88 -13.41 -32.60
C LEU D 175 17.04 -13.93 -33.47
N ASN D 176 16.77 -14.91 -34.34
CA ASN D 176 17.75 -15.45 -35.33
C ASN D 176 19.01 -15.89 -34.58
N ARG D 177 18.83 -16.71 -33.53
CA ARG D 177 19.88 -17.48 -32.82
C ARG D 177 19.63 -18.98 -33.07
N SER D 178 20.13 -19.85 -32.20
CA SER D 178 19.78 -21.29 -32.14
C SER D 178 18.92 -21.55 -30.90
N ILE D 179 18.21 -22.68 -30.87
CA ILE D 179 17.47 -23.17 -29.68
C ILE D 179 18.44 -23.28 -28.49
N LYS D 180 19.71 -23.54 -28.79
CA LYS D 180 20.78 -23.77 -27.79
C LYS D 180 21.20 -22.46 -27.12
N THR D 181 21.19 -21.36 -27.88
CA THR D 181 21.54 -19.98 -27.42
C THR D 181 20.55 -19.56 -26.32
N ILE D 182 19.25 -19.69 -26.58
CA ILE D 182 18.15 -19.08 -25.76
C ILE D 182 17.99 -19.85 -24.45
N SER D 183 17.95 -21.18 -24.51
CA SER D 183 17.81 -22.11 -23.35
C SER D 183 18.92 -21.82 -22.33
N SER D 184 20.17 -21.77 -22.80
CA SER D 184 21.40 -21.55 -21.99
C SER D 184 21.26 -20.27 -21.16
N GLN D 185 20.90 -19.16 -21.81
CA GLN D 185 20.75 -17.80 -21.18
C GLN D 185 19.55 -17.80 -20.22
N LYS D 186 18.41 -18.34 -20.66
CA LYS D 186 17.16 -18.44 -19.86
C LYS D 186 17.44 -19.13 -18.52
N LYS D 187 18.14 -20.26 -18.55
CA LYS D 187 18.57 -21.03 -17.37
C LYS D 187 19.47 -20.16 -16.49
N SER D 188 20.39 -19.41 -17.10
CA SER D 188 21.32 -18.45 -16.45
C SER D 188 20.56 -17.24 -15.89
N ALA D 189 19.43 -16.88 -16.51
CA ALA D 189 18.56 -15.75 -16.10
C ALA D 189 17.74 -16.14 -14.87
N MET D 190 17.30 -17.41 -14.80
CA MET D 190 16.55 -17.95 -13.63
C MET D 190 17.52 -18.25 -12.49
N MET D 191 18.81 -18.47 -12.80
CA MET D 191 19.91 -18.58 -11.79
C MET D 191 20.08 -17.23 -11.09
N LYS D 192 20.32 -16.16 -11.88
CA LYS D 192 20.54 -14.78 -11.40
C LYS D 192 19.38 -14.33 -10.51
N LEU D 193 18.13 -14.53 -10.95
CA LEU D 193 16.91 -13.94 -10.34
C LEU D 193 16.38 -14.81 -9.20
N GLY D 194 16.71 -16.11 -9.19
CA GLY D 194 16.42 -17.03 -8.07
C GLY D 194 15.05 -17.66 -8.19
N VAL D 195 14.80 -18.40 -9.28
CA VAL D 195 13.59 -19.24 -9.52
C VAL D 195 14.05 -20.57 -10.13
N GLU D 196 13.44 -21.68 -9.72
CA GLU D 196 13.87 -23.06 -10.10
C GLU D 196 12.90 -23.66 -11.13
N ASN D 197 11.76 -23.00 -11.40
CA ASN D 197 10.70 -23.49 -12.33
C ASN D 197 10.12 -22.30 -13.09
N ASP D 198 9.06 -22.53 -13.88
CA ASP D 198 8.36 -21.51 -14.70
C ASP D 198 7.20 -20.90 -13.91
N ILE D 199 6.66 -21.60 -12.90
CA ILE D 199 5.59 -21.10 -12.01
C ILE D 199 6.14 -19.95 -11.15
N ALA D 200 7.22 -20.21 -10.41
CA ALA D 200 7.95 -19.24 -9.57
C ALA D 200 8.43 -18.06 -10.43
N LEU D 201 8.79 -18.33 -11.68
CA LEU D 201 9.23 -17.31 -12.68
C LEU D 201 8.05 -16.37 -13.01
N LEU D 202 6.86 -16.93 -13.23
CA LEU D 202 5.62 -16.16 -13.55
C LEU D 202 5.13 -15.40 -12.31
N ASN D 203 5.53 -15.83 -11.11
CA ASN D 203 5.23 -15.14 -9.83
C ASN D 203 6.17 -13.93 -9.66
N TYR D 204 7.42 -14.05 -10.11
CA TYR D 204 8.49 -13.02 -9.96
C TYR D 204 8.36 -11.96 -11.06
N LEU D 205 7.71 -12.29 -12.19
CA LEU D 205 7.50 -11.37 -13.34
C LEU D 205 6.27 -10.48 -13.07
N SER D 206 5.29 -11.00 -12.33
CA SER D 206 4.08 -10.26 -11.87
C SER D 206 4.47 -9.32 -10.71
N SER D 207 5.12 -9.86 -9.68
CA SER D 207 5.59 -9.13 -8.49
C SER D 207 6.87 -8.35 -8.83
N VAL D 208 6.77 -7.02 -8.96
CA VAL D 208 7.89 -6.10 -9.28
C VAL D 208 7.42 -4.65 -9.16
N ASN I 3 -1.28 9.44 10.72
CA ASN I 3 -0.68 9.67 9.37
C ASN I 3 -1.75 10.16 8.40
N MET I 4 -1.39 11.11 7.51
CA MET I 4 -2.26 11.73 6.50
C MET I 4 -1.70 11.44 5.10
N ASN I 5 -2.30 12.04 4.06
CA ASN I 5 -1.85 11.96 2.64
C ASN I 5 -1.80 13.39 2.09
N VAL I 6 -0.60 13.90 1.79
CA VAL I 6 -0.33 15.32 1.42
C VAL I 6 -0.08 15.43 -0.08
N ILE I 7 -0.62 16.48 -0.70
CA ILE I 7 -0.32 16.91 -2.11
C ILE I 7 0.41 18.26 -2.04
N ILE I 8 1.33 18.51 -2.98
CA ILE I 8 2.12 19.77 -3.08
C ILE I 8 2.10 20.24 -4.55
N ALA I 9 1.68 21.48 -4.80
CA ALA I 9 1.44 22.04 -6.15
C ALA I 9 2.07 23.44 -6.27
N ASP I 10 3.34 23.51 -6.69
CA ASP I 10 4.10 24.76 -6.89
C ASP I 10 4.78 24.71 -8.27
N ASP I 11 4.70 25.80 -9.05
CA ASP I 11 5.19 25.91 -10.44
C ASP I 11 6.70 25.64 -10.50
N HIS I 12 7.44 26.00 -9.45
CA HIS I 12 8.91 25.79 -9.33
C HIS I 12 9.18 24.44 -8.70
N PRO I 13 9.72 23.44 -9.44
CA PRO I 13 9.99 22.12 -8.88
C PRO I 13 11.16 22.08 -7.89
N ILE I 14 11.97 23.15 -7.84
CA ILE I 14 13.10 23.33 -6.88
C ILE I 14 12.52 23.65 -5.49
N VAL I 15 11.42 24.41 -5.45
CA VAL I 15 10.60 24.67 -4.23
C VAL I 15 9.93 23.35 -3.81
N LEU I 16 9.45 22.59 -4.80
CA LEU I 16 8.70 21.31 -4.62
C LEU I 16 9.62 20.24 -4.01
N PHE I 17 10.91 20.28 -4.37
CA PHE I 17 11.98 19.45 -3.77
C PHE I 17 12.15 19.84 -2.30
N GLY I 18 12.20 21.14 -2.01
CA GLY I 18 12.39 21.71 -0.66
C GLY I 18 11.20 21.43 0.26
N ILE I 19 9.98 21.73 -0.20
CA ILE I 19 8.72 21.47 0.53
C ILE I 19 8.64 19.99 0.93
N ARG I 20 8.83 19.09 -0.03
CA ARG I 20 8.81 17.62 0.14
C ARG I 20 9.82 17.20 1.22
N LYS I 21 11.08 17.65 1.08
CA LYS I 21 12.21 17.32 1.98
C LYS I 21 11.93 17.84 3.39
N SER I 22 11.20 18.96 3.51
CA SER I 22 10.83 19.61 4.79
C SER I 22 9.74 18.81 5.52
N LEU I 23 9.00 17.96 4.79
CA LEU I 23 7.90 17.11 5.34
C LEU I 23 8.41 15.70 5.64
N GLU I 24 9.54 15.29 5.07
CA GLU I 24 10.21 13.99 5.37
C GLU I 24 10.64 13.95 6.83
N GLN I 25 10.95 15.12 7.41
CA GLN I 25 11.38 15.30 8.83
C GLN I 25 10.24 14.85 9.75
N ILE I 26 8.98 15.08 9.36
CA ILE I 26 7.75 14.66 10.09
C ILE I 26 7.44 13.21 9.71
N GLU I 27 7.44 12.31 10.70
CA GLU I 27 7.20 10.85 10.52
C GLU I 27 5.76 10.60 10.09
N GLU I 36 2.66 20.98 -10.67
CA GLU I 36 3.26 22.27 -11.10
C GLU I 36 2.17 23.23 -11.57
N ASP I 37 1.19 22.73 -12.34
CA ASP I 37 0.11 23.54 -12.98
C ASP I 37 -1.24 23.19 -12.34
N SER I 38 -2.28 23.95 -12.70
CA SER I 38 -3.67 23.81 -12.19
C SER I 38 -4.45 22.75 -13.02
N THR I 39 -3.99 22.48 -14.25
CA THR I 39 -4.62 21.51 -15.19
C THR I 39 -4.27 20.08 -14.76
N ALA I 40 -3.05 19.87 -14.26
CA ALA I 40 -2.54 18.56 -13.80
C ALA I 40 -3.12 18.21 -12.42
N LEU I 41 -3.20 19.19 -11.53
CA LEU I 41 -3.67 19.04 -10.12
C LEU I 41 -5.12 18.55 -10.10
N ILE I 42 -5.97 19.11 -10.97
CA ILE I 42 -7.43 18.81 -11.04
C ILE I 42 -7.64 17.40 -11.59
N ASN I 43 -6.84 16.99 -12.59
CA ASN I 43 -6.94 15.68 -13.28
C ASN I 43 -6.79 14.53 -12.27
N ASN I 44 -5.80 14.61 -11.38
CA ASN I 44 -5.41 13.54 -10.42
C ASN I 44 -5.98 13.81 -9.03
N LEU I 45 -6.92 14.76 -8.90
CA LEU I 45 -7.58 15.13 -7.63
C LEU I 45 -8.50 14.00 -7.16
N PRO I 46 -9.36 13.42 -8.03
CA PRO I 46 -10.21 12.30 -7.65
C PRO I 46 -9.44 11.00 -7.39
N LYS I 47 -8.46 10.68 -8.24
CA LYS I 47 -7.69 9.42 -8.26
C LYS I 47 -6.98 9.18 -6.92
N LEU I 48 -6.49 10.25 -6.28
CA LEU I 48 -5.71 10.19 -5.00
C LEU I 48 -6.65 10.49 -3.82
N ASP I 49 -6.45 9.80 -2.69
CA ASP I 49 -7.27 9.92 -1.46
C ASP I 49 -6.49 10.74 -0.43
N ALA I 50 -6.57 12.07 -0.51
CA ALA I 50 -5.81 13.04 0.32
C ALA I 50 -6.73 13.78 1.28
N HIS I 51 -6.16 14.35 2.35
CA HIS I 51 -6.86 15.14 3.40
C HIS I 51 -6.39 16.60 3.36
N VAL I 52 -5.13 16.86 3.00
CA VAL I 52 -4.51 18.22 3.00
C VAL I 52 -3.69 18.42 1.73
N LEU I 53 -3.51 19.68 1.30
CA LEU I 53 -2.83 20.09 0.04
C LEU I 53 -2.13 21.44 0.26
N ILE I 54 -0.88 21.58 -0.22
CA ILE I 54 -0.06 22.82 -0.16
C ILE I 54 0.21 23.30 -1.60
N THR I 55 -0.49 24.35 -2.03
CA THR I 55 -0.43 24.91 -3.42
C THR I 55 0.00 26.38 -3.38
N ASP I 56 0.66 26.84 -4.46
CA ASP I 56 1.06 28.26 -4.67
C ASP I 56 -0.03 28.94 -5.52
N LEU I 57 -0.33 30.21 -5.21
CA LEU I 57 -1.39 31.02 -5.86
C LEU I 57 -1.04 31.24 -7.34
N SER I 58 0.08 31.91 -7.61
CA SER I 58 0.55 32.28 -8.97
C SER I 58 1.22 31.08 -9.65
N MET I 59 0.44 30.31 -10.41
CA MET I 59 0.88 29.12 -11.18
C MET I 59 0.25 29.16 -12.57
N PRO I 60 0.76 28.40 -13.56
CA PRO I 60 0.19 28.39 -14.91
C PRO I 60 -1.04 27.48 -15.04
N GLY I 61 -2.00 27.88 -15.88
CA GLY I 61 -3.26 27.16 -16.11
C GLY I 61 -3.98 27.62 -17.37
N ASP I 62 -4.22 26.71 -18.31
CA ASP I 62 -4.93 26.98 -19.58
C ASP I 62 -6.43 26.66 -19.43
N LYS I 63 -6.74 25.55 -18.76
CA LYS I 63 -8.13 25.04 -18.53
C LYS I 63 -8.77 25.80 -17.37
N TYR I 64 -8.12 25.79 -16.20
CA TYR I 64 -8.61 26.42 -14.94
C TYR I 64 -7.70 27.61 -14.59
N GLY I 65 -8.25 28.59 -13.88
CA GLY I 65 -7.65 29.92 -13.63
C GLY I 65 -6.46 29.86 -12.68
N ASP I 66 -5.88 31.04 -12.38
CA ASP I 66 -4.68 31.21 -11.52
C ASP I 66 -5.08 31.95 -10.23
N GLY I 67 -4.75 31.37 -9.08
CA GLY I 67 -4.88 32.01 -7.75
C GLY I 67 -6.27 31.86 -7.15
N ILE I 68 -6.92 32.98 -6.84
CA ILE I 68 -8.22 33.05 -6.10
C ILE I 68 -9.30 32.28 -6.89
N THR I 69 -9.30 32.39 -8.21
CA THR I 69 -10.24 31.70 -9.14
C THR I 69 -10.19 30.18 -8.91
N LEU I 70 -8.98 29.63 -8.69
CA LEU I 70 -8.72 28.17 -8.56
C LEU I 70 -9.10 27.69 -7.16
N ILE I 71 -8.80 28.48 -6.12
CA ILE I 71 -9.08 28.14 -4.68
C ILE I 71 -10.61 28.02 -4.50
N LYS I 72 -11.38 28.85 -5.21
CA LYS I 72 -12.87 28.82 -5.24
C LYS I 72 -13.34 27.53 -5.93
N TYR I 73 -12.67 27.13 -7.01
CA TYR I 73 -12.98 25.91 -7.81
C TYR I 73 -12.69 24.66 -6.98
N ILE I 74 -11.56 24.63 -6.27
CA ILE I 74 -11.12 23.46 -5.43
C ILE I 74 -12.08 23.32 -4.25
N LYS I 75 -12.40 24.42 -3.56
CA LYS I 75 -13.32 24.47 -2.40
C LYS I 75 -14.71 23.97 -2.80
N ARG I 76 -15.12 24.23 -4.05
CA ARG I 76 -16.44 23.82 -4.62
C ARG I 76 -16.43 22.32 -4.97
N HIS I 77 -15.44 21.89 -5.76
CA HIS I 77 -15.36 20.53 -6.37
C HIS I 77 -14.74 19.53 -5.38
N PHE I 78 -13.74 19.95 -4.61
CA PHE I 78 -13.02 19.14 -3.60
C PHE I 78 -13.16 19.79 -2.23
N PRO I 79 -14.38 19.80 -1.62
CA PRO I 79 -14.62 20.51 -0.37
C PRO I 79 -14.04 19.81 0.88
N SER I 80 -14.00 18.49 0.87
CA SER I 80 -13.49 17.63 1.97
C SER I 80 -11.99 17.92 2.23
N LEU I 81 -11.24 18.19 1.16
CA LEU I 81 -9.77 18.45 1.20
C LEU I 81 -9.50 19.79 1.89
N SER I 82 -8.79 19.76 3.02
CA SER I 82 -8.28 20.96 3.74
C SER I 82 -7.17 21.60 2.92
N ILE I 83 -7.21 22.93 2.75
CA ILE I 83 -6.28 23.70 1.86
C ILE I 83 -5.44 24.66 2.73
N ILE I 84 -4.11 24.62 2.53
CA ILE I 84 -3.14 25.65 3.03
C ILE I 84 -2.45 26.27 1.81
N VAL I 85 -2.24 27.60 1.84
CA VAL I 85 -1.61 28.38 0.74
C VAL I 85 -0.14 28.62 1.09
N LEU I 86 0.74 28.48 0.10
CA LEU I 86 2.21 28.73 0.20
C LEU I 86 2.65 29.54 -1.04
N THR I 87 2.74 30.86 -0.90
CA THR I 87 2.95 31.82 -2.01
C THR I 87 4.09 32.80 -1.69
N MET I 88 4.66 33.41 -2.72
CA MET I 88 5.68 34.50 -2.64
C MET I 88 4.97 35.85 -2.50
N ASN I 89 3.65 35.87 -2.63
CA ASN I 89 2.80 37.10 -2.69
C ASN I 89 2.91 37.87 -1.37
N ASN I 90 3.29 39.15 -1.45
CA ASN I 90 3.39 40.10 -0.32
C ASN I 90 2.43 41.27 -0.55
N ASN I 91 1.26 40.97 -1.15
CA ASN I 91 0.21 41.97 -1.50
C ASN I 91 -0.91 41.87 -0.47
N PRO I 92 -1.07 42.88 0.43
CA PRO I 92 -2.17 42.88 1.40
C PRO I 92 -3.56 42.70 0.76
N ALA I 93 -3.84 43.44 -0.32
CA ALA I 93 -5.14 43.48 -1.02
C ALA I 93 -5.55 42.07 -1.49
N ILE I 94 -4.60 41.32 -2.07
CA ILE I 94 -4.84 39.92 -2.56
C ILE I 94 -4.97 39.01 -1.34
N LEU I 95 -3.93 38.95 -0.49
CA LEU I 95 -3.89 38.12 0.74
C LEU I 95 -5.19 38.30 1.54
N SER I 96 -5.70 39.54 1.60
CA SER I 96 -6.99 39.91 2.25
C SER I 96 -8.14 39.14 1.61
N ALA I 97 -8.25 39.18 0.28
CA ALA I 97 -9.30 38.52 -0.52
C ALA I 97 -9.15 37.00 -0.46
N VAL I 98 -7.91 36.51 -0.30
CA VAL I 98 -7.57 35.05 -0.25
C VAL I 98 -8.03 34.47 1.08
N LEU I 99 -7.84 35.18 2.19
CA LEU I 99 -8.16 34.74 3.56
C LEU I 99 -9.67 34.55 3.73
N ASP I 100 -10.48 35.28 2.94
CA ASP I 100 -11.97 35.29 3.03
C ASP I 100 -12.57 34.17 2.17
N LEU I 101 -11.73 33.41 1.45
CA LEU I 101 -12.14 32.27 0.57
C LEU I 101 -12.21 30.97 1.40
N ASP I 102 -12.10 31.08 2.74
CA ASP I 102 -12.29 29.96 3.71
C ASP I 102 -11.29 28.82 3.52
N ILE I 103 -10.02 29.17 3.26
CA ILE I 103 -8.85 28.23 3.31
C ILE I 103 -8.46 28.04 4.77
N GLU I 104 -7.99 26.84 5.14
CA GLU I 104 -7.71 26.43 6.54
C GLU I 104 -6.61 27.30 7.15
N GLY I 105 -5.62 27.73 6.35
CA GLY I 105 -4.52 28.62 6.82
C GLY I 105 -3.61 29.04 5.68
N ILE I 106 -2.87 30.13 5.85
CA ILE I 106 -1.90 30.68 4.85
C ILE I 106 -0.50 30.75 5.46
N VAL I 107 0.50 30.23 4.75
CA VAL I 107 1.96 30.46 4.99
C VAL I 107 2.50 31.21 3.77
N LEU I 108 3.57 32.00 3.96
CA LEU I 108 4.26 32.74 2.88
C LEU I 108 5.65 32.14 2.66
N LYS I 109 6.19 32.23 1.44
CA LYS I 109 7.53 31.73 1.07
C LYS I 109 8.61 32.54 1.81
N GLN I 110 8.42 33.86 1.92
CA GLN I 110 9.39 34.81 2.55
C GLN I 110 9.43 34.59 4.07
N GLY I 111 8.39 33.97 4.65
CA GLY I 111 8.30 33.65 6.09
C GLY I 111 9.33 32.61 6.50
N ALA I 112 9.65 32.55 7.80
CA ALA I 112 10.64 31.64 8.42
C ALA I 112 10.33 30.20 8.02
N PRO I 113 11.33 29.28 8.03
CA PRO I 113 11.14 27.92 7.51
C PRO I 113 10.25 27.03 8.40
N THR I 114 10.15 27.37 9.69
CA THR I 114 9.37 26.63 10.71
C THR I 114 7.93 27.17 10.80
N ASP I 115 7.53 28.03 9.86
CA ASP I 115 6.13 28.54 9.74
C ASP I 115 5.23 27.42 9.20
N LEU I 116 5.71 26.67 8.20
CA LEU I 116 4.96 25.57 7.53
C LEU I 116 4.75 24.41 8.51
N PRO I 117 5.80 23.87 9.17
CA PRO I 117 5.60 22.88 10.23
C PRO I 117 4.57 23.28 11.31
N LYS I 118 4.60 24.53 11.75
CA LYS I 118 3.67 25.09 12.77
C LYS I 118 2.25 25.14 12.21
N ALA I 119 2.12 25.46 10.91
CA ALA I 119 0.84 25.50 10.16
C ALA I 119 0.22 24.10 10.07
N LEU I 120 1.07 23.07 9.89
CA LEU I 120 0.67 21.64 9.85
C LEU I 120 0.42 21.13 11.28
N ALA I 121 1.23 21.59 12.25
CA ALA I 121 1.11 21.27 13.69
C ALA I 121 -0.24 21.79 14.23
N ALA I 122 -0.75 22.88 13.66
CA ALA I 122 -2.09 23.46 13.95
C ALA I 122 -3.17 22.55 13.35
N LEU I 123 -2.99 22.13 12.10
CA LEU I 123 -3.91 21.21 11.37
C LEU I 123 -3.90 19.83 12.05
N GLN I 124 -2.76 19.43 12.63
CA GLN I 124 -2.57 18.16 13.36
C GLN I 124 -3.42 18.16 14.63
N ARG I 150 -9.23 48.69 15.99
CA ARG I 150 -10.32 48.49 15.01
C ARG I 150 -10.22 49.52 13.88
N LEU I 151 -9.99 49.04 12.64
CA LEU I 151 -9.90 49.90 11.42
C LEU I 151 -11.29 50.50 11.13
N SER I 152 -11.31 51.73 10.62
CA SER I 152 -12.55 52.54 10.38
C SER I 152 -12.96 52.44 8.91
N PRO I 153 -14.17 52.89 8.52
CA PRO I 153 -14.65 52.78 7.15
C PRO I 153 -13.81 53.52 6.09
N LYS I 154 -13.16 54.62 6.47
CA LYS I 154 -12.34 55.48 5.55
C LYS I 154 -10.91 54.92 5.46
N GLU I 155 -10.35 54.49 6.59
CA GLU I 155 -8.97 53.93 6.70
C GLU I 155 -8.84 52.70 5.79
N SER I 156 -9.76 51.73 5.91
CA SER I 156 -9.83 50.48 5.12
C SER I 156 -9.93 50.81 3.62
N GLU I 157 -10.72 51.84 3.29
CA GLU I 157 -11.01 52.28 1.90
C GLU I 157 -9.71 52.82 1.27
N VAL I 158 -8.83 53.43 2.08
CA VAL I 158 -7.51 53.99 1.67
C VAL I 158 -6.57 52.81 1.36
N LEU I 159 -6.37 51.91 2.33
CA LEU I 159 -5.42 50.77 2.27
C LEU I 159 -5.74 49.86 1.08
N ARG I 160 -7.02 49.74 0.71
CA ARG I 160 -7.50 48.96 -0.47
C ARG I 160 -7.00 49.61 -1.76
N LEU I 161 -7.16 50.93 -1.87
CA LEU I 161 -6.83 51.72 -3.09
C LEU I 161 -5.31 51.84 -3.25
N PHE I 162 -4.57 51.97 -2.16
CA PHE I 162 -3.08 52.07 -2.15
C PHE I 162 -2.47 50.78 -2.71
N ALA I 163 -3.01 49.62 -2.31
CA ALA I 163 -2.56 48.27 -2.74
C ALA I 163 -2.89 48.07 -4.22
N GLU I 164 -4.05 48.54 -4.68
CA GLU I 164 -4.49 48.49 -6.11
C GLU I 164 -3.44 49.18 -7.00
N GLY I 165 -2.72 50.16 -6.46
CA GLY I 165 -1.63 50.89 -7.15
C GLY I 165 -1.70 52.39 -6.92
N PHE I 166 -2.89 52.93 -6.65
CA PHE I 166 -3.20 54.38 -6.54
C PHE I 166 -2.20 55.08 -5.59
N LEU I 167 -1.74 56.27 -5.99
CA LEU I 167 -0.89 57.18 -5.16
C LEU I 167 -1.76 57.83 -4.08
N VAL I 168 -1.14 58.58 -3.17
CA VAL I 168 -1.84 59.25 -2.02
C VAL I 168 -2.56 60.50 -2.54
N THR I 169 -1.96 61.24 -3.47
CA THR I 169 -2.51 62.47 -4.10
C THR I 169 -3.77 62.13 -4.92
N GLU I 170 -3.74 61.02 -5.67
CA GLU I 170 -4.85 60.58 -6.56
C GLU I 170 -6.02 60.05 -5.71
N ILE I 171 -5.73 59.53 -4.51
CA ILE I 171 -6.76 59.06 -3.53
C ILE I 171 -7.43 60.29 -2.89
N ALA I 172 -6.65 61.31 -2.53
CA ALA I 172 -7.12 62.62 -2.03
C ALA I 172 -8.07 63.23 -3.08
N LYS I 173 -7.68 63.14 -4.36
CA LYS I 173 -8.51 63.52 -5.54
C LYS I 173 -9.76 62.63 -5.61
N LYS I 174 -9.56 61.30 -5.52
CA LYS I 174 -10.61 60.26 -5.71
C LYS I 174 -11.62 60.27 -4.57
N LEU I 175 -11.19 60.59 -3.34
CA LEU I 175 -12.04 60.56 -2.12
C LEU I 175 -12.13 61.96 -1.49
N ASN I 176 -12.13 63.02 -2.33
CA ASN I 176 -12.60 64.39 -1.99
C ASN I 176 -12.05 64.85 -0.64
N ARG I 177 -10.77 65.24 -0.60
CA ARG I 177 -10.09 65.82 0.58
C ARG I 177 -8.66 66.25 0.21
N SER I 178 -7.93 66.80 1.18
CA SER I 178 -6.49 67.17 1.06
C SER I 178 -5.62 65.93 1.30
N ILE I 179 -4.34 65.99 0.89
CA ILE I 179 -3.32 64.92 1.08
C ILE I 179 -3.04 64.74 2.58
N LYS I 180 -3.24 65.81 3.36
CA LYS I 180 -3.08 65.83 4.84
C LYS I 180 -4.04 64.83 5.49
N THR I 181 -5.30 64.79 5.05
CA THR I 181 -6.38 63.94 5.63
C THR I 181 -6.07 62.47 5.34
N ILE I 182 -5.64 62.15 4.12
CA ILE I 182 -5.39 60.76 3.63
C ILE I 182 -4.19 60.18 4.41
N SER I 183 -3.08 60.93 4.43
CA SER I 183 -1.82 60.58 5.15
C SER I 183 -2.11 60.27 6.62
N SER I 184 -2.97 61.08 7.26
CA SER I 184 -3.41 60.95 8.67
C SER I 184 -4.12 59.61 8.88
N GLN I 185 -5.07 59.29 7.99
CA GLN I 185 -5.91 58.05 8.06
C GLN I 185 -5.06 56.84 7.67
N LYS I 186 -4.13 56.99 6.72
CA LYS I 186 -3.17 55.95 6.28
C LYS I 186 -2.23 55.61 7.45
N LYS I 187 -1.61 56.64 8.04
CA LYS I 187 -0.70 56.55 9.22
C LYS I 187 -1.47 56.00 10.42
N SER I 188 -2.72 56.44 10.61
CA SER I 188 -3.64 55.99 11.69
C SER I 188 -3.87 54.47 11.60
N ALA I 189 -4.00 53.95 10.38
CA ALA I 189 -4.26 52.52 10.08
C ALA I 189 -2.98 51.70 10.31
N MET I 190 -1.80 52.31 10.10
CA MET I 190 -0.47 51.66 10.30
C MET I 190 -0.24 51.40 11.81
N MET I 191 -0.67 52.32 12.67
CA MET I 191 -0.55 52.21 14.15
C MET I 191 -1.33 50.98 14.64
N LYS I 192 -2.59 50.86 14.21
CA LYS I 192 -3.55 49.80 14.65
C LYS I 192 -3.04 48.42 14.22
N LEU I 193 -2.69 48.26 12.94
CA LEU I 193 -2.16 46.98 12.37
C LEU I 193 -0.87 46.58 13.12
N GLY I 194 0.09 47.50 13.20
CA GLY I 194 1.40 47.28 13.84
C GLY I 194 2.56 47.63 12.92
N VAL I 195 2.29 47.74 11.61
CA VAL I 195 3.31 48.03 10.54
C VAL I 195 3.91 49.42 10.79
N GLU I 196 5.14 49.65 10.29
CA GLU I 196 5.94 50.87 10.57
C GLU I 196 6.07 51.71 9.30
N ASN I 197 6.37 51.09 8.15
CA ASN I 197 6.64 51.78 6.85
C ASN I 197 5.81 51.13 5.73
N ASP I 198 6.00 51.60 4.49
CA ASP I 198 5.20 51.24 3.28
C ASP I 198 5.35 49.75 2.97
N ILE I 199 6.60 49.26 2.88
CA ILE I 199 6.93 47.85 2.53
C ILE I 199 6.34 46.90 3.58
N ALA I 200 6.31 47.32 4.85
CA ALA I 200 5.73 46.57 5.99
C ALA I 200 4.20 46.49 5.85
N LEU I 201 3.57 47.54 5.35
CA LEU I 201 2.10 47.61 5.09
C LEU I 201 1.73 46.59 4.00
N ASN J 2 38.22 19.73 -8.16
CA ASN J 2 38.77 20.23 -6.87
C ASN J 2 37.63 20.51 -5.88
N ASN J 3 37.97 20.84 -4.63
CA ASN J 3 37.02 21.14 -3.53
C ASN J 3 36.53 22.59 -3.68
N MET J 4 35.27 22.77 -4.10
CA MET J 4 34.60 24.08 -4.24
C MET J 4 33.81 24.39 -2.97
N ASN J 5 33.78 25.67 -2.57
CA ASN J 5 33.05 26.19 -1.37
C ASN J 5 31.97 27.15 -1.87
N VAL J 6 30.70 26.85 -1.57
CA VAL J 6 29.50 27.46 -2.22
C VAL J 6 28.73 28.31 -1.21
N ILE J 7 28.21 29.46 -1.67
CA ILE J 7 27.26 30.34 -0.93
C ILE J 7 25.92 30.32 -1.68
N ILE J 8 24.81 30.31 -0.93
CA ILE J 8 23.42 30.29 -1.49
C ILE J 8 22.67 31.52 -0.95
N ALA J 9 22.03 32.29 -1.84
CA ALA J 9 21.28 33.53 -1.52
C ALA J 9 19.91 33.50 -2.20
N ASP J 10 18.84 33.54 -1.41
CA ASP J 10 17.43 33.62 -1.87
C ASP J 10 16.58 34.26 -0.78
N ASP J 11 15.61 35.08 -1.17
CA ASP J 11 14.70 35.83 -0.26
C ASP J 11 13.76 34.85 0.48
N HIS J 12 13.56 33.65 -0.06
CA HIS J 12 12.67 32.59 0.50
C HIS J 12 13.50 31.44 1.06
N PRO J 13 13.42 31.15 2.38
CA PRO J 13 14.16 30.03 2.97
C PRO J 13 13.71 28.63 2.52
N ILE J 14 12.51 28.51 1.94
CA ILE J 14 11.94 27.25 1.40
C ILE J 14 12.71 26.82 0.15
N VAL J 15 13.13 27.80 -0.67
CA VAL J 15 14.05 27.60 -1.84
C VAL J 15 15.45 27.27 -1.32
N LEU J 16 15.85 27.91 -0.22
CA LEU J 16 17.22 27.86 0.37
C LEU J 16 17.48 26.45 0.92
N PHE J 17 16.52 25.88 1.65
CA PHE J 17 16.56 24.50 2.22
C PHE J 17 16.55 23.47 1.07
N GLY J 18 15.82 23.78 0.00
CA GLY J 18 15.67 22.91 -1.20
C GLY J 18 16.99 22.69 -1.91
N ILE J 19 17.84 23.73 -2.01
CA ILE J 19 19.15 23.70 -2.71
C ILE J 19 20.18 22.97 -1.83
N ARG J 20 20.27 23.36 -0.55
CA ARG J 20 21.19 22.78 0.45
C ARG J 20 21.07 21.26 0.48
N LYS J 21 19.85 20.74 0.35
CA LYS J 21 19.52 19.30 0.25
C LYS J 21 20.11 18.71 -1.03
N SER J 22 20.01 19.44 -2.14
CA SER J 22 20.42 19.00 -3.51
C SER J 22 21.96 18.99 -3.65
N LEU J 23 22.67 19.77 -2.84
CA LEU J 23 24.16 19.91 -2.91
C LEU J 23 24.83 19.06 -1.83
N GLU J 24 24.04 18.32 -1.03
CA GLU J 24 24.54 17.27 -0.10
C GLU J 24 24.97 16.04 -0.92
N GLN J 25 24.30 15.81 -2.04
CA GLN J 25 24.48 14.62 -2.92
C GLN J 25 25.89 14.66 -3.54
N ILE J 26 26.37 15.86 -3.89
CA ILE J 26 27.72 16.07 -4.51
C ILE J 26 28.75 16.11 -3.37
N GLU J 27 29.67 15.15 -3.35
CA GLU J 27 30.66 14.90 -2.26
C GLU J 27 31.63 16.08 -2.15
N TRP J 28 32.22 16.51 -3.28
CA TRP J 28 33.29 17.53 -3.35
C TRP J 28 32.76 18.93 -3.02
N VAL J 29 31.44 19.14 -3.12
CA VAL J 29 30.78 20.46 -2.85
C VAL J 29 30.67 20.65 -1.33
N ASN J 30 30.87 21.90 -0.87
CA ASN J 30 30.81 22.31 0.55
C ASN J 30 30.07 23.67 0.65
N VAL J 31 28.90 23.69 1.29
CA VAL J 31 28.06 24.90 1.47
C VAL J 31 28.53 25.65 2.73
N VAL J 32 29.03 26.87 2.56
CA VAL J 32 29.75 27.65 3.63
C VAL J 32 28.91 28.87 4.07
N GLY J 33 27.68 29.02 3.56
CA GLY J 33 26.80 30.15 3.92
C GLY J 33 25.45 30.09 3.22
N GLU J 34 24.39 30.53 3.92
CA GLU J 34 23.00 30.66 3.40
C GLU J 34 22.41 31.99 3.90
N PHE J 35 22.30 32.98 3.01
CA PHE J 35 21.87 34.37 3.31
C PHE J 35 20.54 34.66 2.60
N GLU J 36 19.86 35.74 3.00
CA GLU J 36 18.51 36.13 2.49
C GLU J 36 18.43 37.64 2.23
N ASP J 37 19.56 38.29 1.94
CA ASP J 37 19.64 39.72 1.54
C ASP J 37 21.07 40.06 1.13
N SER J 38 21.23 41.14 0.36
CA SER J 38 22.53 41.63 -0.17
C SER J 38 23.43 42.09 0.99
N THR J 39 22.88 42.87 1.91
CA THR J 39 23.61 43.52 3.05
C THR J 39 24.32 42.47 3.90
N ALA J 40 23.72 41.29 4.09
CA ALA J 40 24.28 40.16 4.88
C ALA J 40 25.33 39.42 4.04
N LEU J 41 24.98 39.07 2.80
CA LEU J 41 25.88 38.38 1.82
C LEU J 41 27.19 39.15 1.68
N ILE J 42 27.11 40.46 1.43
CA ILE J 42 28.27 41.36 1.16
C ILE J 42 29.16 41.43 2.41
N ASN J 43 28.56 41.45 3.61
CA ASN J 43 29.27 41.66 4.90
C ASN J 43 30.14 40.45 5.25
N ASN J 44 29.61 39.23 5.07
CA ASN J 44 30.28 37.96 5.49
C ASN J 44 30.94 37.26 4.29
N LEU J 45 30.94 37.89 3.11
CA LEU J 45 31.63 37.38 1.89
C LEU J 45 33.14 37.33 2.13
N PRO J 46 33.77 38.41 2.66
CA PRO J 46 35.22 38.42 2.86
C PRO J 46 35.68 37.33 3.85
N LYS J 47 35.02 37.24 5.00
CA LYS J 47 35.32 36.30 6.11
C LYS J 47 35.32 34.85 5.59
N LEU J 48 34.39 34.53 4.69
CA LEU J 48 34.21 33.17 4.10
C LEU J 48 35.01 33.05 2.79
N ASP J 49 35.79 31.97 2.66
CA ASP J 49 36.49 31.58 1.39
C ASP J 49 35.50 30.79 0.53
N ALA J 50 35.03 31.37 -0.58
CA ALA J 50 34.05 30.78 -1.51
C ALA J 50 34.53 30.93 -2.96
N HIS J 51 34.59 29.82 -3.70
CA HIS J 51 34.99 29.78 -5.14
C HIS J 51 33.80 30.18 -6.02
N VAL J 52 32.60 29.70 -5.71
CA VAL J 52 31.37 29.88 -6.52
C VAL J 52 30.21 30.32 -5.61
N LEU J 53 29.27 31.10 -6.17
CA LEU J 53 28.07 31.63 -5.47
C LEU J 53 26.82 31.29 -6.30
N ILE J 54 25.69 31.02 -5.62
CA ILE J 54 24.36 30.80 -6.24
C ILE J 54 23.38 31.81 -5.61
N THR J 55 22.92 32.79 -6.39
CA THR J 55 22.10 33.94 -5.91
C THR J 55 20.75 33.98 -6.64
N ASP J 56 19.92 34.97 -6.28
CA ASP J 56 18.61 35.26 -6.91
C ASP J 56 18.56 36.76 -7.24
N LEU J 57 17.92 37.12 -8.35
CA LEU J 57 17.82 38.51 -8.88
C LEU J 57 16.90 39.34 -7.97
N SER J 58 15.64 38.94 -7.85
CA SER J 58 14.57 39.66 -7.09
C SER J 58 14.72 39.37 -5.59
N MET J 59 15.44 40.25 -4.86
CA MET J 59 15.73 40.11 -3.41
C MET J 59 15.65 41.48 -2.74
N PRO J 60 15.49 41.56 -1.39
CA PRO J 60 15.49 42.83 -0.67
C PRO J 60 16.90 43.26 -0.23
N GLY J 61 17.32 44.47 -0.62
CA GLY J 61 18.64 45.04 -0.30
C GLY J 61 18.63 46.55 -0.32
N ASP J 62 18.57 47.18 0.86
CA ASP J 62 18.52 48.65 1.03
C ASP J 62 19.91 49.24 0.75
N LYS J 63 20.97 48.50 1.09
CA LYS J 63 22.38 48.96 1.06
C LYS J 63 22.98 48.82 -0.34
N TYR J 64 23.26 47.59 -0.77
CA TYR J 64 24.10 47.26 -1.96
C TYR J 64 23.22 46.97 -3.19
N GLY J 65 21.90 46.97 -3.03
CA GLY J 65 20.94 46.76 -4.14
C GLY J 65 20.75 45.29 -4.47
N ASP J 66 19.80 44.99 -5.37
CA ASP J 66 19.46 43.62 -5.83
C ASP J 66 19.48 43.59 -7.37
N GLY J 67 19.81 42.43 -7.95
CA GLY J 67 19.89 42.22 -9.41
C GLY J 67 21.23 42.68 -9.97
N ILE J 68 21.22 43.23 -11.18
CA ILE J 68 22.43 43.54 -12.01
C ILE J 68 23.35 44.50 -11.25
N THR J 69 22.80 45.51 -10.58
CA THR J 69 23.54 46.53 -9.77
C THR J 69 24.39 45.82 -8.70
N LEU J 70 23.88 44.72 -8.14
CA LEU J 70 24.57 43.89 -7.11
C LEU J 70 25.58 42.96 -7.78
N ILE J 71 25.17 42.29 -8.87
CA ILE J 71 26.02 41.31 -9.62
C ILE J 71 27.29 42.01 -10.13
N LYS J 72 27.17 43.29 -10.52
CA LYS J 72 28.31 44.16 -10.91
C LYS J 72 29.16 44.49 -9.68
N TYR J 73 28.52 44.81 -8.55
CA TYR J 73 29.17 45.20 -7.27
C TYR J 73 29.90 43.99 -6.66
N ILE J 74 29.33 42.79 -6.80
CA ILE J 74 29.95 41.50 -6.37
C ILE J 74 31.21 41.27 -7.22
N LYS J 75 31.11 41.46 -8.54
CA LYS J 75 32.19 41.24 -9.53
C LYS J 75 33.32 42.25 -9.34
N ARG J 76 33.00 43.46 -8.88
CA ARG J 76 33.94 44.60 -8.73
C ARG J 76 34.81 44.41 -7.48
N HIS J 77 34.19 44.10 -6.33
CA HIS J 77 34.83 44.01 -5.00
C HIS J 77 35.15 42.55 -4.63
N PHE J 78 34.67 41.58 -5.42
CA PHE J 78 34.97 40.13 -5.28
C PHE J 78 35.09 39.49 -6.66
N PRO J 79 36.12 39.84 -7.45
CA PRO J 79 36.30 39.26 -8.79
C PRO J 79 36.74 37.78 -8.75
N SER J 80 37.33 37.35 -7.62
CA SER J 80 37.78 35.96 -7.36
C SER J 80 36.60 34.98 -7.47
N LEU J 81 35.40 35.44 -7.09
CA LEU J 81 34.16 34.63 -6.96
C LEU J 81 33.52 34.42 -8.35
N SER J 82 33.13 33.17 -8.64
CA SER J 82 32.27 32.78 -9.79
C SER J 82 30.80 32.84 -9.34
N ILE J 83 29.90 33.34 -10.19
CA ILE J 83 28.49 33.67 -9.82
C ILE J 83 27.52 32.93 -10.75
N ILE J 84 26.62 32.13 -10.17
CA ILE J 84 25.42 31.55 -10.86
C ILE J 84 24.19 32.33 -10.40
N VAL J 85 23.29 32.67 -11.33
CA VAL J 85 21.99 33.36 -11.05
C VAL J 85 20.86 32.32 -11.14
N LEU J 86 20.05 32.23 -10.09
CA LEU J 86 18.89 31.28 -9.97
C LEU J 86 17.65 32.08 -9.58
N THR J 87 16.77 32.37 -10.55
CA THR J 87 15.70 33.39 -10.46
C THR J 87 14.33 32.79 -10.83
N MET J 88 13.27 33.32 -10.22
CA MET J 88 11.86 33.02 -10.53
C MET J 88 11.42 33.79 -11.79
N ASN J 89 12.19 34.82 -12.16
CA ASN J 89 11.94 35.69 -13.35
C ASN J 89 12.02 34.84 -14.61
N ASN J 90 11.17 35.14 -15.61
CA ASN J 90 11.08 34.42 -16.91
C ASN J 90 10.86 35.43 -18.04
N ASN J 91 11.40 36.64 -17.90
CA ASN J 91 11.31 37.73 -18.91
C ASN J 91 12.57 37.69 -19.78
N PRO J 92 12.43 37.52 -21.12
CA PRO J 92 13.60 37.47 -22.01
C PRO J 92 14.42 38.78 -22.00
N ALA J 93 13.74 39.92 -21.87
CA ALA J 93 14.34 41.29 -21.89
C ALA J 93 15.19 41.51 -20.64
N ILE J 94 14.79 40.95 -19.50
CA ILE J 94 15.56 41.00 -18.21
C ILE J 94 16.79 40.10 -18.37
N LEU J 95 16.57 38.82 -18.67
CA LEU J 95 17.61 37.79 -18.88
C LEU J 95 18.65 38.29 -19.88
N SER J 96 18.18 38.78 -21.04
CA SER J 96 18.99 39.36 -22.15
C SER J 96 20.19 40.15 -21.61
N ALA J 97 19.96 41.06 -20.66
CA ALA J 97 20.97 41.98 -20.08
C ALA J 97 21.79 41.26 -18.99
N VAL J 98 21.16 40.34 -18.24
CA VAL J 98 21.78 39.59 -17.11
C VAL J 98 22.93 38.71 -17.64
N LEU J 99 22.75 38.12 -18.82
CA LEU J 99 23.67 37.11 -19.43
C LEU J 99 25.05 37.75 -19.68
N ASP J 100 25.09 39.02 -20.10
CA ASP J 100 26.30 39.70 -20.61
C ASP J 100 27.05 40.44 -19.48
N LEU J 101 27.00 39.91 -18.25
CA LEU J 101 27.70 40.47 -17.06
C LEU J 101 28.75 39.47 -16.57
N ASP J 102 29.20 38.58 -17.47
CA ASP J 102 30.22 37.52 -17.23
C ASP J 102 29.88 36.76 -15.94
N ILE J 103 28.61 36.37 -15.78
CA ILE J 103 28.13 35.38 -14.77
C ILE J 103 28.57 33.99 -15.25
N GLU J 104 28.81 33.06 -14.31
CA GLU J 104 29.27 31.68 -14.58
C GLU J 104 28.17 30.88 -15.31
N GLY J 105 26.91 31.09 -14.91
CA GLY J 105 25.74 30.44 -15.55
C GLY J 105 24.43 31.07 -15.15
N ILE J 106 23.32 30.60 -15.75
CA ILE J 106 21.92 30.88 -15.32
C ILE J 106 21.17 29.54 -15.26
N VAL J 107 20.62 29.21 -14.09
CA VAL J 107 19.60 28.12 -13.89
C VAL J 107 18.28 28.80 -13.55
N LEU J 108 17.20 28.46 -14.26
CA LEU J 108 15.84 29.01 -14.02
C LEU J 108 15.21 28.27 -12.83
N LYS J 109 14.35 28.96 -12.08
CA LYS J 109 13.57 28.41 -10.95
C LYS J 109 12.47 27.48 -11.50
N GLN J 110 11.90 27.83 -12.66
CA GLN J 110 10.85 27.04 -13.36
C GLN J 110 11.51 25.98 -14.27
N GLY J 111 12.83 25.86 -14.23
CA GLY J 111 13.60 24.80 -14.91
C GLY J 111 13.64 23.51 -14.10
N ALA J 112 14.14 22.42 -14.71
CA ALA J 112 14.23 21.07 -14.10
C ALA J 112 15.21 21.09 -12.93
N PRO J 113 15.04 20.19 -11.93
CA PRO J 113 15.86 20.24 -10.71
C PRO J 113 17.34 19.88 -10.90
N THR J 114 17.66 18.95 -11.82
CA THR J 114 19.02 18.37 -12.02
C THR J 114 19.94 19.33 -12.79
N ASP J 115 19.39 20.42 -13.36
CA ASP J 115 20.15 21.40 -14.17
C ASP J 115 21.12 22.19 -13.28
N LEU J 116 20.83 22.34 -11.99
CA LEU J 116 21.69 23.05 -11.00
C LEU J 116 22.96 22.24 -10.75
N PRO J 117 22.88 20.93 -10.40
CA PRO J 117 24.03 20.03 -10.47
C PRO J 117 24.77 20.04 -11.82
N LYS J 118 24.03 20.06 -12.94
CA LYS J 118 24.57 20.07 -14.32
C LYS J 118 25.33 21.38 -14.59
N ALA J 119 24.93 22.47 -13.93
CA ALA J 119 25.55 23.81 -14.05
C ALA J 119 26.92 23.81 -13.38
N LEU J 120 27.01 23.27 -12.15
CA LEU J 120 28.27 23.18 -11.35
C LEU J 120 29.26 22.26 -12.07
N ALA J 121 28.78 21.15 -12.65
CA ALA J 121 29.56 20.19 -13.45
C ALA J 121 30.28 20.93 -14.59
N ALA J 122 29.53 21.75 -15.35
CA ALA J 122 30.03 22.57 -16.47
C ALA J 122 30.95 23.68 -15.93
N LEU J 151 17.11 45.51 -24.46
CA LEU J 151 17.30 46.48 -23.34
C LEU J 151 18.78 46.48 -22.91
N SER J 152 19.25 47.60 -22.37
CA SER J 152 20.62 47.80 -21.84
C SER J 152 20.70 47.26 -20.41
N PRO J 153 21.91 46.97 -19.87
CA PRO J 153 22.08 46.42 -18.52
C PRO J 153 21.39 47.21 -17.39
N LYS J 154 21.23 48.53 -17.55
CA LYS J 154 20.60 49.43 -16.53
C LYS J 154 19.08 49.41 -16.75
N GLU J 155 18.64 49.60 -17.99
CA GLU J 155 17.21 49.64 -18.41
C GLU J 155 16.49 48.38 -17.90
N SER J 156 17.12 47.20 -18.05
CA SER J 156 16.60 45.88 -17.61
C SER J 156 16.46 45.85 -16.08
N GLU J 157 17.28 46.62 -15.37
CA GLU J 157 17.28 46.71 -13.88
C GLU J 157 16.28 47.79 -13.44
N VAL J 158 16.09 48.84 -14.26
CA VAL J 158 15.10 49.94 -14.01
C VAL J 158 13.68 49.36 -14.08
N LEU J 159 13.36 48.63 -15.15
CA LEU J 159 11.99 48.11 -15.44
C LEU J 159 11.64 46.97 -14.48
N ARG J 160 12.64 46.23 -13.98
CA ARG J 160 12.45 45.11 -13.01
C ARG J 160 11.92 45.69 -11.69
N LEU J 161 12.61 46.70 -11.15
CA LEU J 161 12.27 47.38 -9.87
C LEU J 161 10.87 48.02 -9.97
N PHE J 162 10.56 48.61 -11.12
CA PHE J 162 9.23 49.23 -11.42
C PHE J 162 8.13 48.17 -11.29
N ALA J 163 8.42 46.95 -11.74
CA ALA J 163 7.49 45.78 -11.73
C ALA J 163 7.38 45.20 -10.31
N GLU J 164 8.45 45.30 -9.51
CA GLU J 164 8.51 44.82 -8.09
C GLU J 164 7.45 45.54 -7.25
N GLY J 165 7.13 46.80 -7.60
CA GLY J 165 6.14 47.63 -6.89
C GLY J 165 6.67 49.02 -6.56
N PHE J 166 7.98 49.23 -6.72
CA PHE J 166 8.68 50.53 -6.47
C PHE J 166 8.12 51.60 -7.43
N LEU J 167 8.15 52.86 -6.97
CA LEU J 167 7.85 54.07 -7.77
C LEU J 167 9.15 54.52 -8.44
N VAL J 168 9.11 55.58 -9.24
CA VAL J 168 10.30 56.14 -9.98
C VAL J 168 11.37 56.74 -9.07
N THR J 169 10.98 57.64 -8.14
CA THR J 169 11.89 58.41 -7.25
C THR J 169 12.79 57.46 -6.46
N GLU J 170 12.21 56.43 -5.83
CA GLU J 170 12.91 55.48 -4.93
C GLU J 170 13.98 54.70 -5.70
N ILE J 171 13.72 54.37 -6.97
CA ILE J 171 14.69 53.70 -7.89
C ILE J 171 15.87 54.64 -8.17
N ALA J 172 15.60 55.93 -8.38
CA ALA J 172 16.61 57.00 -8.61
C ALA J 172 17.55 57.07 -7.40
N LYS J 173 17.00 57.08 -6.19
CA LYS J 173 17.77 57.02 -4.91
C LYS J 173 18.45 55.66 -4.81
N LYS J 174 17.72 54.57 -5.10
CA LYS J 174 18.15 53.16 -4.89
C LYS J 174 19.27 52.78 -5.88
N LEU J 175 19.32 53.40 -7.07
CA LEU J 175 20.33 53.11 -8.12
C LEU J 175 21.36 54.25 -8.22
N ASN J 176 21.36 55.17 -7.25
CA ASN J 176 22.37 56.26 -7.10
C ASN J 176 22.48 57.05 -8.41
N ARG J 177 21.48 57.90 -8.68
CA ARG J 177 21.43 58.86 -9.81
C ARG J 177 20.23 59.80 -9.61
N SER J 178 19.92 60.64 -10.60
CA SER J 178 18.76 61.57 -10.61
C SER J 178 17.53 60.88 -11.18
N ILE J 179 16.34 61.41 -10.88
CA ILE J 179 15.02 60.96 -11.46
C ILE J 179 15.07 61.20 -12.98
N LYS J 180 15.78 62.25 -13.40
CA LYS J 180 15.96 62.63 -14.83
C LYS J 180 16.61 61.48 -15.59
N THR J 181 17.51 60.73 -14.95
CA THR J 181 18.27 59.60 -15.55
C THR J 181 17.38 58.35 -15.63
N ILE J 182 16.58 58.08 -14.58
CA ILE J 182 15.72 56.86 -14.47
C ILE J 182 14.58 56.99 -15.49
N SER J 183 13.82 58.09 -15.43
CA SER J 183 12.67 58.39 -16.31
C SER J 183 13.13 58.36 -17.78
N SER J 184 14.27 58.98 -18.08
CA SER J 184 14.90 59.04 -19.43
C SER J 184 15.16 57.62 -19.95
N GLN J 185 15.79 56.77 -19.13
CA GLN J 185 16.14 55.37 -19.47
C GLN J 185 14.86 54.52 -19.60
N LYS J 186 13.87 54.76 -18.74
CA LYS J 186 12.54 54.09 -18.76
C LYS J 186 11.76 54.49 -20.02
N LYS J 187 11.65 55.80 -20.27
CA LYS J 187 10.98 56.40 -21.45
C LYS J 187 11.67 55.97 -22.74
N SER J 188 12.99 55.74 -22.69
CA SER J 188 13.81 55.19 -23.80
C SER J 188 13.43 53.73 -24.06
N ALA J 189 13.21 52.95 -22.99
CA ALA J 189 12.90 51.50 -23.03
C ALA J 189 11.49 51.27 -23.60
N MET J 190 10.54 52.15 -23.31
CA MET J 190 9.12 52.05 -23.77
C MET J 190 9.04 52.26 -25.28
N MET J 191 10.02 52.95 -25.88
CA MET J 191 10.14 53.14 -27.35
C MET J 191 10.51 51.81 -28.01
N LYS J 192 11.52 51.12 -27.45
CA LYS J 192 12.05 49.82 -27.96
C LYS J 192 10.96 48.73 -27.91
N LEU J 193 10.24 48.65 -26.79
CA LEU J 193 9.23 47.59 -26.52
C LEU J 193 7.98 47.83 -27.38
N GLY J 194 7.55 49.09 -27.51
CA GLY J 194 6.38 49.49 -28.33
C GLY J 194 5.17 49.82 -27.48
N VAL J 195 5.26 49.62 -26.16
CA VAL J 195 4.19 49.96 -25.16
C VAL J 195 4.03 51.49 -25.13
N GLU J 196 2.80 51.96 -24.85
CA GLU J 196 2.43 53.40 -24.85
C GLU J 196 2.48 53.93 -23.40
N ASN J 197 1.69 53.32 -22.50
CA ASN J 197 1.59 53.70 -21.07
C ASN J 197 2.29 52.64 -20.21
N ASP J 198 2.29 52.81 -18.88
CA ASP J 198 2.99 51.93 -17.91
C ASP J 198 2.16 50.68 -17.61
N ILE J 199 0.83 50.78 -17.74
CA ILE J 199 -0.14 49.67 -17.44
C ILE J 199 0.00 48.56 -18.51
N ALA J 200 0.26 48.95 -19.77
CA ALA J 200 0.50 48.03 -20.90
C ALA J 200 1.88 47.36 -20.75
N LEU J 201 2.85 48.07 -20.17
CA LEU J 201 4.22 47.56 -19.88
C LEU J 201 4.13 46.45 -18.83
N LEU J 202 3.41 46.69 -17.72
CA LEU J 202 3.20 45.72 -16.60
C LEU J 202 2.56 44.44 -17.15
N ASN J 203 1.65 44.57 -18.13
CA ASN J 203 0.91 43.44 -18.76
C ASN J 203 1.88 42.61 -19.61
N TYR J 204 2.91 43.26 -20.19
CA TYR J 204 3.99 42.59 -20.98
C TYR J 204 4.88 41.79 -20.03
N LEU J 205 5.24 42.38 -18.89
CA LEU J 205 6.18 41.79 -17.88
C LEU J 205 5.47 40.69 -17.07
N SER J 206 4.22 40.34 -17.44
CA SER J 206 3.44 39.21 -16.87
C SER J 206 3.38 38.05 -17.86
N SER J 207 3.21 38.34 -19.15
CA SER J 207 2.99 37.36 -20.24
C SER J 207 4.23 36.47 -20.45
N VAL J 208 5.42 37.07 -20.43
CA VAL J 208 6.73 36.41 -20.66
C VAL J 208 6.76 35.03 -19.98
N MET K 4 -16.09 5.50 9.31
CA MET K 4 -15.90 6.47 10.44
C MET K 4 -16.32 5.83 11.76
N ASN K 5 -16.03 6.51 12.88
CA ASN K 5 -16.37 6.07 14.26
C ASN K 5 -17.22 7.15 14.93
N VAL K 6 -18.49 6.85 15.21
CA VAL K 6 -19.53 7.81 15.67
C VAL K 6 -19.73 7.67 17.18
N ILE K 7 -19.93 8.80 17.88
CA ILE K 7 -20.42 8.88 19.28
C ILE K 7 -21.80 9.54 19.25
N ILE K 8 -22.72 9.07 20.11
CA ILE K 8 -24.12 9.60 20.22
C ILE K 8 -24.38 9.94 21.68
N ALA K 9 -24.76 11.21 21.95
CA ALA K 9 -25.01 11.76 23.31
C ALA K 9 -26.37 12.48 23.33
N ASP K 10 -27.40 11.84 23.90
CA ASP K 10 -28.77 12.40 24.04
C ASP K 10 -29.36 11.95 25.38
N ASP K 11 -30.00 12.88 26.10
CA ASP K 11 -30.52 12.71 27.49
C ASP K 11 -31.57 11.60 27.52
N HIS K 12 -32.38 11.47 26.46
CA HIS K 12 -33.39 10.40 26.28
C HIS K 12 -32.71 9.19 25.64
N PRO K 13 -32.45 8.09 26.39
CA PRO K 13 -31.81 6.90 25.80
C PRO K 13 -32.71 6.10 24.85
N ILE K 14 -34.00 6.43 24.77
CA ILE K 14 -34.98 5.82 23.81
C ILE K 14 -34.73 6.42 22.41
N VAL K 15 -34.46 7.72 22.35
CA VAL K 15 -33.98 8.45 21.13
C VAL K 15 -32.68 7.79 20.67
N LEU K 16 -31.76 7.60 21.63
CA LEU K 16 -30.36 7.09 21.43
C LEU K 16 -30.40 5.71 20.78
N PHE K 17 -31.32 4.84 21.21
CA PHE K 17 -31.56 3.49 20.65
C PHE K 17 -31.99 3.60 19.18
N GLY K 18 -32.82 4.62 18.86
CA GLY K 18 -33.33 4.90 17.51
C GLY K 18 -32.27 5.47 16.60
N ILE K 19 -31.49 6.45 17.08
CA ILE K 19 -30.39 7.12 16.36
C ILE K 19 -29.39 6.08 15.84
N ARG K 20 -28.99 5.14 16.71
CA ARG K 20 -28.05 4.04 16.43
C ARG K 20 -28.62 3.11 15.34
N LYS K 21 -29.92 2.78 15.44
CA LYS K 21 -30.65 1.87 14.51
C LYS K 21 -30.77 2.53 13.13
N SER K 22 -30.84 3.87 13.07
CA SER K 22 -31.00 4.66 11.83
C SER K 22 -29.68 4.72 11.05
N LEU K 23 -28.54 4.55 11.73
CA LEU K 23 -27.18 4.61 11.13
C LEU K 23 -26.66 3.20 10.78
N GLU K 24 -27.33 2.15 11.27
CA GLU K 24 -27.04 0.73 10.91
C GLU K 24 -27.36 0.49 9.44
N GLN K 25 -28.31 1.27 8.88
CA GLN K 25 -28.73 1.22 7.45
C GLN K 25 -27.53 1.51 6.55
N ILE K 26 -26.64 2.42 6.98
CA ILE K 26 -25.39 2.80 6.28
C ILE K 26 -24.28 1.86 6.77
N GLU K 27 -23.56 1.22 5.83
CA GLU K 27 -22.63 0.09 6.09
C GLU K 27 -21.31 0.60 6.70
N TRP K 28 -20.78 1.72 6.20
CA TRP K 28 -19.42 2.23 6.54
C TRP K 28 -19.40 2.98 7.87
N VAL K 29 -20.54 3.11 8.55
CA VAL K 29 -20.66 3.75 9.89
C VAL K 29 -20.33 2.70 10.96
N ASN K 30 -19.73 3.12 12.07
CA ASN K 30 -19.39 2.24 13.23
C ASN K 30 -19.52 3.05 14.53
N VAL K 31 -20.69 2.97 15.17
CA VAL K 31 -21.02 3.66 16.46
C VAL K 31 -20.31 2.92 17.60
N VAL K 32 -19.51 3.64 18.41
CA VAL K 32 -18.55 3.07 19.40
C VAL K 32 -18.93 3.51 20.83
N GLY K 33 -20.08 4.18 21.01
CA GLY K 33 -20.48 4.72 22.33
C GLY K 33 -21.96 5.06 22.39
N GLU K 34 -22.49 5.13 23.62
CA GLU K 34 -23.88 5.59 23.93
C GLU K 34 -23.89 6.26 25.31
N PHE K 35 -23.88 7.61 25.33
CA PHE K 35 -23.82 8.45 26.55
C PHE K 35 -25.14 9.22 26.68
N GLU K 36 -25.45 9.67 27.91
CA GLU K 36 -26.68 10.41 28.27
C GLU K 36 -26.36 11.84 28.75
N ASP K 37 -25.23 12.04 29.43
CA ASP K 37 -24.85 13.31 30.09
C ASP K 37 -23.48 13.79 29.56
N SER K 38 -23.15 15.06 29.80
CA SER K 38 -21.89 15.71 29.36
C SER K 38 -20.71 15.22 30.21
N THR K 39 -20.97 14.93 31.49
CA THR K 39 -19.96 14.49 32.50
C THR K 39 -19.34 13.15 32.07
N ALA K 40 -20.18 12.22 31.59
CA ALA K 40 -19.76 10.88 31.11
C ALA K 40 -19.13 10.98 29.71
N LEU K 41 -19.60 11.91 28.88
CA LEU K 41 -19.17 12.11 27.47
C LEU K 41 -17.68 12.52 27.43
N ILE K 42 -17.29 13.47 28.28
CA ILE K 42 -15.91 14.04 28.32
C ILE K 42 -14.94 12.98 28.88
N ASN K 43 -15.37 12.22 29.90
CA ASN K 43 -14.58 11.14 30.57
C ASN K 43 -14.05 10.14 29.53
N ASN K 44 -14.92 9.70 28.61
CA ASN K 44 -14.61 8.65 27.58
C ASN K 44 -14.51 9.30 26.19
N LEU K 45 -14.00 10.53 26.11
CA LEU K 45 -13.65 11.22 24.84
C LEU K 45 -12.28 10.78 24.34
N PRO K 46 -11.22 10.73 25.21
CA PRO K 46 -9.92 10.24 24.79
C PRO K 46 -9.84 8.71 24.60
N LYS K 47 -10.52 7.95 25.48
CA LYS K 47 -10.47 6.48 25.55
C LYS K 47 -10.91 5.84 24.23
N LEU K 48 -11.93 6.39 23.59
CA LEU K 48 -12.51 5.90 22.30
C LEU K 48 -11.97 6.74 21.15
N ASP K 49 -11.57 6.10 20.05
CA ASP K 49 -11.10 6.77 18.80
C ASP K 49 -12.31 7.05 17.91
N ALA K 50 -12.83 8.29 17.96
CA ALA K 50 -14.02 8.76 17.22
C ALA K 50 -13.66 9.97 16.35
N HIS K 51 -14.18 10.01 15.11
CA HIS K 51 -13.95 11.08 14.10
C HIS K 51 -15.09 12.10 14.12
N VAL K 52 -16.26 11.73 14.65
CA VAL K 52 -17.52 12.54 14.58
C VAL K 52 -18.32 12.35 15.87
N LEU K 53 -19.14 13.36 16.22
CA LEU K 53 -20.09 13.34 17.37
C LEU K 53 -21.46 13.86 16.92
N ILE K 54 -22.53 13.20 17.36
CA ILE K 54 -23.96 13.60 17.13
C ILE K 54 -24.61 13.77 18.51
N THR K 55 -24.69 15.01 19.02
CA THR K 55 -25.11 15.33 20.41
C THR K 55 -26.32 16.26 20.40
N ASP K 56 -26.99 16.37 21.56
CA ASP K 56 -28.19 17.22 21.80
C ASP K 56 -27.80 18.40 22.69
N LEU K 57 -28.38 19.58 22.42
CA LEU K 57 -28.18 20.83 23.20
C LEU K 57 -28.98 20.78 24.50
N SER K 58 -29.96 19.86 24.59
CA SER K 58 -30.85 19.65 25.76
C SER K 58 -30.24 18.62 26.74
N MET K 59 -28.96 18.27 26.56
CA MET K 59 -28.23 17.27 27.38
C MET K 59 -28.01 17.81 28.78
N PRO K 60 -28.02 16.94 29.83
CA PRO K 60 -27.75 17.36 31.20
C PRO K 60 -26.23 17.36 31.48
N GLY K 61 -25.68 18.54 31.83
CA GLY K 61 -24.24 18.74 32.06
C GLY K 61 -23.97 19.76 33.13
N ASP K 62 -24.32 19.43 34.39
CA ASP K 62 -24.00 20.23 35.59
C ASP K 62 -22.48 20.43 35.69
N LYS K 63 -21.71 19.41 35.31
CA LYS K 63 -20.23 19.35 35.44
C LYS K 63 -19.55 20.20 34.36
N TYR K 64 -20.00 20.08 33.09
CA TYR K 64 -19.32 20.66 31.90
C TYR K 64 -20.27 21.53 31.08
N GLY K 65 -21.39 21.99 31.66
CA GLY K 65 -22.37 22.86 30.99
C GLY K 65 -23.23 22.10 29.98
N ASP K 66 -24.24 22.77 29.42
CA ASP K 66 -25.19 22.21 28.43
C ASP K 66 -25.44 23.24 27.33
N GLY K 67 -25.52 22.78 26.08
CA GLY K 67 -25.78 23.62 24.89
C GLY K 67 -24.52 24.32 24.40
N ILE K 68 -24.59 25.64 24.21
CA ILE K 68 -23.55 26.48 23.51
C ILE K 68 -22.25 26.50 24.33
N THR K 69 -22.35 26.46 25.66
CA THR K 69 -21.18 26.42 26.60
C THR K 69 -20.40 25.11 26.41
N LEU K 70 -21.11 24.00 26.18
CA LEU K 70 -20.52 22.65 25.99
C LEU K 70 -19.92 22.52 24.58
N ILE K 71 -20.67 22.96 23.55
CA ILE K 71 -20.22 22.94 22.12
C ILE K 71 -18.92 23.75 22.01
N LYS K 72 -18.81 24.85 22.78
CA LYS K 72 -17.61 25.72 22.86
C LYS K 72 -16.45 24.94 23.50
N TYR K 73 -16.72 24.23 24.60
CA TYR K 73 -15.77 23.37 25.35
C TYR K 73 -15.17 22.33 24.39
N ILE K 74 -16.02 21.65 23.61
CA ILE K 74 -15.63 20.55 22.68
C ILE K 74 -14.78 21.13 21.55
N LYS K 75 -15.20 22.26 20.96
CA LYS K 75 -14.51 22.97 19.85
C LYS K 75 -13.16 23.52 20.34
N ARG K 76 -13.01 23.72 21.66
CA ARG K 76 -11.76 24.21 22.30
C ARG K 76 -10.80 23.03 22.55
N HIS K 77 -11.27 22.02 23.31
CA HIS K 77 -10.43 20.92 23.87
C HIS K 77 -10.32 19.75 22.88
N PHE K 78 -11.38 19.49 22.09
CA PHE K 78 -11.45 18.39 21.10
C PHE K 78 -11.72 18.96 19.72
N PRO K 79 -10.75 19.69 19.10
CA PRO K 79 -10.96 20.33 17.80
C PRO K 79 -11.00 19.35 16.62
N SER K 80 -10.20 18.27 16.69
CA SER K 80 -10.07 17.21 15.65
C SER K 80 -11.44 16.57 15.36
N LEU K 81 -12.28 16.42 16.38
CA LEU K 81 -13.64 15.81 16.29
C LEU K 81 -14.58 16.77 15.57
N SER K 82 -15.21 16.32 14.48
CA SER K 82 -16.22 17.06 13.69
C SER K 82 -17.59 16.93 14.37
N ILE K 83 -18.21 18.07 14.72
CA ILE K 83 -19.47 18.13 15.52
C ILE K 83 -20.67 18.29 14.59
N ILE K 84 -21.73 17.49 14.83
CA ILE K 84 -23.12 17.73 14.33
C ILE K 84 -24.04 17.80 15.55
N VAL K 85 -24.95 18.77 15.59
CA VAL K 85 -25.90 18.99 16.73
C VAL K 85 -27.28 18.46 16.33
N LEU K 86 -27.94 17.75 17.24
CA LEU K 86 -29.27 17.09 17.04
C LEU K 86 -30.16 17.39 18.25
N THR K 87 -31.02 18.40 18.14
CA THR K 87 -31.83 18.95 19.26
C THR K 87 -33.30 19.07 18.85
N MET K 88 -34.20 19.14 19.85
CA MET K 88 -35.65 19.38 19.70
C MET K 88 -35.93 20.89 19.64
N ASN K 89 -34.90 21.70 19.86
CA ASN K 89 -34.97 23.19 19.91
C ASN K 89 -35.33 23.73 18.51
N ASN K 90 -36.38 24.56 18.42
CA ASN K 90 -36.79 25.28 17.20
C ASN K 90 -36.81 26.79 17.49
N ASN K 91 -35.72 27.30 18.08
CA ASN K 91 -35.52 28.72 18.44
C ASN K 91 -34.47 29.32 17.50
N PRO K 92 -34.86 30.23 16.57
CA PRO K 92 -33.90 30.89 15.68
C PRO K 92 -32.75 31.62 16.41
N ALA K 93 -33.04 32.25 17.54
CA ALA K 93 -32.09 33.07 18.34
C ALA K 93 -31.01 32.17 18.96
N ILE K 94 -31.39 30.98 19.45
CA ILE K 94 -30.45 29.97 20.05
C ILE K 94 -29.66 29.34 18.90
N LEU K 95 -30.36 28.78 17.91
CA LEU K 95 -29.77 28.11 16.71
C LEU K 95 -28.74 29.04 16.06
N SER K 96 -29.01 30.35 16.01
CA SER K 96 -28.10 31.41 15.49
C SER K 96 -26.79 31.39 16.29
N ALA K 97 -26.87 31.49 17.62
CA ALA K 97 -25.72 31.48 18.55
C ALA K 97 -25.00 30.12 18.48
N VAL K 98 -25.74 29.05 18.16
CA VAL K 98 -25.21 27.67 18.00
C VAL K 98 -24.46 27.57 16.66
N LEU K 99 -25.03 28.13 15.58
CA LEU K 99 -24.46 28.12 14.20
C LEU K 99 -23.09 28.82 14.18
N ASP K 100 -22.89 29.85 15.01
CA ASP K 100 -21.74 30.79 14.94
C ASP K 100 -20.50 30.22 15.64
N LEU K 101 -20.53 28.94 16.06
CA LEU K 101 -19.36 28.22 16.63
C LEU K 101 -18.72 27.31 15.56
N ASP K 102 -19.25 27.35 14.33
CA ASP K 102 -18.76 26.54 13.17
C ASP K 102 -18.93 25.05 13.48
N ILE K 103 -20.18 24.58 13.47
CA ILE K 103 -20.56 23.13 13.55
C ILE K 103 -20.54 22.56 12.13
N GLU K 104 -20.10 21.31 11.96
CA GLU K 104 -20.05 20.60 10.66
C GLU K 104 -21.41 20.76 9.96
N GLY K 105 -22.50 20.53 10.69
CA GLY K 105 -23.89 20.82 10.27
C GLY K 105 -24.87 20.57 11.41
N ILE K 106 -25.94 21.38 11.49
CA ILE K 106 -26.99 21.27 12.54
C ILE K 106 -28.16 20.43 11.99
N VAL K 107 -28.75 19.58 12.83
CA VAL K 107 -29.97 18.78 12.53
C VAL K 107 -30.98 19.04 13.66
N LEU K 108 -32.28 19.08 13.31
CA LEU K 108 -33.40 19.22 14.27
C LEU K 108 -34.16 17.90 14.36
N LYS K 109 -34.61 17.53 15.57
CA LYS K 109 -35.44 16.31 15.81
C LYS K 109 -36.74 16.42 15.03
N GLN K 110 -37.35 17.61 14.99
CA GLN K 110 -38.64 17.88 14.29
C GLN K 110 -38.45 17.87 12.78
N GLY K 111 -37.21 17.94 12.29
CA GLY K 111 -36.85 17.71 10.88
C GLY K 111 -37.11 16.26 10.48
N ALA K 112 -37.35 16.02 9.19
CA ALA K 112 -37.70 14.70 8.60
C ALA K 112 -36.66 13.65 9.01
N PRO K 113 -37.02 12.34 9.06
CA PRO K 113 -36.14 11.31 9.60
C PRO K 113 -34.86 11.04 8.79
N THR K 114 -34.86 11.39 7.50
CA THR K 114 -33.73 11.17 6.55
C THR K 114 -32.78 12.38 6.54
N ASP K 115 -32.98 13.35 7.45
CA ASP K 115 -32.16 14.58 7.56
C ASP K 115 -30.80 14.23 8.19
N LEU K 116 -30.75 13.23 9.08
CA LEU K 116 -29.50 12.79 9.77
C LEU K 116 -28.60 12.04 8.79
N PRO K 117 -29.09 11.01 8.06
CA PRO K 117 -28.28 10.35 7.02
C PRO K 117 -27.61 11.31 6.02
N LYS K 118 -28.37 12.29 5.52
CA LYS K 118 -27.94 13.28 4.50
C LYS K 118 -26.91 14.24 5.10
N ALA K 119 -27.06 14.60 6.38
CA ALA K 119 -26.15 15.48 7.15
C ALA K 119 -24.75 14.83 7.25
N LEU K 120 -24.70 13.51 7.37
CA LEU K 120 -23.46 12.68 7.43
C LEU K 120 -22.93 12.44 6.01
N ALA K 121 -23.83 12.21 5.05
CA ALA K 121 -23.51 12.03 3.60
C ALA K 121 -22.89 13.30 3.04
N ALA K 122 -23.27 14.47 3.55
CA ALA K 122 -22.72 15.79 3.18
C ALA K 122 -21.25 15.88 3.63
N LEU K 123 -20.95 15.41 4.85
CA LEU K 123 -19.60 15.40 5.46
C LEU K 123 -18.76 14.29 4.82
N ARG K 150 -22.11 44.09 23.77
CA ARG K 150 -21.17 44.41 24.88
C ARG K 150 -21.83 45.35 25.88
N LEU K 151 -21.86 44.98 27.16
CA LEU K 151 -22.46 45.76 28.27
C LEU K 151 -21.70 47.09 28.45
N SER K 152 -22.42 48.15 28.84
CA SER K 152 -21.90 49.52 29.07
C SER K 152 -21.42 49.64 30.52
N PRO K 153 -20.59 50.66 30.86
CA PRO K 153 -20.12 50.85 32.23
C PRO K 153 -21.23 51.04 33.27
N LYS K 154 -22.35 51.66 32.88
CA LYS K 154 -23.50 51.96 33.78
C LYS K 154 -24.33 50.69 33.97
N GLU K 155 -24.71 50.03 32.87
CA GLU K 155 -25.47 48.76 32.86
C GLU K 155 -24.80 47.73 33.76
N SER K 156 -23.48 47.55 33.62
CA SER K 156 -22.63 46.66 34.45
C SER K 156 -22.81 46.99 35.93
N GLU K 157 -22.93 48.30 36.25
CA GLU K 157 -23.08 48.82 37.64
C GLU K 157 -24.51 48.52 38.15
N VAL K 158 -25.51 48.51 37.27
CA VAL K 158 -26.93 48.20 37.60
C VAL K 158 -27.06 46.71 37.91
N LEU K 159 -26.51 45.84 37.04
CA LEU K 159 -26.59 44.35 37.16
C LEU K 159 -25.84 43.89 38.41
N ARG K 160 -24.72 44.55 38.73
CA ARG K 160 -23.87 44.27 39.92
C ARG K 160 -24.75 44.34 41.19
N LEU K 161 -25.38 45.50 41.40
CA LEU K 161 -26.19 45.81 42.62
C LEU K 161 -27.43 44.91 42.70
N PHE K 162 -28.09 44.65 41.57
CA PHE K 162 -29.32 43.83 41.48
C PHE K 162 -29.02 42.41 41.99
N ALA K 163 -27.83 41.88 41.65
CA ALA K 163 -27.34 40.54 42.04
C ALA K 163 -26.96 40.52 43.53
N GLU K 164 -26.53 41.67 44.08
CA GLU K 164 -26.15 41.83 45.50
C GLU K 164 -27.38 41.54 46.39
N GLY K 165 -28.58 41.84 45.90
CA GLY K 165 -29.86 41.58 46.59
C GLY K 165 -30.72 42.84 46.73
N PHE K 166 -30.25 43.97 46.22
CA PHE K 166 -30.96 45.28 46.27
C PHE K 166 -32.13 45.28 45.26
N LEU K 167 -33.13 46.13 45.51
CA LEU K 167 -34.33 46.31 44.64
C LEU K 167 -33.99 47.32 43.52
N VAL K 168 -34.85 47.38 42.49
CA VAL K 168 -34.72 48.30 41.33
C VAL K 168 -35.16 49.71 41.74
N THR K 169 -35.98 49.81 42.81
CA THR K 169 -36.49 51.09 43.38
C THR K 169 -35.43 51.71 44.29
N GLU K 170 -34.71 50.87 45.05
CA GLU K 170 -33.66 51.27 46.02
C GLU K 170 -32.41 51.74 45.27
N ILE K 171 -32.07 51.07 44.16
CA ILE K 171 -30.89 51.39 43.30
C ILE K 171 -31.07 52.78 42.67
N ALA K 172 -32.30 53.16 42.33
CA ALA K 172 -32.66 54.50 41.81
C ALA K 172 -32.28 55.55 42.85
N LYS K 173 -32.77 55.38 44.08
CA LYS K 173 -32.43 56.18 45.29
C LYS K 173 -30.91 56.13 45.53
N LYS K 174 -30.30 54.96 45.32
CA LYS K 174 -28.88 54.66 45.65
C LYS K 174 -27.92 55.42 44.72
N LEU K 175 -28.26 55.54 43.42
CA LEU K 175 -27.36 56.07 42.36
C LEU K 175 -27.83 57.45 41.89
N ASN K 176 -28.73 58.10 42.64
CA ASN K 176 -29.26 59.48 42.38
C ASN K 176 -29.80 59.57 40.94
N ARG K 177 -31.04 59.10 40.75
CA ARG K 177 -31.82 59.17 39.49
C ARG K 177 -33.16 58.47 39.69
N SER K 178 -34.07 58.59 38.72
CA SER K 178 -35.43 58.00 38.79
C SER K 178 -35.34 56.47 38.62
N ILE K 179 -36.46 55.77 38.85
CA ILE K 179 -36.61 54.29 38.70
C ILE K 179 -36.61 53.96 37.20
N LYS K 180 -37.08 54.90 36.37
CA LYS K 180 -37.19 54.76 34.89
C LYS K 180 -35.79 54.66 34.27
N THR K 181 -34.77 55.23 34.92
CA THR K 181 -33.35 55.21 34.48
C THR K 181 -32.77 53.81 34.72
N ILE K 182 -33.05 53.23 35.90
CA ILE K 182 -32.48 51.92 36.37
C ILE K 182 -33.19 50.79 35.60
N SER K 183 -34.52 50.80 35.61
CA SER K 183 -35.41 49.77 34.99
C SER K 183 -35.17 49.72 33.48
N SER K 184 -34.94 50.87 32.83
CA SER K 184 -34.52 50.96 31.40
C SER K 184 -33.18 50.27 31.22
N GLN K 185 -32.17 50.67 32.02
CA GLN K 185 -30.77 50.15 31.96
C GLN K 185 -30.76 48.64 32.25
N LYS K 186 -31.53 48.20 33.25
CA LYS K 186 -31.66 46.77 33.67
C LYS K 186 -32.30 45.97 32.52
N LYS K 187 -33.48 46.39 32.08
CA LYS K 187 -34.26 45.77 30.97
C LYS K 187 -33.43 45.75 29.68
N SER K 188 -32.64 46.81 29.44
CA SER K 188 -31.77 46.97 28.24
C SER K 188 -30.65 45.94 28.26
N ALA K 189 -30.02 45.73 29.43
CA ALA K 189 -28.88 44.80 29.63
C ALA K 189 -29.36 43.34 29.49
N MET K 190 -30.60 43.05 29.91
CA MET K 190 -31.22 41.71 29.84
C MET K 190 -31.38 41.27 28.37
N MET K 191 -31.51 42.24 27.45
CA MET K 191 -31.59 41.99 25.98
C MET K 191 -30.24 41.43 25.50
N LYS K 192 -29.14 42.08 25.89
CA LYS K 192 -27.76 41.75 25.46
C LYS K 192 -27.37 40.34 25.94
N LEU K 193 -27.66 40.01 27.20
CA LEU K 193 -27.30 38.71 27.84
C LEU K 193 -28.12 37.57 27.23
N GLY K 194 -29.42 37.80 26.99
CA GLY K 194 -30.34 36.83 26.37
C GLY K 194 -31.36 36.27 27.35
N VAL K 195 -31.40 36.80 28.58
CA VAL K 195 -32.40 36.42 29.63
C VAL K 195 -33.71 37.17 29.34
N GLU K 196 -34.80 36.70 29.96
CA GLU K 196 -36.18 37.27 29.79
C GLU K 196 -36.63 37.91 31.11
N ASN K 197 -36.45 37.21 32.24
CA ASN K 197 -37.01 37.57 33.57
C ASN K 197 -35.87 37.80 34.57
N ASP K 198 -36.21 38.01 35.85
CA ASP K 198 -35.26 38.22 36.97
C ASP K 198 -34.57 36.90 37.34
N ILE K 199 -35.33 35.79 37.32
CA ILE K 199 -34.89 34.45 37.80
C ILE K 199 -33.77 33.92 36.90
N ALA K 200 -33.90 34.11 35.59
CA ALA K 200 -32.92 33.67 34.55
C ALA K 200 -31.64 34.52 34.65
N LEU K 201 -31.81 35.84 34.88
CA LEU K 201 -30.71 36.82 35.03
C LEU K 201 -29.83 36.42 36.22
N LEU K 202 -30.44 36.10 37.37
CA LEU K 202 -29.74 35.79 38.65
C LEU K 202 -29.07 34.41 38.59
N ASN K 203 -29.56 33.51 37.73
CA ASN K 203 -28.95 32.16 37.50
C ASN K 203 -27.62 32.35 36.75
N TYR K 204 -27.55 33.36 35.87
CA TYR K 204 -26.32 33.74 35.12
C TYR K 204 -25.30 34.37 36.06
N LEU K 205 -25.75 35.19 37.00
CA LEU K 205 -24.90 36.02 37.90
C LEU K 205 -24.44 35.21 39.12
N SER K 206 -24.72 33.90 39.15
CA SER K 206 -24.13 32.91 40.08
C SER K 206 -22.96 32.19 39.39
N SER K 207 -23.12 31.85 38.11
CA SER K 207 -22.11 31.16 37.27
C SER K 207 -20.90 32.09 37.06
N ASN L 3 -52.80 -10.11 20.96
CA ASN L 3 -52.40 -9.22 19.83
C ASN L 3 -53.14 -7.88 19.98
N MET L 4 -52.38 -6.81 20.28
CA MET L 4 -52.88 -5.42 20.42
C MET L 4 -52.48 -4.61 19.17
N ASN L 5 -53.34 -3.66 18.77
CA ASN L 5 -53.08 -2.72 17.65
C ASN L 5 -52.76 -1.34 18.25
N VAL L 6 -51.56 -0.83 17.97
CA VAL L 6 -50.94 0.34 18.66
C VAL L 6 -50.83 1.52 17.68
N ILE L 7 -51.19 2.72 18.13
CA ILE L 7 -50.96 4.02 17.44
C ILE L 7 -49.85 4.77 18.20
N ILE L 8 -48.94 5.43 17.48
CA ILE L 8 -47.78 6.19 18.05
C ILE L 8 -47.89 7.64 17.60
N ALA L 9 -47.97 8.57 18.55
CA ALA L 9 -48.19 10.03 18.33
C ALA L 9 -47.04 10.83 18.97
N ASP L 10 -46.08 11.28 18.15
CA ASP L 10 -44.91 12.08 18.61
C ASP L 10 -44.57 13.13 17.53
N ASP L 11 -44.39 14.38 17.96
CA ASP L 11 -44.14 15.56 17.08
C ASP L 11 -42.78 15.40 16.37
N HIS L 12 -41.84 14.66 16.97
CA HIS L 12 -40.46 14.43 16.44
C HIS L 12 -40.40 13.07 15.73
N PRO L 13 -40.21 13.02 14.40
CA PRO L 13 -40.11 11.74 13.69
C PRO L 13 -38.90 10.87 14.08
N ILE L 14 -37.81 11.49 14.56
CA ILE L 14 -36.58 10.82 15.04
C ILE L 14 -36.93 9.94 16.26
N VAL L 15 -37.72 10.49 17.19
CA VAL L 15 -38.30 9.76 18.36
C VAL L 15 -39.24 8.68 17.83
N LEU L 16 -40.11 9.06 16.88
CA LEU L 16 -41.19 8.22 16.30
C LEU L 16 -40.60 6.97 15.63
N PHE L 17 -39.47 7.13 14.93
CA PHE L 17 -38.71 6.03 14.27
C PHE L 17 -38.07 5.15 15.36
N GLY L 18 -37.64 5.76 16.47
CA GLY L 18 -37.01 5.09 17.62
C GLY L 18 -37.97 4.15 18.34
N ILE L 19 -39.25 4.52 18.43
CA ILE L 19 -40.32 3.72 19.11
C ILE L 19 -40.71 2.56 18.19
N ARG L 20 -41.19 2.87 16.98
CA ARG L 20 -41.66 1.90 15.96
C ARG L 20 -40.63 0.78 15.78
N LYS L 21 -39.35 1.13 15.75
CA LYS L 21 -38.19 0.19 15.65
C LYS L 21 -38.13 -0.71 16.89
N SER L 22 -38.39 -0.15 18.07
CA SER L 22 -38.30 -0.83 19.39
C SER L 22 -39.54 -1.71 19.64
N LEU L 23 -40.64 -1.49 18.91
CA LEU L 23 -41.89 -2.27 19.02
C LEU L 23 -41.94 -3.38 17.95
N GLU L 24 -40.91 -3.47 17.11
CA GLU L 24 -40.69 -4.60 16.15
C GLU L 24 -40.07 -5.78 16.90
N GLN L 25 -39.47 -5.54 18.06
CA GLN L 25 -38.83 -6.56 18.94
C GLN L 25 -39.93 -7.42 19.58
N ILE L 26 -41.06 -6.79 19.92
CA ILE L 26 -42.25 -7.42 20.59
C ILE L 26 -43.18 -7.97 19.49
N GLU L 27 -43.23 -9.29 19.35
CA GLU L 27 -43.89 -10.02 18.23
C GLU L 27 -45.38 -9.65 18.16
N TRP L 28 -46.08 -9.72 19.29
CA TRP L 28 -47.56 -9.59 19.39
C TRP L 28 -48.01 -8.14 19.12
N VAL L 29 -47.11 -7.17 19.23
CA VAL L 29 -47.38 -5.71 18.97
C VAL L 29 -47.43 -5.48 17.46
N ASN L 30 -48.45 -4.76 16.98
CA ASN L 30 -48.62 -4.37 15.55
C ASN L 30 -48.90 -2.86 15.48
N VAL L 31 -47.99 -2.10 14.86
CA VAL L 31 -48.10 -0.62 14.68
C VAL L 31 -49.02 -0.37 13.48
N VAL L 32 -50.21 0.20 13.73
CA VAL L 32 -51.29 0.40 12.71
C VAL L 32 -51.37 1.89 12.32
N GLY L 33 -50.52 2.74 12.88
CA GLY L 33 -50.53 4.20 12.60
C GLY L 33 -49.32 4.93 13.17
N GLU L 34 -49.00 6.08 12.57
CA GLU L 34 -47.96 7.03 13.03
C GLU L 34 -48.44 8.46 12.74
N PHE L 35 -48.57 9.30 13.78
CA PHE L 35 -49.07 10.70 13.71
C PHE L 35 -48.08 11.65 14.38
N GLU L 36 -48.04 12.90 13.93
CA GLU L 36 -47.07 13.94 14.38
C GLU L 36 -47.82 15.23 14.74
N ASP L 37 -49.04 15.10 15.26
CA ASP L 37 -49.91 16.22 15.75
C ASP L 37 -51.19 15.65 16.37
N SER L 38 -51.97 16.50 17.03
CA SER L 38 -53.27 16.16 17.68
C SER L 38 -54.36 16.06 16.61
N THR L 39 -54.47 17.08 15.76
CA THR L 39 -55.49 17.22 14.68
C THR L 39 -55.64 15.89 13.93
N ALA L 40 -54.52 15.36 13.40
CA ALA L 40 -54.45 14.13 12.58
C ALA L 40 -54.81 12.91 13.43
N LEU L 41 -54.23 12.80 14.63
CA LEU L 41 -54.46 11.69 15.60
C LEU L 41 -55.97 11.52 15.84
N ILE L 42 -56.68 12.62 16.13
CA ILE L 42 -58.12 12.64 16.55
C ILE L 42 -59.01 12.15 15.41
N ASN L 43 -58.73 12.55 14.17
CA ASN L 43 -59.64 12.35 13.00
C ASN L 43 -59.54 10.91 12.46
N ASN L 44 -58.36 10.29 12.54
CA ASN L 44 -58.09 8.94 11.98
C ASN L 44 -58.34 7.86 13.05
N LEU L 45 -58.58 8.25 14.30
CA LEU L 45 -58.86 7.31 15.43
C LEU L 45 -60.07 6.44 15.12
N PRO L 46 -61.20 6.99 14.62
CA PRO L 46 -62.35 6.18 14.24
C PRO L 46 -62.10 5.25 13.04
N LYS L 47 -61.35 5.75 12.04
CA LYS L 47 -61.04 5.05 10.77
C LYS L 47 -60.19 3.80 11.01
N LEU L 48 -59.43 3.76 12.12
CA LEU L 48 -58.59 2.61 12.54
C LEU L 48 -59.26 1.90 13.72
N ASP L 49 -58.88 0.65 13.97
CA ASP L 49 -59.24 -0.13 15.20
C ASP L 49 -57.95 -0.38 16.00
N ALA L 50 -57.75 0.38 17.08
CA ALA L 50 -56.56 0.34 17.95
C ALA L 50 -56.99 0.10 19.40
N HIS L 51 -56.32 -0.83 20.10
CA HIS L 51 -56.58 -1.19 21.51
C HIS L 51 -55.91 -0.17 22.44
N VAL L 52 -54.75 0.36 22.06
CA VAL L 52 -53.88 1.22 22.92
C VAL L 52 -53.27 2.36 22.08
N LEU L 53 -52.90 3.46 22.73
CA LEU L 53 -52.23 4.65 22.13
C LEU L 53 -50.99 5.03 22.96
N ILE L 54 -49.86 5.28 22.30
CA ILE L 54 -48.59 5.76 22.91
C ILE L 54 -48.30 7.17 22.38
N THR L 55 -48.53 8.21 23.22
CA THR L 55 -48.53 9.64 22.81
C THR L 55 -47.48 10.42 23.60
N ASP L 56 -47.27 11.69 23.22
CA ASP L 56 -46.35 12.67 23.87
C ASP L 56 -47.16 13.91 24.28
N LEU L 57 -46.78 14.53 25.39
CA LEU L 57 -47.49 15.69 26.01
C LEU L 57 -47.30 16.95 25.15
N SER L 58 -46.04 17.32 24.88
CA SER L 58 -45.65 18.54 24.14
C SER L 58 -45.72 18.31 22.63
N MET L 59 -46.89 18.57 22.03
CA MET L 59 -47.16 18.44 20.57
C MET L 59 -47.74 19.75 20.05
N PRO L 60 -47.73 19.97 18.70
CA PRO L 60 -48.46 21.08 18.10
C PRO L 60 -49.94 20.71 17.89
N GLY L 61 -50.85 21.50 18.47
CA GLY L 61 -52.31 21.25 18.44
C GLY L 61 -53.11 22.52 18.23
N ASP L 62 -53.39 22.87 16.98
CA ASP L 62 -54.16 24.07 16.57
C ASP L 62 -55.66 23.84 16.84
N LYS L 63 -56.12 22.59 16.74
CA LYS L 63 -57.55 22.19 16.84
C LYS L 63 -57.87 21.72 18.26
N TYR L 64 -57.36 20.55 18.66
CA TYR L 64 -57.75 19.82 19.90
C TYR L 64 -56.68 19.97 20.98
N GLY L 65 -55.74 20.90 20.82
CA GLY L 65 -54.74 21.29 21.84
C GLY L 65 -53.67 20.24 22.04
N ASP L 66 -52.89 20.38 23.12
CA ASP L 66 -51.78 19.46 23.52
C ASP L 66 -51.66 19.42 25.05
N GLY L 67 -51.06 18.36 25.59
CA GLY L 67 -50.86 18.14 27.04
C GLY L 67 -52.13 17.61 27.70
N ILE L 68 -52.38 18.02 28.95
CA ILE L 68 -53.52 17.58 29.79
C ILE L 68 -54.85 17.83 29.06
N THR L 69 -54.98 19.00 28.42
CA THR L 69 -56.18 19.43 27.65
C THR L 69 -56.57 18.33 26.65
N LEU L 70 -55.59 17.72 25.98
CA LEU L 70 -55.80 16.68 24.94
C LEU L 70 -56.16 15.34 25.60
N ILE L 71 -55.40 14.91 26.61
CA ILE L 71 -55.58 13.60 27.33
C ILE L 71 -57.02 13.51 27.83
N LYS L 72 -57.59 14.63 28.29
CA LYS L 72 -59.00 14.75 28.75
C LYS L 72 -59.95 14.52 27.56
N TYR L 73 -59.67 15.16 26.41
CA TYR L 73 -60.49 15.08 25.18
C TYR L 73 -60.47 13.64 24.63
N ILE L 74 -59.29 13.01 24.59
CA ILE L 74 -59.10 11.61 24.10
C ILE L 74 -59.93 10.67 24.98
N LYS L 75 -59.82 10.82 26.31
CA LYS L 75 -60.54 10.01 27.33
C LYS L 75 -62.06 10.13 27.15
N ARG L 76 -62.55 11.35 26.91
CA ARG L 76 -63.99 11.68 26.81
C ARG L 76 -64.58 11.17 25.49
N HIS L 77 -63.85 11.33 24.38
CA HIS L 77 -64.33 11.04 23.00
C HIS L 77 -63.89 9.64 22.54
N PHE L 78 -62.91 9.02 23.22
CA PHE L 78 -62.42 7.64 22.94
C PHE L 78 -62.02 6.96 24.26
N PRO L 79 -62.98 6.51 25.08
CA PRO L 79 -62.67 5.90 26.38
C PRO L 79 -62.16 4.45 26.27
N SER L 80 -62.60 3.71 25.25
CA SER L 80 -62.26 2.27 25.01
C SER L 80 -60.76 2.12 24.75
N LEU L 81 -60.12 3.14 24.19
CA LEU L 81 -58.67 3.18 23.87
C LEU L 81 -57.87 3.41 25.16
N SER L 82 -56.95 2.50 25.48
CA SER L 82 -55.98 2.61 26.61
C SER L 82 -54.90 3.64 26.24
N ILE L 83 -54.55 4.52 27.18
CA ILE L 83 -53.64 5.67 26.95
C ILE L 83 -52.33 5.45 27.71
N ILE L 84 -51.20 5.44 27.00
CA ILE L 84 -49.82 5.50 27.58
C ILE L 84 -49.21 6.85 27.18
N VAL L 85 -48.70 7.61 28.16
CA VAL L 85 -48.04 8.93 27.97
C VAL L 85 -46.53 8.71 27.93
N LEU L 86 -45.85 9.33 26.95
CA LEU L 86 -44.38 9.27 26.76
C LEU L 86 -43.87 10.69 26.47
N THR L 87 -43.34 11.37 27.51
CA THR L 87 -43.00 12.82 27.48
C THR L 87 -41.54 13.02 27.91
N MET L 88 -40.89 14.04 27.33
CA MET L 88 -39.54 14.53 27.71
C MET L 88 -39.63 15.29 29.03
N ASN L 89 -40.83 15.76 29.39
CA ASN L 89 -41.12 16.55 30.62
C ASN L 89 -40.69 15.74 31.85
N ASN L 90 -40.12 16.43 32.85
CA ASN L 90 -39.62 15.84 34.12
C ASN L 90 -39.99 16.78 35.29
N ASN L 91 -41.15 17.43 35.20
CA ASN L 91 -41.69 18.37 36.23
C ASN L 91 -42.71 17.62 37.07
N PRO L 92 -42.55 17.58 38.42
CA PRO L 92 -43.50 16.87 39.28
C PRO L 92 -44.94 17.40 39.21
N ALA L 93 -45.10 18.73 39.15
CA ALA L 93 -46.40 19.44 39.16
C ALA L 93 -47.23 19.05 37.93
N ILE L 94 -46.59 18.93 36.75
CA ILE L 94 -47.22 18.46 35.48
C ILE L 94 -47.68 17.02 35.69
N LEU L 95 -46.74 16.15 36.09
CA LEU L 95 -46.90 14.67 36.22
C LEU L 95 -47.93 14.33 37.30
N SER L 96 -48.06 15.17 38.35
CA SER L 96 -48.95 14.94 39.52
C SER L 96 -50.41 15.24 39.18
N ALA L 97 -50.67 15.90 38.04
CA ALA L 97 -52.02 16.20 37.52
C ALA L 97 -52.44 15.13 36.51
N VAL L 98 -51.52 14.69 35.63
CA VAL L 98 -51.72 13.54 34.70
C VAL L 98 -51.77 12.24 35.52
N LEU L 99 -51.07 12.22 36.67
CA LEU L 99 -51.18 11.17 37.72
C LEU L 99 -52.66 10.93 38.05
N ASP L 100 -53.45 12.01 38.17
CA ASP L 100 -54.86 12.01 38.65
C ASP L 100 -55.81 11.58 37.53
N LEU L 101 -55.35 11.59 36.27
CA LEU L 101 -56.16 11.32 35.06
C LEU L 101 -56.64 9.85 35.02
N ASP L 102 -56.11 8.99 35.89
CA ASP L 102 -56.43 7.53 35.96
C ASP L 102 -56.18 6.93 34.57
N ILE L 103 -54.90 6.80 34.20
CA ILE L 103 -54.44 6.36 32.85
C ILE L 103 -53.99 4.89 32.94
N GLU L 104 -53.59 4.30 31.81
CA GLU L 104 -53.02 2.93 31.72
C GLU L 104 -51.61 2.93 32.32
N GLY L 105 -50.75 3.84 31.86
CA GLY L 105 -49.35 3.97 32.34
C GLY L 105 -48.70 5.25 31.85
N ILE L 106 -47.53 5.59 32.41
CA ILE L 106 -46.71 6.79 32.05
C ILE L 106 -45.24 6.36 31.96
N VAL L 107 -44.67 6.38 30.75
CA VAL L 107 -43.22 6.13 30.48
C VAL L 107 -42.55 7.50 30.28
N LEU L 108 -41.38 7.72 30.90
CA LEU L 108 -40.57 8.97 30.75
C LEU L 108 -39.49 8.73 29.69
N LYS L 109 -39.26 9.72 28.83
CA LYS L 109 -38.30 9.69 27.70
C LYS L 109 -36.86 9.58 28.22
N GLN L 110 -36.56 10.29 29.33
CA GLN L 110 -35.20 10.35 29.94
C GLN L 110 -34.94 9.08 30.77
N GLY L 111 -35.98 8.29 31.06
CA GLY L 111 -35.88 6.99 31.74
C GLY L 111 -35.32 5.91 30.83
N ALA L 112 -34.94 4.76 31.42
CA ALA L 112 -34.34 3.60 30.72
C ALA L 112 -35.22 3.18 29.54
N PRO L 113 -34.63 2.68 28.44
CA PRO L 113 -35.38 2.41 27.21
C PRO L 113 -36.38 1.24 27.28
N THR L 114 -36.16 0.31 28.23
CA THR L 114 -36.94 -0.95 28.37
C THR L 114 -38.22 -0.72 29.20
N ASP L 115 -38.40 0.49 29.75
CA ASP L 115 -39.59 0.88 30.55
C ASP L 115 -40.86 0.86 29.67
N LEU L 116 -40.71 1.08 28.35
CA LEU L 116 -41.83 1.13 27.39
C LEU L 116 -42.36 -0.29 27.14
N PRO L 117 -41.52 -1.27 26.72
CA PRO L 117 -41.91 -2.69 26.78
C PRO L 117 -42.48 -3.15 28.13
N LYS L 118 -41.88 -2.69 29.23
CA LYS L 118 -42.28 -3.02 30.63
C LYS L 118 -43.69 -2.50 30.92
N ALA L 119 -44.09 -1.40 30.27
CA ALA L 119 -45.43 -0.77 30.39
C ALA L 119 -46.48 -1.60 29.62
N LEU L 120 -46.07 -2.22 28.50
CA LEU L 120 -46.96 -3.06 27.63
C LEU L 120 -47.18 -4.42 28.27
N ALA L 121 -46.20 -4.93 29.02
CA ALA L 121 -46.26 -6.21 29.77
C ALA L 121 -47.25 -6.09 30.94
N ALA L 122 -47.25 -4.95 31.62
CA ALA L 122 -48.07 -4.66 32.82
C ALA L 122 -49.52 -4.38 32.42
N LEU L 123 -49.74 -3.80 31.24
CA LEU L 123 -51.08 -3.39 30.72
C LEU L 123 -51.84 -4.62 30.22
N GLN L 124 -51.14 -5.59 29.61
CA GLN L 124 -51.73 -6.82 29.03
C GLN L 124 -52.47 -7.62 30.12
N LYS L 125 -51.87 -7.70 31.32
CA LYS L 125 -52.45 -8.37 32.51
C LYS L 125 -53.34 -7.38 33.27
#